data_1M11
# 
_entry.id   1M11 
# 
_audit_conform.dict_name       mmcif_pdbx.dic 
_audit_conform.dict_version    5.386 
_audit_conform.dict_location   http://mmcif.pdb.org/dictionaries/ascii/mmcif_pdbx.dic 
# 
loop_
_database_2.database_id 
_database_2.database_code 
_database_2.pdbx_database_accession 
_database_2.pdbx_DOI 
PDB   1M11         pdb_00001m11 10.2210/pdb1m11/pdb 
RCSB  RCSB016464   ?            ?                   
WWPDB D_1000016464 ?            ?                   
# 
loop_
_pdbx_audit_revision_history.ordinal 
_pdbx_audit_revision_history.data_content_type 
_pdbx_audit_revision_history.major_revision 
_pdbx_audit_revision_history.minor_revision 
_pdbx_audit_revision_history.revision_date 
1 'Structure model' 1 0 2002-08-28 
2 'Structure model' 1 1 2008-04-28 
3 'Structure model' 1 2 2011-07-13 
4 'Structure model' 1 3 2018-07-18 
5 'Structure model' 1 4 2024-02-14 
# 
_pdbx_audit_revision_details.ordinal             1 
_pdbx_audit_revision_details.revision_ordinal    1 
_pdbx_audit_revision_details.data_content_type   'Structure model' 
_pdbx_audit_revision_details.provider            repository 
_pdbx_audit_revision_details.type                'Initial release' 
_pdbx_audit_revision_details.description         ? 
_pdbx_audit_revision_details.details             ? 
# 
loop_
_pdbx_audit_revision_group.ordinal 
_pdbx_audit_revision_group.revision_ordinal 
_pdbx_audit_revision_group.data_content_type 
_pdbx_audit_revision_group.group 
1 2 'Structure model' 'Version format compliance' 
2 3 'Structure model' 'Version format compliance' 
3 4 'Structure model' 'Data collection'           
4 5 'Structure model' 'Data collection'           
5 5 'Structure model' 'Database references'       
6 5 'Structure model' 'Derived calculations'      
7 5 'Structure model' 'Refinement description'    
# 
loop_
_pdbx_audit_revision_category.ordinal 
_pdbx_audit_revision_category.revision_ordinal 
_pdbx_audit_revision_category.data_content_type 
_pdbx_audit_revision_category.category 
1 4 'Structure model' em_image_scans                
2 4 'Structure model' em_software                   
3 5 'Structure model' chem_comp_atom                
4 5 'Structure model' chem_comp_bond                
5 5 'Structure model' database_2                    
6 5 'Structure model' em_3d_fitting_list            
7 5 'Structure model' pdbx_initial_refinement_model 
8 5 'Structure model' pdbx_struct_oper_list         
# 
loop_
_pdbx_audit_revision_item.ordinal 
_pdbx_audit_revision_item.revision_ordinal 
_pdbx_audit_revision_item.data_content_type 
_pdbx_audit_revision_item.item 
1  4 'Structure model' '_em_software.image_processing_id'                
2  4 'Structure model' '_em_software.name'                               
3  5 'Structure model' '_database_2.pdbx_DOI'                            
4  5 'Structure model' '_database_2.pdbx_database_accession'             
5  5 'Structure model' '_em_3d_fitting_list.accession_code'              
6  5 'Structure model' '_em_3d_fitting_list.initial_refinement_model_id' 
7  5 'Structure model' '_em_3d_fitting_list.source_name'                 
8  5 'Structure model' '_em_3d_fitting_list.type'                        
9  5 'Structure model' '_pdbx_struct_oper_list.name'                     
10 5 'Structure model' '_pdbx_struct_oper_list.symmetry_operation'       
11 5 'Structure model' '_pdbx_struct_oper_list.type'                     
# 
_pdbx_database_status.status_code                     REL 
_pdbx_database_status.entry_id                        1M11 
_pdbx_database_status.recvd_initial_deposition_date   2002-06-17 
_pdbx_database_status.deposit_site                    RCSB 
_pdbx_database_status.process_site                    RCSB 
_pdbx_database_status.SG_entry                        . 
_pdbx_database_status.status_code_sf                  ? 
_pdbx_database_status.status_code_mr                  ? 
_pdbx_database_status.pdb_format_compatible           Y 
_pdbx_database_status.status_code_cs                  ? 
_pdbx_database_status.methods_development_category    ? 
_pdbx_database_status.status_code_nmr_data            ? 
# 
loop_
_pdbx_database_related.db_name 
_pdbx_database_related.db_id 
_pdbx_database_related.details 
_pdbx_database_related.content_type 
PDB 1G40 'Crystal Structure Of A Complement Protein' unspecified 
PDB 1COV 'Coxsackievirus B3 Coat Protein'            unspecified 
PDB 1EV1 'Echovirus 1'                               unspecified 
# 
loop_
_audit_author.name 
_audit_author.pdbx_ordinal 
'He, Y.'         1 
'Lin, F.'        2 
'Chipman, P.R.'  3 
'Bator, C.M.'    4 
'Baker, T.S.'    5 
'Shoham, M.'     6 
'Kuhn, R.J.'     7 
'Medof, M.E.'    8 
'Rossmann, M.G.' 9 
# 
_citation.id                        primary 
_citation.title                     'Structure of decay-accelerating factor bound to echovirus 7: a virus-receptor complex.' 
_citation.journal_abbrev            Proc.Natl.Acad.Sci.USA 
_citation.journal_volume            99 
_citation.page_first                10325 
_citation.page_last                 10329 
_citation.year                      2002 
_citation.journal_id_ASTM           PNASA6 
_citation.country                   US 
_citation.journal_id_ISSN           0027-8424 
_citation.journal_id_CSD            0040 
_citation.book_publisher            ? 
_citation.pdbx_database_id_PubMed   12119400 
_citation.pdbx_database_id_DOI      10.1073/pnas.152161599 
# 
loop_
_citation_author.citation_id 
_citation_author.name 
_citation_author.ordinal 
_citation_author.identifier_ORCID 
primary 'He, Y.'         1 ? 
primary 'Lin, F.'        2 ? 
primary 'Chipman, P.R.'  3 ? 
primary 'Bator, C.M.'    4 ? 
primary 'Baker, T.S.'    5 ? 
primary 'Shoham, M.'     6 ? 
primary 'Kuhn, R.J.'     7 ? 
primary 'Medof, M.E.'    8 ? 
primary 'Rossmann, M.G.' 9 ? 
# 
loop_
_entity.id 
_entity.type 
_entity.src_method 
_entity.pdbx_description 
_entity.formula_weight 
_entity.pdbx_number_of_molecules 
_entity.pdbx_ec 
_entity.pdbx_mutation 
_entity.pdbx_fragment 
_entity.details 
1 polymer man 'decay-accelerating factor' 27017.299 1 ? ? 'four SCR domains 1 to 4' ? 
2 polymer man 'COAT PROTEIN VP1'          31682.414 1 ? ? ?                         ? 
3 polymer man 'COAT PROTEIN VP2'          28443.154 1 ? ? ?                         ? 
4 polymer man 'COAT PROTEIN VP3'          26264.000 1 ? ? ?                         ? 
# 
loop_
_entity_poly.entity_id 
_entity_poly.type 
_entity_poly.nstd_linkage 
_entity_poly.nstd_monomer 
_entity_poly.pdbx_seq_one_letter_code 
_entity_poly.pdbx_seq_one_letter_code_can 
_entity_poly.pdbx_strand_id 
_entity_poly.pdbx_target_identifier 
1 'polypeptide(L)' no no 
;DCGLPPDVPNAQPALEGRTSFPEDTVITYKCEESFVKIPGEKDSVICLKGSQWSDIEEFCNRSCEVPTRLNSASLKQPYI
TQNYFPVGTVVEYECRPGYRREPSLSPKLTCLQNLKWSTAVEFCKKKSCPNPGEIRNGQIDVPGGILFGATISFSCNTGY
KLFGSTSSFCLISGSSVQWSDPLPECREIYCPAPPQIDNGIIQGERDHYGYRQSVTYACNKGFTMIGEHSIYCTVNNDEG
EWS
;
;DCGLPPDVPNAQPALEGRTSFPEDTVITYKCEESFVKIPGEKDSVICLKGSQWSDIEEFCNRSCEVPTRLNSASLKQPYI
TQNYFPVGTVVEYECRPGYRREPSLSPKLTCLQNLKWSTAVEFCKKKSCPNPGEIRNGQIDVPGGILFGATISFSCNTGY
KLFGSTSSFCLISGSSVQWSDPLPECREIYCPAPPQIDNGIIQGERDHYGYRQSVTYACNKGFTMIGEHSIYCTVNNDEG
EWS
;
R ? 
2 'polypeptide(L)' no no 
;GDTETAIDNAIARVADTVASGPSNSTSIPALTAVETGHTSQVEPSDTMQTRHVKNYHSRSESTVENFLSRSACVYIEEYY
TKDQDNVNRYMSWTINARRMVQLRRKFELFTYMRFDMEITFVITSRQLPGTSIAQDMPPLTHQIMYIPPGGPVPNSVTDF
AWQTSTNPSIFWTEGNAPPRMSIPFISIGNAYSNFYDGWSHFSQNGVYGYNALNNMGKLYARHVNKDTPYQMSSTIRVYF
KPKHIRVWVPRPPRLSPYIKSSNVNFNPTNLTDERSSI
;
;GDTETAIDNAIARVADTVASGPSNSTSIPALTAVETGHTSQVEPSDTMQTRHVKNYHSRSESTVENFLSRSACVYIEEYY
TKDQDNVNRYMSWTINARRMVQLRRKFELFTYMRFDMEITFVITSRQLPGTSIAQDMPPLTHQIMYIPPGGPVPNSVTDF
AWQTSTNPSIFWTEGNAPPRMSIPFISIGNAYSNFYDGWSHFSQNGVYGYNALNNMGKLYARHVNKDTPYQMSSTIRVYF
KPKHIRVWVPRPPRLSPYIKSSNVNFNPTNLTDERSSI
;
1 ? 
3 'polypeptide(L)' no no 
;GYSDRVRSLTLGNSTITTQESANVVVGYGRWPEYLRDDEATAEDQPTQPDVATCRFYTLESVQWEKNSAGWWWKFPEALK
DMGLFGQNMLYHYLGRAGYTIHVQCNASKFHQGCLLVVCVPEAEMGCSQTDKEVAAMNLTKGEAAHKFEPTKTTGEHTVQ
SIVCNAGMGVGVGNLTIYPHQWINLRTNNCATIVMPYVNSVPMDNMFRHYNFTLMVIPFAPLDYAAQASEYVPVTVTIAP
MCAEYNGLRLAYQQ
;
;GYSDRVRSLTLGNSTITTQESANVVVGYGRWPEYLRDDEATAEDQPTQPDVATCRFYTLESVQWEKNSAGWWWKFPEALK
DMGLFGQNMLYHYLGRAGYTIHVQCNASKFHQGCLLVVCVPEAEMGCSQTDKEVAAMNLTKGEAAHKFEPTKTTGEHTVQ
SIVCNAGMGVGVGNLTIYPHQWINLRTNNCATIVMPYVNSVPMDNMFRHYNFTLMVIPFAPLDYAAQASEYVPVTVTIAP
MCAEYNGLRLAYQQ
;
2 ? 
4 'polypeptide(L)' no no 
;GFPVLNTPGSNQFMTSDDFQSPSAMPQFDVTPHMDIPGEVHNLMEIAEVDSVVPVNNIKVNLQSMDAYHIEVNTGNHQGE
KIFAFQMQPGLESVFKRTLMGEILNYYAHWSGSIKLTFTFCGSAMATGKLLLAYSPPGADVPATRKQAMLGTHMIWDIGL
QSSCVLCIPWISQTHYRLVQQDEYTSAGNVTCWYQTGIVVPPGTPNKCVVLCFASACNDFSVRMLRDTPFIGQTALLQ
;
;GFPVLNTPGSNQFMTSDDFQSPSAMPQFDVTPHMDIPGEVHNLMEIAEVDSVVPVNNIKVNLQSMDAYHIEVNTGNHQGE
KIFAFQMQPGLESVFKRTLMGEILNYYAHWSGSIKLTFTFCGSAMATGKLLLAYSPPGADVPATRKQAMLGTHMIWDIGL
QSSCVLCIPWISQTHYRLVQQDEYTSAGNVTCWYQTGIVVPPGTPNKCVVLCFASACNDFSVRMLRDTPFIGQTALLQ
;
3 ? 
# 
loop_
_entity_poly_seq.entity_id 
_entity_poly_seq.num 
_entity_poly_seq.mon_id 
_entity_poly_seq.hetero 
1 1   ASP n 
1 2   CYS n 
1 3   GLY n 
1 4   LEU n 
1 5   PRO n 
1 6   PRO n 
1 7   ASP n 
1 8   VAL n 
1 9   PRO n 
1 10  ASN n 
1 11  ALA n 
1 12  GLN n 
1 13  PRO n 
1 14  ALA n 
1 15  LEU n 
1 16  GLU n 
1 17  GLY n 
1 18  ARG n 
1 19  THR n 
1 20  SER n 
1 21  PHE n 
1 22  PRO n 
1 23  GLU n 
1 24  ASP n 
1 25  THR n 
1 26  VAL n 
1 27  ILE n 
1 28  THR n 
1 29  TYR n 
1 30  LYS n 
1 31  CYS n 
1 32  GLU n 
1 33  GLU n 
1 34  SER n 
1 35  PHE n 
1 36  VAL n 
1 37  LYS n 
1 38  ILE n 
1 39  PRO n 
1 40  GLY n 
1 41  GLU n 
1 42  LYS n 
1 43  ASP n 
1 44  SER n 
1 45  VAL n 
1 46  ILE n 
1 47  CYS n 
1 48  LEU n 
1 49  LYS n 
1 50  GLY n 
1 51  SER n 
1 52  GLN n 
1 53  TRP n 
1 54  SER n 
1 55  ASP n 
1 56  ILE n 
1 57  GLU n 
1 58  GLU n 
1 59  PHE n 
1 60  CYS n 
1 61  ASN n 
1 62  ARG n 
1 63  SER n 
1 64  CYS n 
1 65  GLU n 
1 66  VAL n 
1 67  PRO n 
1 68  THR n 
1 69  ARG n 
1 70  LEU n 
1 71  ASN n 
1 72  SER n 
1 73  ALA n 
1 74  SER n 
1 75  LEU n 
1 76  LYS n 
1 77  GLN n 
1 78  PRO n 
1 79  TYR n 
1 80  ILE n 
1 81  THR n 
1 82  GLN n 
1 83  ASN n 
1 84  TYR n 
1 85  PHE n 
1 86  PRO n 
1 87  VAL n 
1 88  GLY n 
1 89  THR n 
1 90  VAL n 
1 91  VAL n 
1 92  GLU n 
1 93  TYR n 
1 94  GLU n 
1 95  CYS n 
1 96  ARG n 
1 97  PRO n 
1 98  GLY n 
1 99  TYR n 
1 100 ARG n 
1 101 ARG n 
1 102 GLU n 
1 103 PRO n 
1 104 SER n 
1 105 LEU n 
1 106 SER n 
1 107 PRO n 
1 108 LYS n 
1 109 LEU n 
1 110 THR n 
1 111 CYS n 
1 112 LEU n 
1 113 GLN n 
1 114 ASN n 
1 115 LEU n 
1 116 LYS n 
1 117 TRP n 
1 118 SER n 
1 119 THR n 
1 120 ALA n 
1 121 VAL n 
1 122 GLU n 
1 123 PHE n 
1 124 CYS n 
1 125 LYS n 
1 126 LYS n 
1 127 LYS n 
1 128 SER n 
1 129 CYS n 
1 130 PRO n 
1 131 ASN n 
1 132 PRO n 
1 133 GLY n 
1 134 GLU n 
1 135 ILE n 
1 136 ARG n 
1 137 ASN n 
1 138 GLY n 
1 139 GLN n 
1 140 ILE n 
1 141 ASP n 
1 142 VAL n 
1 143 PRO n 
1 144 GLY n 
1 145 GLY n 
1 146 ILE n 
1 147 LEU n 
1 148 PHE n 
1 149 GLY n 
1 150 ALA n 
1 151 THR n 
1 152 ILE n 
1 153 SER n 
1 154 PHE n 
1 155 SER n 
1 156 CYS n 
1 157 ASN n 
1 158 THR n 
1 159 GLY n 
1 160 TYR n 
1 161 LYS n 
1 162 LEU n 
1 163 PHE n 
1 164 GLY n 
1 165 SER n 
1 166 THR n 
1 167 SER n 
1 168 SER n 
1 169 PHE n 
1 170 CYS n 
1 171 LEU n 
1 172 ILE n 
1 173 SER n 
1 174 GLY n 
1 175 SER n 
1 176 SER n 
1 177 VAL n 
1 178 GLN n 
1 179 TRP n 
1 180 SER n 
1 181 ASP n 
1 182 PRO n 
1 183 LEU n 
1 184 PRO n 
1 185 GLU n 
1 186 CYS n 
1 187 ARG n 
1 188 GLU n 
1 189 ILE n 
1 190 TYR n 
1 191 CYS n 
1 192 PRO n 
1 193 ALA n 
1 194 PRO n 
1 195 PRO n 
1 196 GLN n 
1 197 ILE n 
1 198 ASP n 
1 199 ASN n 
1 200 GLY n 
1 201 ILE n 
1 202 ILE n 
1 203 GLN n 
1 204 GLY n 
1 205 GLU n 
1 206 ARG n 
1 207 ASP n 
1 208 HIS n 
1 209 TYR n 
1 210 GLY n 
1 211 TYR n 
1 212 ARG n 
1 213 GLN n 
1 214 SER n 
1 215 VAL n 
1 216 THR n 
1 217 TYR n 
1 218 ALA n 
1 219 CYS n 
1 220 ASN n 
1 221 LYS n 
1 222 GLY n 
1 223 PHE n 
1 224 THR n 
1 225 MET n 
1 226 ILE n 
1 227 GLY n 
1 228 GLU n 
1 229 HIS n 
1 230 SER n 
1 231 ILE n 
1 232 TYR n 
1 233 CYS n 
1 234 THR n 
1 235 VAL n 
1 236 ASN n 
1 237 ASN n 
1 238 ASP n 
1 239 GLU n 
1 240 GLY n 
1 241 GLU n 
1 242 TRP n 
1 243 SER n 
2 1   GLY n 
2 2   ASP n 
2 3   THR n 
2 4   GLU n 
2 5   THR n 
2 6   ALA n 
2 7   ILE n 
2 8   ASP n 
2 9   ASN n 
2 10  ALA n 
2 11  ILE n 
2 12  ALA n 
2 13  ARG n 
2 14  VAL n 
2 15  ALA n 
2 16  ASP n 
2 17  THR n 
2 18  VAL n 
2 19  ALA n 
2 20  SER n 
2 21  GLY n 
2 22  PRO n 
2 23  SER n 
2 24  ASN n 
2 25  SER n 
2 26  THR n 
2 27  SER n 
2 28  ILE n 
2 29  PRO n 
2 30  ALA n 
2 31  LEU n 
2 32  THR n 
2 33  ALA n 
2 34  VAL n 
2 35  GLU n 
2 36  THR n 
2 37  GLY n 
2 38  HIS n 
2 39  THR n 
2 40  SER n 
2 41  GLN n 
2 42  VAL n 
2 43  GLU n 
2 44  PRO n 
2 45  SER n 
2 46  ASP n 
2 47  THR n 
2 48  MET n 
2 49  GLN n 
2 50  THR n 
2 51  ARG n 
2 52  HIS n 
2 53  VAL n 
2 54  LYS n 
2 55  ASN n 
2 56  TYR n 
2 57  HIS n 
2 58  SER n 
2 59  ARG n 
2 60  SER n 
2 61  GLU n 
2 62  SER n 
2 63  THR n 
2 64  VAL n 
2 65  GLU n 
2 66  ASN n 
2 67  PHE n 
2 68  LEU n 
2 69  SER n 
2 70  ARG n 
2 71  SER n 
2 72  ALA n 
2 73  CYS n 
2 74  VAL n 
2 75  TYR n 
2 76  ILE n 
2 77  GLU n 
2 78  GLU n 
2 79  TYR n 
2 80  TYR n 
2 81  THR n 
2 82  LYS n 
2 83  ASP n 
2 84  GLN n 
2 85  ASP n 
2 86  ASN n 
2 87  VAL n 
2 88  ASN n 
2 89  ARG n 
2 90  TYR n 
2 91  MET n 
2 92  SER n 
2 93  TRP n 
2 94  THR n 
2 95  ILE n 
2 96  ASN n 
2 97  ALA n 
2 98  ARG n 
2 99  ARG n 
2 100 MET n 
2 101 VAL n 
2 102 GLN n 
2 103 LEU n 
2 104 ARG n 
2 105 ARG n 
2 106 LYS n 
2 107 PHE n 
2 108 GLU n 
2 109 LEU n 
2 110 PHE n 
2 111 THR n 
2 112 TYR n 
2 113 MET n 
2 114 ARG n 
2 115 PHE n 
2 116 ASP n 
2 117 MET n 
2 118 GLU n 
2 119 ILE n 
2 120 THR n 
2 121 PHE n 
2 122 VAL n 
2 123 ILE n 
2 124 THR n 
2 125 SER n 
2 126 ARG n 
2 127 GLN n 
2 128 LEU n 
2 129 PRO n 
2 130 GLY n 
2 131 THR n 
2 132 SER n 
2 133 ILE n 
2 134 ALA n 
2 135 GLN n 
2 136 ASP n 
2 137 MET n 
2 138 PRO n 
2 139 PRO n 
2 140 LEU n 
2 141 THR n 
2 142 HIS n 
2 143 GLN n 
2 144 ILE n 
2 145 MET n 
2 146 TYR n 
2 147 ILE n 
2 148 PRO n 
2 149 PRO n 
2 150 GLY n 
2 151 GLY n 
2 152 PRO n 
2 153 VAL n 
2 154 PRO n 
2 155 ASN n 
2 156 SER n 
2 157 VAL n 
2 158 THR n 
2 159 ASP n 
2 160 PHE n 
2 161 ALA n 
2 162 TRP n 
2 163 GLN n 
2 164 THR n 
2 165 SER n 
2 166 THR n 
2 167 ASN n 
2 168 PRO n 
2 169 SER n 
2 170 ILE n 
2 171 PHE n 
2 172 TRP n 
2 173 THR n 
2 174 GLU n 
2 175 GLY n 
2 176 ASN n 
2 177 ALA n 
2 178 PRO n 
2 179 PRO n 
2 180 ARG n 
2 181 MET n 
2 182 SER n 
2 183 ILE n 
2 184 PRO n 
2 185 PHE n 
2 186 ILE n 
2 187 SER n 
2 188 ILE n 
2 189 GLY n 
2 190 ASN n 
2 191 ALA n 
2 192 TYR n 
2 193 SER n 
2 194 ASN n 
2 195 PHE n 
2 196 TYR n 
2 197 ASP n 
2 198 GLY n 
2 199 TRP n 
2 200 SER n 
2 201 HIS n 
2 202 PHE n 
2 203 SER n 
2 204 GLN n 
2 205 ASN n 
2 206 GLY n 
2 207 VAL n 
2 208 TYR n 
2 209 GLY n 
2 210 TYR n 
2 211 ASN n 
2 212 ALA n 
2 213 LEU n 
2 214 ASN n 
2 215 ASN n 
2 216 MET n 
2 217 GLY n 
2 218 LYS n 
2 219 LEU n 
2 220 TYR n 
2 221 ALA n 
2 222 ARG n 
2 223 HIS n 
2 224 VAL n 
2 225 ASN n 
2 226 LYS n 
2 227 ASP n 
2 228 THR n 
2 229 PRO n 
2 230 TYR n 
2 231 GLN n 
2 232 MET n 
2 233 SER n 
2 234 SER n 
2 235 THR n 
2 236 ILE n 
2 237 ARG n 
2 238 VAL n 
2 239 TYR n 
2 240 PHE n 
2 241 LYS n 
2 242 PRO n 
2 243 LYS n 
2 244 HIS n 
2 245 ILE n 
2 246 ARG n 
2 247 VAL n 
2 248 TRP n 
2 249 VAL n 
2 250 PRO n 
2 251 ARG n 
2 252 PRO n 
2 253 PRO n 
2 254 ARG n 
2 255 LEU n 
2 256 SER n 
2 257 PRO n 
2 258 TYR n 
2 259 ILE n 
2 260 LYS n 
2 261 SER n 
2 262 SER n 
2 263 ASN n 
2 264 VAL n 
2 265 ASN n 
2 266 PHE n 
2 267 ASN n 
2 268 PRO n 
2 269 THR n 
2 270 ASN n 
2 271 LEU n 
2 272 THR n 
2 273 ASP n 
2 274 GLU n 
2 275 ARG n 
2 276 SER n 
2 277 SER n 
2 278 ILE n 
3 1   GLY n 
3 2   TYR n 
3 3   SER n 
3 4   ASP n 
3 5   ARG n 
3 6   VAL n 
3 7   ARG n 
3 8   SER n 
3 9   LEU n 
3 10  THR n 
3 11  LEU n 
3 12  GLY n 
3 13  ASN n 
3 14  SER n 
3 15  THR n 
3 16  ILE n 
3 17  THR n 
3 18  THR n 
3 19  GLN n 
3 20  GLU n 
3 21  SER n 
3 22  ALA n 
3 23  ASN n 
3 24  VAL n 
3 25  VAL n 
3 26  VAL n 
3 27  GLY n 
3 28  TYR n 
3 29  GLY n 
3 30  ARG n 
3 31  TRP n 
3 32  PRO n 
3 33  GLU n 
3 34  TYR n 
3 35  LEU n 
3 36  ARG n 
3 37  ASP n 
3 38  ASP n 
3 39  GLU n 
3 40  ALA n 
3 41  THR n 
3 42  ALA n 
3 43  GLU n 
3 44  ASP n 
3 45  GLN n 
3 46  PRO n 
3 47  THR n 
3 48  GLN n 
3 49  PRO n 
3 50  ASP n 
3 51  VAL n 
3 52  ALA n 
3 53  THR n 
3 54  CYS n 
3 55  ARG n 
3 56  PHE n 
3 57  TYR n 
3 58  THR n 
3 59  LEU n 
3 60  GLU n 
3 61  SER n 
3 62  VAL n 
3 63  GLN n 
3 64  TRP n 
3 65  GLU n 
3 66  LYS n 
3 67  ASN n 
3 68  SER n 
3 69  ALA n 
3 70  GLY n 
3 71  TRP n 
3 72  TRP n 
3 73  TRP n 
3 74  LYS n 
3 75  PHE n 
3 76  PRO n 
3 77  GLU n 
3 78  ALA n 
3 79  LEU n 
3 80  LYS n 
3 81  ASP n 
3 82  MET n 
3 83  GLY n 
3 84  LEU n 
3 85  PHE n 
3 86  GLY n 
3 87  GLN n 
3 88  ASN n 
3 89  MET n 
3 90  LEU n 
3 91  TYR n 
3 92  HIS n 
3 93  TYR n 
3 94  LEU n 
3 95  GLY n 
3 96  ARG n 
3 97  ALA n 
3 98  GLY n 
3 99  TYR n 
3 100 THR n 
3 101 ILE n 
3 102 HIS n 
3 103 VAL n 
3 104 GLN n 
3 105 CYS n 
3 106 ASN n 
3 107 ALA n 
3 108 SER n 
3 109 LYS n 
3 110 PHE n 
3 111 HIS n 
3 112 GLN n 
3 113 GLY n 
3 114 CYS n 
3 115 LEU n 
3 116 LEU n 
3 117 VAL n 
3 118 VAL n 
3 119 CYS n 
3 120 VAL n 
3 121 PRO n 
3 122 GLU n 
3 123 ALA n 
3 124 GLU n 
3 125 MET n 
3 126 GLY n 
3 127 CYS n 
3 128 SER n 
3 129 GLN n 
3 130 THR n 
3 131 ASP n 
3 132 LYS n 
3 133 GLU n 
3 134 VAL n 
3 135 ALA n 
3 136 ALA n 
3 137 MET n 
3 138 ASN n 
3 139 LEU n 
3 140 THR n 
3 141 LYS n 
3 142 GLY n 
3 143 GLU n 
3 144 ALA n 
3 145 ALA n 
3 146 HIS n 
3 147 LYS n 
3 148 PHE n 
3 149 GLU n 
3 150 PRO n 
3 151 THR n 
3 152 LYS n 
3 153 THR n 
3 154 THR n 
3 155 GLY n 
3 156 GLU n 
3 157 HIS n 
3 158 THR n 
3 159 VAL n 
3 160 GLN n 
3 161 SER n 
3 162 ILE n 
3 163 VAL n 
3 164 CYS n 
3 165 ASN n 
3 166 ALA n 
3 167 GLY n 
3 168 MET n 
3 169 GLY n 
3 170 VAL n 
3 171 GLY n 
3 172 VAL n 
3 173 GLY n 
3 174 ASN n 
3 175 LEU n 
3 176 THR n 
3 177 ILE n 
3 178 TYR n 
3 179 PRO n 
3 180 HIS n 
3 181 GLN n 
3 182 TRP n 
3 183 ILE n 
3 184 ASN n 
3 185 LEU n 
3 186 ARG n 
3 187 THR n 
3 188 ASN n 
3 189 ASN n 
3 190 CYS n 
3 191 ALA n 
3 192 THR n 
3 193 ILE n 
3 194 VAL n 
3 195 MET n 
3 196 PRO n 
3 197 TYR n 
3 198 VAL n 
3 199 ASN n 
3 200 SER n 
3 201 VAL n 
3 202 PRO n 
3 203 MET n 
3 204 ASP n 
3 205 ASN n 
3 206 MET n 
3 207 PHE n 
3 208 ARG n 
3 209 HIS n 
3 210 TYR n 
3 211 ASN n 
3 212 PHE n 
3 213 THR n 
3 214 LEU n 
3 215 MET n 
3 216 VAL n 
3 217 ILE n 
3 218 PRO n 
3 219 PHE n 
3 220 ALA n 
3 221 PRO n 
3 222 LEU n 
3 223 ASP n 
3 224 TYR n 
3 225 ALA n 
3 226 ALA n 
3 227 GLN n 
3 228 ALA n 
3 229 SER n 
3 230 GLU n 
3 231 TYR n 
3 232 VAL n 
3 233 PRO n 
3 234 VAL n 
3 235 THR n 
3 236 VAL n 
3 237 THR n 
3 238 ILE n 
3 239 ALA n 
3 240 PRO n 
3 241 MET n 
3 242 CYS n 
3 243 ALA n 
3 244 GLU n 
3 245 TYR n 
3 246 ASN n 
3 247 GLY n 
3 248 LEU n 
3 249 ARG n 
3 250 LEU n 
3 251 ALA n 
3 252 TYR n 
3 253 GLN n 
3 254 GLN n 
4 1   GLY n 
4 2   PHE n 
4 3   PRO n 
4 4   VAL n 
4 5   LEU n 
4 6   ASN n 
4 7   THR n 
4 8   PRO n 
4 9   GLY n 
4 10  SER n 
4 11  ASN n 
4 12  GLN n 
4 13  PHE n 
4 14  MET n 
4 15  THR n 
4 16  SER n 
4 17  ASP n 
4 18  ASP n 
4 19  PHE n 
4 20  GLN n 
4 21  SER n 
4 22  PRO n 
4 23  SER n 
4 24  ALA n 
4 25  MET n 
4 26  PRO n 
4 27  GLN n 
4 28  PHE n 
4 29  ASP n 
4 30  VAL n 
4 31  THR n 
4 32  PRO n 
4 33  HIS n 
4 34  MET n 
4 35  ASP n 
4 36  ILE n 
4 37  PRO n 
4 38  GLY n 
4 39  GLU n 
4 40  VAL n 
4 41  HIS n 
4 42  ASN n 
4 43  LEU n 
4 44  MET n 
4 45  GLU n 
4 46  ILE n 
4 47  ALA n 
4 48  GLU n 
4 49  VAL n 
4 50  ASP n 
4 51  SER n 
4 52  VAL n 
4 53  VAL n 
4 54  PRO n 
4 55  VAL n 
4 56  ASN n 
4 57  ASN n 
4 58  ILE n 
4 59  LYS n 
4 60  VAL n 
4 61  ASN n 
4 62  LEU n 
4 63  GLN n 
4 64  SER n 
4 65  MET n 
4 66  ASP n 
4 67  ALA n 
4 68  TYR n 
4 69  HIS n 
4 70  ILE n 
4 71  GLU n 
4 72  VAL n 
4 73  ASN n 
4 74  THR n 
4 75  GLY n 
4 76  ASN n 
4 77  HIS n 
4 78  GLN n 
4 79  GLY n 
4 80  GLU n 
4 81  LYS n 
4 82  ILE n 
4 83  PHE n 
4 84  ALA n 
4 85  PHE n 
4 86  GLN n 
4 87  MET n 
4 88  GLN n 
4 89  PRO n 
4 90  GLY n 
4 91  LEU n 
4 92  GLU n 
4 93  SER n 
4 94  VAL n 
4 95  PHE n 
4 96  LYS n 
4 97  ARG n 
4 98  THR n 
4 99  LEU n 
4 100 MET n 
4 101 GLY n 
4 102 GLU n 
4 103 ILE n 
4 104 LEU n 
4 105 ASN n 
4 106 TYR n 
4 107 TYR n 
4 108 ALA n 
4 109 HIS n 
4 110 TRP n 
4 111 SER n 
4 112 GLY n 
4 113 SER n 
4 114 ILE n 
4 115 LYS n 
4 116 LEU n 
4 117 THR n 
4 118 PHE n 
4 119 THR n 
4 120 PHE n 
4 121 CYS n 
4 122 GLY n 
4 123 SER n 
4 124 ALA n 
4 125 MET n 
4 126 ALA n 
4 127 THR n 
4 128 GLY n 
4 129 LYS n 
4 130 LEU n 
4 131 LEU n 
4 132 LEU n 
4 133 ALA n 
4 134 TYR n 
4 135 SER n 
4 136 PRO n 
4 137 PRO n 
4 138 GLY n 
4 139 ALA n 
4 140 ASP n 
4 141 VAL n 
4 142 PRO n 
4 143 ALA n 
4 144 THR n 
4 145 ARG n 
4 146 LYS n 
4 147 GLN n 
4 148 ALA n 
4 149 MET n 
4 150 LEU n 
4 151 GLY n 
4 152 THR n 
4 153 HIS n 
4 154 MET n 
4 155 ILE n 
4 156 TRP n 
4 157 ASP n 
4 158 ILE n 
4 159 GLY n 
4 160 LEU n 
4 161 GLN n 
4 162 SER n 
4 163 SER n 
4 164 CYS n 
4 165 VAL n 
4 166 LEU n 
4 167 CYS n 
4 168 ILE n 
4 169 PRO n 
4 170 TRP n 
4 171 ILE n 
4 172 SER n 
4 173 GLN n 
4 174 THR n 
4 175 HIS n 
4 176 TYR n 
4 177 ARG n 
4 178 LEU n 
4 179 VAL n 
4 180 GLN n 
4 181 GLN n 
4 182 ASP n 
4 183 GLU n 
4 184 TYR n 
4 185 THR n 
4 186 SER n 
4 187 ALA n 
4 188 GLY n 
4 189 ASN n 
4 190 VAL n 
4 191 THR n 
4 192 CYS n 
4 193 TRP n 
4 194 TYR n 
4 195 GLN n 
4 196 THR n 
4 197 GLY n 
4 198 ILE n 
4 199 VAL n 
4 200 VAL n 
4 201 PRO n 
4 202 PRO n 
4 203 GLY n 
4 204 THR n 
4 205 PRO n 
4 206 ASN n 
4 207 LYS n 
4 208 CYS n 
4 209 VAL n 
4 210 VAL n 
4 211 LEU n 
4 212 CYS n 
4 213 PHE n 
4 214 ALA n 
4 215 SER n 
4 216 ALA n 
4 217 CYS n 
4 218 ASN n 
4 219 ASP n 
4 220 PHE n 
4 221 SER n 
4 222 VAL n 
4 223 ARG n 
4 224 MET n 
4 225 LEU n 
4 226 ARG n 
4 227 ASP n 
4 228 THR n 
4 229 PRO n 
4 230 PHE n 
4 231 ILE n 
4 232 GLY n 
4 233 GLN n 
4 234 THR n 
4 235 ALA n 
4 236 LEU n 
4 237 LEU n 
4 238 GLN n 
# 
loop_
_entity_src_gen.entity_id 
_entity_src_gen.pdbx_src_id 
_entity_src_gen.pdbx_alt_source_flag 
_entity_src_gen.pdbx_seq_type 
_entity_src_gen.pdbx_beg_seq_num 
_entity_src_gen.pdbx_end_seq_num 
_entity_src_gen.gene_src_common_name 
_entity_src_gen.gene_src_genus 
_entity_src_gen.pdbx_gene_src_gene 
_entity_src_gen.gene_src_species 
_entity_src_gen.gene_src_strain 
_entity_src_gen.gene_src_tissue 
_entity_src_gen.gene_src_tissue_fraction 
_entity_src_gen.gene_src_details 
_entity_src_gen.pdbx_gene_src_fragment 
_entity_src_gen.pdbx_gene_src_scientific_name 
_entity_src_gen.pdbx_gene_src_ncbi_taxonomy_id 
_entity_src_gen.pdbx_gene_src_variant 
_entity_src_gen.pdbx_gene_src_cell_line 
_entity_src_gen.pdbx_gene_src_atcc 
_entity_src_gen.pdbx_gene_src_organ 
_entity_src_gen.pdbx_gene_src_organelle 
_entity_src_gen.pdbx_gene_src_cell 
_entity_src_gen.pdbx_gene_src_cellular_location 
_entity_src_gen.host_org_common_name 
_entity_src_gen.pdbx_host_org_scientific_name 
_entity_src_gen.pdbx_host_org_ncbi_taxonomy_id 
_entity_src_gen.host_org_genus 
_entity_src_gen.pdbx_host_org_gene 
_entity_src_gen.pdbx_host_org_organ 
_entity_src_gen.host_org_species 
_entity_src_gen.pdbx_host_org_tissue 
_entity_src_gen.pdbx_host_org_tissue_fraction 
_entity_src_gen.pdbx_host_org_strain 
_entity_src_gen.pdbx_host_org_variant 
_entity_src_gen.pdbx_host_org_cell_line 
_entity_src_gen.pdbx_host_org_atcc 
_entity_src_gen.pdbx_host_org_culture_collection 
_entity_src_gen.pdbx_host_org_cell 
_entity_src_gen.pdbx_host_org_organelle 
_entity_src_gen.pdbx_host_org_cellular_location 
_entity_src_gen.pdbx_host_org_vector_type 
_entity_src_gen.pdbx_host_org_vector 
_entity_src_gen.host_org_details 
_entity_src_gen.expression_system_id 
_entity_src_gen.plasmid_name 
_entity_src_gen.plasmid_details 
_entity_src_gen.pdbx_description 
1 1 sample ? ? ? human Homo        ? ?                     ? ? ? ? ? 'Homo sapiens'      9606  ? ? ? ? ? ? ? ?     
'Pichia pastoris' 4922 Pichia ? ? ? ?      ? ? ? ?  ? ? ? ? ? ? ? ? ? ? ? ?                             
2 1 sample ? ? ? ?     Enterovirus ? 'Human enterovirus B' ? ? ? ? ? 'Human echovirus 7' 46018 ? ? ? ? ? ? ? human 'Homo sapiens' 
9606 Homo   ? ? ? muscle ? ? ? RD ? ? ? ? ? ? ? ? ? ? ? 'RHABDOMYOSARCOMA CELL (RD);' 
3 1 sample ? ? ? ?     Enterovirus ? 'Human enterovirus B' ? ? ? ? ? 'Human echovirus 7' 46018 ? ? ? ? ? ? ? human 'Homo sapiens' 
9606 Homo   ? ? ? muscle ? ? ? RD ? ? ? ? ? ? ? ? ? ? ? 'RHABDOMYOSARCOMA CELL (RD);' 
4 1 sample ? ? ? ?     Enterovirus ? 'Human enterovirus B' ? ? ? ? ? 'Human echovirus 7' 46018 ? ? ? ? ? ? ? human 'Homo sapiens' 
9606 Homo   ? ? ? muscle ? ? ? RD ? ? ? ? ? ? ? ? ? ? ? 'RHABDOMYOSARCOMA CELL (RD)'  
# 
loop_
_chem_comp.id 
_chem_comp.type 
_chem_comp.mon_nstd_flag 
_chem_comp.name 
_chem_comp.pdbx_synonyms 
_chem_comp.formula 
_chem_comp.formula_weight 
ALA 'L-peptide linking' y ALANINE         ? 'C3 H7 N O2'     89.093  
ARG 'L-peptide linking' y ARGININE        ? 'C6 H15 N4 O2 1' 175.209 
ASN 'L-peptide linking' y ASPARAGINE      ? 'C4 H8 N2 O3'    132.118 
ASP 'L-peptide linking' y 'ASPARTIC ACID' ? 'C4 H7 N O4'     133.103 
CYS 'L-peptide linking' y CYSTEINE        ? 'C3 H7 N O2 S'   121.158 
GLN 'L-peptide linking' y GLUTAMINE       ? 'C5 H10 N2 O3'   146.144 
GLU 'L-peptide linking' y 'GLUTAMIC ACID' ? 'C5 H9 N O4'     147.129 
GLY 'peptide linking'   y GLYCINE         ? 'C2 H5 N O2'     75.067  
HIS 'L-peptide linking' y HISTIDINE       ? 'C6 H10 N3 O2 1' 156.162 
ILE 'L-peptide linking' y ISOLEUCINE      ? 'C6 H13 N O2'    131.173 
LEU 'L-peptide linking' y LEUCINE         ? 'C6 H13 N O2'    131.173 
LYS 'L-peptide linking' y LYSINE          ? 'C6 H15 N2 O2 1' 147.195 
MET 'L-peptide linking' y METHIONINE      ? 'C5 H11 N O2 S'  149.211 
PHE 'L-peptide linking' y PHENYLALANINE   ? 'C9 H11 N O2'    165.189 
PRO 'L-peptide linking' y PROLINE         ? 'C5 H9 N O2'     115.130 
SER 'L-peptide linking' y SERINE          ? 'C3 H7 N O3'     105.093 
THR 'L-peptide linking' y THREONINE       ? 'C4 H9 N O3'     119.119 
TRP 'L-peptide linking' y TRYPTOPHAN      ? 'C11 H12 N2 O2'  204.225 
TYR 'L-peptide linking' y TYROSINE        ? 'C9 H11 N O3'    181.189 
VAL 'L-peptide linking' y VALINE          ? 'C5 H11 N O2'    117.146 
# 
loop_
_pdbx_poly_seq_scheme.asym_id 
_pdbx_poly_seq_scheme.entity_id 
_pdbx_poly_seq_scheme.seq_id 
_pdbx_poly_seq_scheme.mon_id 
_pdbx_poly_seq_scheme.ndb_seq_num 
_pdbx_poly_seq_scheme.pdb_seq_num 
_pdbx_poly_seq_scheme.auth_seq_num 
_pdbx_poly_seq_scheme.pdb_mon_id 
_pdbx_poly_seq_scheme.auth_mon_id 
_pdbx_poly_seq_scheme.pdb_strand_id 
_pdbx_poly_seq_scheme.pdb_ins_code 
_pdbx_poly_seq_scheme.hetero 
A 1 1   ASP 1   1   1   ASP ASP R . n 
A 1 2   CYS 2   2   2   CYS CYS R . n 
A 1 3   GLY 3   3   3   GLY GLY R . n 
A 1 4   LEU 4   4   4   LEU LEU R . n 
A 1 5   PRO 5   5   5   PRO PRO R . n 
A 1 6   PRO 6   6   6   PRO PRO R . n 
A 1 7   ASP 7   7   7   ASP ASP R . n 
A 1 8   VAL 8   8   8   VAL VAL R . n 
A 1 9   PRO 9   9   9   PRO PRO R . n 
A 1 10  ASN 10  10  10  ASN ASN R . n 
A 1 11  ALA 11  11  11  ALA ALA R . n 
A 1 12  GLN 12  12  12  GLN GLN R . n 
A 1 13  PRO 13  13  13  PRO PRO R . n 
A 1 14  ALA 14  14  14  ALA ALA R . n 
A 1 15  LEU 15  15  15  LEU LEU R . n 
A 1 16  GLU 16  16  16  GLU GLU R . n 
A 1 17  GLY 17  17  17  GLY GLY R . n 
A 1 18  ARG 18  18  18  ARG ARG R . n 
A 1 19  THR 19  19  19  THR THR R . n 
A 1 20  SER 20  20  20  SER SER R . n 
A 1 21  PHE 21  21  21  PHE PHE R . n 
A 1 22  PRO 22  22  22  PRO PRO R . n 
A 1 23  GLU 23  23  23  GLU GLU R . n 
A 1 24  ASP 24  24  24  ASP ASP R . n 
A 1 25  THR 25  25  25  THR THR R . n 
A 1 26  VAL 26  26  26  VAL VAL R . n 
A 1 27  ILE 27  27  27  ILE ILE R . n 
A 1 28  THR 28  28  28  THR THR R . n 
A 1 29  TYR 29  29  29  TYR TYR R . n 
A 1 30  LYS 30  30  30  LYS LYS R . n 
A 1 31  CYS 31  31  31  CYS CYS R . n 
A 1 32  GLU 32  32  32  GLU GLU R . n 
A 1 33  GLU 33  33  33  GLU GLU R . n 
A 1 34  SER 34  34  34  SER SER R . n 
A 1 35  PHE 35  35  35  PHE PHE R . n 
A 1 36  VAL 36  36  36  VAL VAL R . n 
A 1 37  LYS 37  37  37  LYS LYS R . n 
A 1 38  ILE 38  38  38  ILE ILE R . n 
A 1 39  PRO 39  39  39  PRO PRO R . n 
A 1 40  GLY 40  40  40  GLY GLY R . n 
A 1 41  GLU 41  41  41  GLU GLU R . n 
A 1 42  LYS 42  42  42  LYS LYS R . n 
A 1 43  ASP 43  43  43  ASP ASP R . n 
A 1 44  SER 44  44  44  SER SER R . n 
A 1 45  VAL 45  45  45  VAL VAL R . n 
A 1 46  ILE 46  46  46  ILE ILE R . n 
A 1 47  CYS 47  47  47  CYS CYS R . n 
A 1 48  LEU 48  48  48  LEU LEU R . n 
A 1 49  LYS 49  49  49  LYS LYS R . n 
A 1 50  GLY 50  50  50  GLY GLY R . n 
A 1 51  SER 51  51  51  SER SER R . n 
A 1 52  GLN 52  52  52  GLN GLN R . n 
A 1 53  TRP 53  53  53  TRP TRP R . n 
A 1 54  SER 54  54  54  SER SER R . n 
A 1 55  ASP 55  55  55  ASP ASP R . n 
A 1 56  ILE 56  56  56  ILE ILE R . n 
A 1 57  GLU 57  57  57  GLU GLU R . n 
A 1 58  GLU 58  58  58  GLU GLU R . n 
A 1 59  PHE 59  59  59  PHE PHE R . n 
A 1 60  CYS 60  60  60  CYS CYS R . n 
A 1 61  ASN 61  61  61  ASN ASN R . n 
A 1 62  ARG 62  62  62  ARG ARG R . n 
A 1 63  SER 63  63  63  SER SER R . n 
A 1 64  CYS 64  64  64  CYS CYS R . n 
A 1 65  GLU 65  65  65  GLU GLU R . n 
A 1 66  VAL 66  66  66  VAL VAL R . n 
A 1 67  PRO 67  67  67  PRO PRO R . n 
A 1 68  THR 68  68  68  THR THR R . n 
A 1 69  ARG 69  69  69  ARG ARG R . n 
A 1 70  LEU 70  70  70  LEU LEU R . n 
A 1 71  ASN 71  71  71  ASN ASN R . n 
A 1 72  SER 72  72  72  SER SER R . n 
A 1 73  ALA 73  73  73  ALA ALA R . n 
A 1 74  SER 74  74  74  SER SER R . n 
A 1 75  LEU 75  75  75  LEU LEU R . n 
A 1 76  LYS 76  76  76  LYS LYS R . n 
A 1 77  GLN 77  77  77  GLN GLN R . n 
A 1 78  PRO 78  78  78  PRO PRO R . n 
A 1 79  TYR 79  79  79  TYR TYR R . n 
A 1 80  ILE 80  80  80  ILE ILE R . n 
A 1 81  THR 81  81  81  THR THR R . n 
A 1 82  GLN 82  82  82  GLN GLN R . n 
A 1 83  ASN 83  83  83  ASN ASN R . n 
A 1 84  TYR 84  84  84  TYR TYR R . n 
A 1 85  PHE 85  85  85  PHE PHE R . n 
A 1 86  PRO 86  86  86  PRO PRO R . n 
A 1 87  VAL 87  87  87  VAL VAL R . n 
A 1 88  GLY 88  88  88  GLY GLY R . n 
A 1 89  THR 89  89  89  THR THR R . n 
A 1 90  VAL 90  90  90  VAL VAL R . n 
A 1 91  VAL 91  91  91  VAL VAL R . n 
A 1 92  GLU 92  92  92  GLU GLU R . n 
A 1 93  TYR 93  93  93  TYR TYR R . n 
A 1 94  GLU 94  94  94  GLU GLU R . n 
A 1 95  CYS 95  95  95  CYS CYS R . n 
A 1 96  ARG 96  96  96  ARG ARG R . n 
A 1 97  PRO 97  97  97  PRO PRO R . n 
A 1 98  GLY 98  98  98  GLY GLY R . n 
A 1 99  TYR 99  99  99  TYR TYR R . n 
A 1 100 ARG 100 100 100 ARG ARG R . n 
A 1 101 ARG 101 101 101 ARG ARG R . n 
A 1 102 GLU 102 102 102 GLU GLU R . n 
A 1 103 PRO 103 103 103 PRO PRO R . n 
A 1 104 SER 104 104 104 SER SER R . n 
A 1 105 LEU 105 105 105 LEU LEU R . n 
A 1 106 SER 106 106 106 SER SER R . n 
A 1 107 PRO 107 107 107 PRO PRO R . n 
A 1 108 LYS 108 108 108 LYS LYS R . n 
A 1 109 LEU 109 109 109 LEU LEU R . n 
A 1 110 THR 110 110 110 THR THR R . n 
A 1 111 CYS 111 111 111 CYS CYS R . n 
A 1 112 LEU 112 112 112 LEU LEU R . n 
A 1 113 GLN 113 113 113 GLN GLN R . n 
A 1 114 ASN 114 114 112 ASN ASN R . n 
A 1 115 LEU 115 115 115 LEU LEU R . n 
A 1 116 LYS 116 116 116 LYS LYS R . n 
A 1 117 TRP 117 117 117 TRP TRP R . n 
A 1 118 SER 118 118 118 SER SER R . n 
A 1 119 THR 119 119 119 THR THR R . n 
A 1 120 ALA 120 120 120 ALA ALA R . n 
A 1 121 VAL 121 121 121 VAL VAL R . n 
A 1 122 GLU 122 122 122 GLU GLU R . n 
A 1 123 PHE 123 123 123 PHE PHE R . n 
A 1 124 CYS 124 124 124 CYS CYS R . n 
A 1 125 LYS 125 125 125 LYS LYS R . n 
A 1 126 LYS 126 126 126 LYS LYS R . n 
A 1 127 LYS 127 127 127 LYS LYS R . n 
A 1 128 SER 128 128 128 SER SER R . n 
A 1 129 CYS 129 129 129 CYS CYS R . n 
A 1 130 PRO 130 130 130 PRO PRO R . n 
A 1 131 ASN 131 131 131 ASN ASN R . n 
A 1 132 PRO 132 132 132 PRO PRO R . n 
A 1 133 GLY 133 133 133 GLY GLY R . n 
A 1 134 GLU 134 134 134 GLU GLU R . n 
A 1 135 ILE 135 135 135 ILE ILE R . n 
A 1 136 ARG 136 136 136 ARG ARG R . n 
A 1 137 ASN 137 137 137 ASN ASN R . n 
A 1 138 GLY 138 138 138 GLY GLY R . n 
A 1 139 GLN 139 139 139 GLN GLN R . n 
A 1 140 ILE 140 140 140 ILE ILE R . n 
A 1 141 ASP 141 141 141 ASP ASP R . n 
A 1 142 VAL 142 142 142 VAL VAL R . n 
A 1 143 PRO 143 143 143 PRO PRO R . n 
A 1 144 GLY 144 144 144 GLY GLY R . n 
A 1 145 GLY 145 145 145 GLY GLY R . n 
A 1 146 ILE 146 146 146 ILE ILE R . n 
A 1 147 LEU 147 147 147 LEU LEU R . n 
A 1 148 PHE 148 148 148 PHE PHE R . n 
A 1 149 GLY 149 149 149 GLY GLY R . n 
A 1 150 ALA 150 150 150 ALA ALA R . n 
A 1 151 THR 151 151 151 THR THR R . n 
A 1 152 ILE 152 152 152 ILE ILE R . n 
A 1 153 SER 153 153 153 SER SER R . n 
A 1 154 PHE 154 154 154 PHE PHE R . n 
A 1 155 SER 155 155 155 SER SER R . n 
A 1 156 CYS 156 156 156 CYS CYS R . n 
A 1 157 ASN 157 157 157 ASN ASN R . n 
A 1 158 THR 158 158 158 THR THR R . n 
A 1 159 GLY 159 159 159 GLY GLY R . n 
A 1 160 TYR 160 160 160 TYR TYR R . n 
A 1 161 LYS 161 161 161 LYS LYS R . n 
A 1 162 LEU 162 162 162 LEU LEU R . n 
A 1 163 PHE 163 163 163 PHE PHE R . n 
A 1 164 GLY 164 164 164 GLY GLY R . n 
A 1 165 SER 165 165 165 SER SER R . n 
A 1 166 THR 166 166 166 THR THR R . n 
A 1 167 SER 167 167 167 SER SER R . n 
A 1 168 SER 168 168 168 SER SER R . n 
A 1 169 PHE 169 169 169 PHE PHE R . n 
A 1 170 CYS 170 170 170 CYS CYS R . n 
A 1 171 LEU 171 171 171 LEU LEU R . n 
A 1 172 ILE 172 172 172 ILE ILE R . n 
A 1 173 SER 173 173 173 SER SER R . n 
A 1 174 GLY 174 174 174 GLY GLY R . n 
A 1 175 SER 175 175 175 SER SER R . n 
A 1 176 SER 176 176 176 SER SER R . n 
A 1 177 VAL 177 177 177 VAL VAL R . n 
A 1 178 GLN 178 178 178 GLN GLN R . n 
A 1 179 TRP 179 179 179 TRP TRP R . n 
A 1 180 SER 180 180 180 SER SER R . n 
A 1 181 ASP 181 181 181 ASP ASP R . n 
A 1 182 PRO 182 182 182 PRO PRO R . n 
A 1 183 LEU 183 183 183 LEU LEU R . n 
A 1 184 PRO 184 184 184 PRO PRO R . n 
A 1 185 GLU 185 185 185 GLU GLU R . n 
A 1 186 CYS 186 186 186 CYS CYS R . n 
A 1 187 ARG 187 187 187 ARG ARG R . n 
A 1 188 GLU 188 188 188 GLU GLU R . n 
A 1 189 ILE 189 189 189 ILE ILE R . n 
A 1 190 TYR 190 190 190 TYR TYR R . n 
A 1 191 CYS 191 191 191 CYS CYS R . n 
A 1 192 PRO 192 192 192 PRO PRO R . n 
A 1 193 ALA 193 193 193 ALA ALA R . n 
A 1 194 PRO 194 194 194 PRO PRO R . n 
A 1 195 PRO 195 195 195 PRO PRO R . n 
A 1 196 GLN 196 196 196 GLN GLN R . n 
A 1 197 ILE 197 197 197 ILE ILE R . n 
A 1 198 ASP 198 198 198 ASP ASP R . n 
A 1 199 ASN 199 199 199 ASN ASN R . n 
A 1 200 GLY 200 200 200 GLY GLY R . n 
A 1 201 ILE 201 201 201 ILE ILE R . n 
A 1 202 ILE 202 202 202 ILE ILE R . n 
A 1 203 GLN 203 203 203 GLN GLN R . n 
A 1 204 GLY 204 204 204 GLY GLY R . n 
A 1 205 GLU 205 205 205 GLU GLU R . n 
A 1 206 ARG 206 206 206 ARG ARG R . n 
A 1 207 ASP 207 207 207 ASP ASP R . n 
A 1 208 HIS 208 208 208 HIS HIS R . n 
A 1 209 TYR 209 209 209 TYR TYR R . n 
A 1 210 GLY 210 210 210 GLY GLY R . n 
A 1 211 TYR 211 211 211 TYR TYR R . n 
A 1 212 ARG 212 212 212 ARG ARG R . n 
A 1 213 GLN 213 213 213 GLN GLN R . n 
A 1 214 SER 214 214 214 SER SER R . n 
A 1 215 VAL 215 215 215 VAL VAL R . n 
A 1 216 THR 216 216 216 THR THR R . n 
A 1 217 TYR 217 217 217 TYR TYR R . n 
A 1 218 ALA 218 218 218 ALA ALA R . n 
A 1 219 CYS 219 219 219 CYS CYS R . n 
A 1 220 ASN 220 220 220 ASN ASN R . n 
A 1 221 LYS 221 221 221 LYS LYS R . n 
A 1 222 GLY 222 222 222 GLY GLY R . n 
A 1 223 PHE 223 223 223 PHE PHE R . n 
A 1 224 THR 224 224 224 THR THR R . n 
A 1 225 MET 225 225 225 MET MET R . n 
A 1 226 ILE 226 226 226 ILE ILE R . n 
A 1 227 GLY 227 227 227 GLY GLY R . n 
A 1 228 GLU 228 228 228 GLU GLU R . n 
A 1 229 HIS 229 229 229 HIS HIS R . n 
A 1 230 SER 230 230 230 SER SER R . n 
A 1 231 ILE 231 231 231 ILE ILE R . n 
A 1 232 TYR 232 232 232 TYR TYR R . n 
A 1 233 CYS 233 233 233 CYS CYS R . n 
A 1 234 THR 234 234 234 THR THR R . n 
A 1 235 VAL 235 235 235 VAL VAL R . n 
A 1 236 ASN 236 236 236 ASN ASN R . n 
A 1 237 ASN 237 237 237 ASN ASN R . n 
A 1 238 ASP 238 238 238 ASP ASP R . n 
A 1 239 GLU 239 239 239 GLU GLU R . n 
A 1 240 GLY 240 240 240 GLY GLY R . n 
A 1 241 GLU 241 241 241 GLU GLU R . n 
A 1 242 TRP 242 242 242 TRP TRP R . n 
A 1 243 SER 243 243 243 SER SER R . n 
B 2 1   GLY 1   1   1   GLY GLY 1 . n 
B 2 2   ASP 2   2   2   ASP ASP 1 . n 
B 2 3   THR 3   3   3   THR THR 1 . n 
B 2 4   GLU 4   4   4   GLU GLU 1 . n 
B 2 5   THR 5   5   5   THR THR 1 . n 
B 2 6   ALA 6   6   6   ALA ALA 1 . n 
B 2 7   ILE 7   7   7   ILE ILE 1 . n 
B 2 8   ASP 8   8   8   ASP ASP 1 . n 
B 2 9   ASN 9   9   9   ASN ASN 1 . n 
B 2 10  ALA 10  10  10  ALA ALA 1 . n 
B 2 11  ILE 11  11  11  ILE ILE 1 . n 
B 2 12  ALA 12  12  12  ALA ALA 1 . n 
B 2 13  ARG 13  13  13  ARG ARG 1 . n 
B 2 14  VAL 14  14  14  VAL VAL 1 . n 
B 2 15  ALA 15  15  15  ALA ALA 1 . n 
B 2 16  ASP 16  16  16  ASP ASP 1 . n 
B 2 17  THR 17  17  17  THR THR 1 . n 
B 2 18  VAL 18  18  18  VAL VAL 1 . n 
B 2 19  ALA 19  19  19  ALA ALA 1 . n 
B 2 20  SER 20  20  20  SER SER 1 . n 
B 2 21  GLY 21  21  21  GLY GLY 1 . n 
B 2 22  PRO 22  22  22  PRO PRO 1 . n 
B 2 23  SER 23  23  23  SER SER 1 . n 
B 2 24  ASN 24  24  24  ASN ASN 1 . n 
B 2 25  SER 25  25  25  SER SER 1 . n 
B 2 26  THR 26  26  26  THR THR 1 . n 
B 2 27  SER 27  27  27  SER SER 1 . n 
B 2 28  ILE 28  28  28  ILE ILE 1 . n 
B 2 29  PRO 29  29  29  PRO PRO 1 . n 
B 2 30  ALA 30  30  30  ALA ALA 1 . n 
B 2 31  LEU 31  31  31  LEU LEU 1 . n 
B 2 32  THR 32  32  32  THR THR 1 . n 
B 2 33  ALA 33  33  33  ALA ALA 1 . n 
B 2 34  VAL 34  34  34  VAL VAL 1 . n 
B 2 35  GLU 35  35  35  GLU GLU 1 . n 
B 2 36  THR 36  36  36  THR THR 1 . n 
B 2 37  GLY 37  37  37  GLY GLY 1 . n 
B 2 38  HIS 38  38  38  HIS HIS 1 . n 
B 2 39  THR 39  39  39  THR THR 1 . n 
B 2 40  SER 40  40  40  SER SER 1 . n 
B 2 41  GLN 41  41  41  GLN GLN 1 . n 
B 2 42  VAL 42  42  42  VAL VAL 1 . n 
B 2 43  GLU 43  43  43  GLU GLU 1 . n 
B 2 44  PRO 44  44  44  PRO PRO 1 . n 
B 2 45  SER 45  45  45  SER SER 1 . n 
B 2 46  ASP 46  46  46  ASP ASP 1 . n 
B 2 47  THR 47  47  47  THR THR 1 . n 
B 2 48  MET 48  48  48  MET MET 1 . n 
B 2 49  GLN 49  49  49  GLN GLN 1 . n 
B 2 50  THR 50  50  50  THR THR 1 . n 
B 2 51  ARG 51  51  51  ARG ARG 1 . n 
B 2 52  HIS 52  52  52  HIS HIS 1 . n 
B 2 53  VAL 53  53  53  VAL VAL 1 . n 
B 2 54  LYS 54  54  54  LYS LYS 1 . n 
B 2 55  ASN 55  55  55  ASN ASN 1 . n 
B 2 56  TYR 56  56  56  TYR TYR 1 . n 
B 2 57  HIS 57  57  57  HIS HIS 1 . n 
B 2 58  SER 58  58  58  SER SER 1 . n 
B 2 59  ARG 59  59  59  ARG ARG 1 . n 
B 2 60  SER 60  60  60  SER SER 1 . n 
B 2 61  GLU 61  61  61  GLU GLU 1 . n 
B 2 62  SER 62  62  62  SER SER 1 . n 
B 2 63  THR 63  63  63  THR THR 1 . n 
B 2 64  VAL 64  64  64  VAL VAL 1 . n 
B 2 65  GLU 65  65  65  GLU GLU 1 . n 
B 2 66  ASN 66  66  66  ASN ASN 1 . n 
B 2 67  PHE 67  67  67  PHE PHE 1 . n 
B 2 68  LEU 68  68  68  LEU LEU 1 . n 
B 2 69  SER 69  69  69  SER SER 1 . n 
B 2 70  ARG 70  70  70  ARG ARG 1 . n 
B 2 71  SER 71  71  71  SER SER 1 . n 
B 2 72  ALA 72  72  72  ALA ALA 1 . n 
B 2 73  CYS 73  73  73  CYS CYS 1 . n 
B 2 74  VAL 74  74  74  VAL VAL 1 . n 
B 2 75  TYR 75  75  75  TYR TYR 1 . n 
B 2 76  ILE 76  76  76  ILE ILE 1 . n 
B 2 77  GLU 77  77  77  GLU GLU 1 . n 
B 2 78  GLU 78  78  78  GLU GLU 1 . n 
B 2 79  TYR 79  79  79  TYR TYR 1 . n 
B 2 80  TYR 80  80  80  TYR TYR 1 . n 
B 2 81  THR 81  81  81  THR THR 1 . n 
B 2 82  LYS 82  82  82  LYS LYS 1 . n 
B 2 83  ASP 83  83  83  ASP ASP 1 . n 
B 2 84  GLN 84  84  84  GLN GLN 1 . n 
B 2 85  ASP 85  85  85  ASP ASP 1 . n 
B 2 86  ASN 86  86  86  ASN ASN 1 . n 
B 2 87  VAL 87  87  87  VAL VAL 1 . n 
B 2 88  ASN 88  88  88  ASN ASN 1 . n 
B 2 89  ARG 89  89  89  ARG ARG 1 . n 
B 2 90  TYR 90  90  90  TYR TYR 1 . n 
B 2 91  MET 91  91  91  MET MET 1 . n 
B 2 92  SER 92  92  92  SER SER 1 . n 
B 2 93  TRP 93  93  93  TRP TRP 1 . n 
B 2 94  THR 94  94  94  THR THR 1 . n 
B 2 95  ILE 95  95  95  ILE ILE 1 . n 
B 2 96  ASN 96  96  96  ASN ASN 1 . n 
B 2 97  ALA 97  97  97  ALA ALA 1 . n 
B 2 98  ARG 98  98  98  ARG ARG 1 . n 
B 2 99  ARG 99  99  99  ARG ARG 1 . n 
B 2 100 MET 100 100 100 MET MET 1 . n 
B 2 101 VAL 101 101 101 VAL VAL 1 . n 
B 2 102 GLN 102 102 102 GLN GLN 1 . n 
B 2 103 LEU 103 103 103 LEU LEU 1 . n 
B 2 104 ARG 104 104 104 ARG ARG 1 . n 
B 2 105 ARG 105 105 105 ARG ARG 1 . n 
B 2 106 LYS 106 106 106 LYS LYS 1 . n 
B 2 107 PHE 107 107 107 PHE PHE 1 . n 
B 2 108 GLU 108 108 108 GLU GLU 1 . n 
B 2 109 LEU 109 109 109 LEU LEU 1 . n 
B 2 110 PHE 110 110 110 PHE PHE 1 . n 
B 2 111 THR 111 111 111 THR THR 1 . n 
B 2 112 TYR 112 112 112 TYR TYR 1 . n 
B 2 113 MET 113 113 113 MET MET 1 . n 
B 2 114 ARG 114 114 114 ARG ARG 1 . n 
B 2 115 PHE 115 115 115 PHE PHE 1 . n 
B 2 116 ASP 116 116 116 ASP ASP 1 . n 
B 2 117 MET 117 117 117 MET MET 1 . n 
B 2 118 GLU 118 118 118 GLU GLU 1 . n 
B 2 119 ILE 119 119 119 ILE ILE 1 . n 
B 2 120 THR 120 120 120 THR THR 1 . n 
B 2 121 PHE 121 121 121 PHE PHE 1 . n 
B 2 122 VAL 122 122 122 VAL VAL 1 . n 
B 2 123 ILE 123 123 123 ILE ILE 1 . n 
B 2 124 THR 124 124 124 THR THR 1 . n 
B 2 125 SER 125 125 125 SER SER 1 . n 
B 2 126 ARG 126 126 126 ARG ARG 1 . n 
B 2 127 GLN 127 127 127 GLN GLN 1 . n 
B 2 128 LEU 128 128 128 LEU LEU 1 . n 
B 2 129 PRO 129 129 129 PRO PRO 1 . n 
B 2 130 GLY 130 130 130 GLY GLY 1 . n 
B 2 131 THR 131 131 131 THR THR 1 . n 
B 2 132 SER 132 132 132 SER SER 1 . n 
B 2 133 ILE 133 133 133 ILE ILE 1 . n 
B 2 134 ALA 134 134 134 ALA ALA 1 . n 
B 2 135 GLN 135 135 135 GLN GLN 1 . n 
B 2 136 ASP 136 136 136 ASP ASP 1 . n 
B 2 137 MET 137 137 137 MET MET 1 . n 
B 2 138 PRO 138 138 138 PRO PRO 1 . n 
B 2 139 PRO 139 139 139 PRO PRO 1 . n 
B 2 140 LEU 140 140 140 LEU LEU 1 . n 
B 2 141 THR 141 141 141 THR THR 1 . n 
B 2 142 HIS 142 142 142 HIS HIS 1 . n 
B 2 143 GLN 143 143 143 GLN GLN 1 . n 
B 2 144 ILE 144 144 144 ILE ILE 1 . n 
B 2 145 MET 145 145 145 MET MET 1 . n 
B 2 146 TYR 146 146 146 TYR TYR 1 . n 
B 2 147 ILE 147 147 147 ILE ILE 1 . n 
B 2 148 PRO 148 148 148 PRO PRO 1 . n 
B 2 149 PRO 149 149 149 PRO PRO 1 . n 
B 2 150 GLY 150 150 150 GLY GLY 1 . n 
B 2 151 GLY 151 151 151 GLY GLY 1 . n 
B 2 152 PRO 152 152 152 PRO PRO 1 . n 
B 2 153 VAL 153 153 153 VAL VAL 1 . n 
B 2 154 PRO 154 154 154 PRO PRO 1 . n 
B 2 155 ASN 155 155 155 ASN ASN 1 . n 
B 2 156 SER 156 156 156 SER SER 1 . n 
B 2 157 VAL 157 157 157 VAL VAL 1 . n 
B 2 158 THR 158 158 158 THR THR 1 . n 
B 2 159 ASP 159 159 159 ASP ASP 1 . n 
B 2 160 PHE 160 160 160 PHE PHE 1 . n 
B 2 161 ALA 161 161 161 ALA ALA 1 . n 
B 2 162 TRP 162 162 162 TRP TRP 1 . n 
B 2 163 GLN 163 163 163 GLN GLN 1 . n 
B 2 164 THR 164 164 164 THR THR 1 . n 
B 2 165 SER 165 165 165 SER SER 1 . n 
B 2 166 THR 166 166 166 THR THR 1 . n 
B 2 167 ASN 167 167 167 ASN ASN 1 . n 
B 2 168 PRO 168 168 168 PRO PRO 1 . n 
B 2 169 SER 169 169 169 SER SER 1 . n 
B 2 170 ILE 170 170 170 ILE ILE 1 . n 
B 2 171 PHE 171 171 171 PHE PHE 1 . n 
B 2 172 TRP 172 172 172 TRP TRP 1 . n 
B 2 173 THR 173 173 173 THR THR 1 . n 
B 2 174 GLU 174 174 174 GLU GLU 1 . n 
B 2 175 GLY 175 175 175 GLY GLY 1 . n 
B 2 176 ASN 176 176 176 ASN ASN 1 . n 
B 2 177 ALA 177 177 177 ALA ALA 1 . n 
B 2 178 PRO 178 178 178 PRO PRO 1 . n 
B 2 179 PRO 179 179 179 PRO PRO 1 . n 
B 2 180 ARG 180 180 180 ARG ARG 1 . n 
B 2 181 MET 181 181 181 MET MET 1 . n 
B 2 182 SER 182 182 182 SER SER 1 . n 
B 2 183 ILE 183 183 183 ILE ILE 1 . n 
B 2 184 PRO 184 184 184 PRO PRO 1 . n 
B 2 185 PHE 185 185 185 PHE PHE 1 . n 
B 2 186 ILE 186 186 186 ILE ILE 1 . n 
B 2 187 SER 187 187 187 SER SER 1 . n 
B 2 188 ILE 188 188 188 ILE ILE 1 . n 
B 2 189 GLY 189 189 189 GLY GLY 1 . n 
B 2 190 ASN 190 190 190 ASN ASN 1 . n 
B 2 191 ALA 191 191 191 ALA ALA 1 . n 
B 2 192 TYR 192 192 192 TYR TYR 1 . n 
B 2 193 SER 193 193 193 SER SER 1 . n 
B 2 194 ASN 194 194 194 ASN ASN 1 . n 
B 2 195 PHE 195 195 195 PHE PHE 1 . n 
B 2 196 TYR 196 196 196 TYR TYR 1 . n 
B 2 197 ASP 197 197 197 ASP ASP 1 . n 
B 2 198 GLY 198 198 198 GLY GLY 1 . n 
B 2 199 TRP 199 199 199 TRP TRP 1 . n 
B 2 200 SER 200 200 200 SER SER 1 . n 
B 2 201 HIS 201 201 201 HIS HIS 1 . n 
B 2 202 PHE 202 202 202 PHE PHE 1 . n 
B 2 203 SER 203 203 203 SER SER 1 . n 
B 2 204 GLN 204 204 204 GLN GLN 1 . n 
B 2 205 ASN 205 205 205 ASN ASN 1 . n 
B 2 206 GLY 206 206 206 GLY GLY 1 . n 
B 2 207 VAL 207 207 207 VAL VAL 1 . n 
B 2 208 TYR 208 208 208 TYR TYR 1 . n 
B 2 209 GLY 209 209 209 GLY GLY 1 . n 
B 2 210 TYR 210 210 210 TYR TYR 1 . n 
B 2 211 ASN 211 211 211 ASN ASN 1 . n 
B 2 212 ALA 212 212 212 ALA ALA 1 . n 
B 2 213 LEU 213 213 213 LEU LEU 1 . n 
B 2 214 ASN 214 214 214 ASN ASN 1 . n 
B 2 215 ASN 215 215 215 ASN ASN 1 . n 
B 2 216 MET 216 216 216 MET MET 1 . n 
B 2 217 GLY 217 217 217 GLY GLY 1 . n 
B 2 218 LYS 218 218 218 LYS LYS 1 . n 
B 2 219 LEU 219 219 219 LEU LEU 1 . n 
B 2 220 TYR 220 220 220 TYR TYR 1 . n 
B 2 221 ALA 221 221 221 ALA ALA 1 . n 
B 2 222 ARG 222 222 222 ARG ARG 1 . n 
B 2 223 HIS 223 223 223 HIS HIS 1 . n 
B 2 224 VAL 224 224 224 VAL VAL 1 . n 
B 2 225 ASN 225 225 225 ASN ASN 1 . n 
B 2 226 LYS 226 226 226 LYS LYS 1 . n 
B 2 227 ASP 227 227 227 ASP ASP 1 . n 
B 2 228 THR 228 228 228 THR THR 1 . n 
B 2 229 PRO 229 229 229 PRO PRO 1 . n 
B 2 230 TYR 230 230 230 TYR TYR 1 . n 
B 2 231 GLN 231 231 231 GLN GLN 1 . n 
B 2 232 MET 232 232 232 MET MET 1 . n 
B 2 233 SER 233 233 233 SER SER 1 . n 
B 2 234 SER 234 234 234 SER SER 1 . n 
B 2 235 THR 235 235 235 THR THR 1 . n 
B 2 236 ILE 236 236 236 ILE ILE 1 . n 
B 2 237 ARG 237 237 237 ARG ARG 1 . n 
B 2 238 VAL 238 238 238 VAL VAL 1 . n 
B 2 239 TYR 239 239 239 TYR TYR 1 . n 
B 2 240 PHE 240 240 240 PHE PHE 1 . n 
B 2 241 LYS 241 241 241 LYS LYS 1 . n 
B 2 242 PRO 242 242 242 PRO PRO 1 . n 
B 2 243 LYS 243 243 243 LYS LYS 1 . n 
B 2 244 HIS 244 244 244 HIS HIS 1 . n 
B 2 245 ILE 245 245 245 ILE ILE 1 . n 
B 2 246 ARG 246 246 246 ARG ARG 1 . n 
B 2 247 VAL 247 247 247 VAL VAL 1 . n 
B 2 248 TRP 248 248 248 TRP TRP 1 . n 
B 2 249 VAL 249 249 249 VAL VAL 1 . n 
B 2 250 PRO 250 250 250 PRO PRO 1 . n 
B 2 251 ARG 251 251 251 ARG ARG 1 . n 
B 2 252 PRO 252 252 252 PRO PRO 1 . n 
B 2 253 PRO 253 253 253 PRO PRO 1 . n 
B 2 254 ARG 254 254 254 ARG ARG 1 . n 
B 2 255 LEU 255 255 255 LEU LEU 1 . n 
B 2 256 SER 256 256 256 SER SER 1 . n 
B 2 257 PRO 257 257 257 PRO PRO 1 . n 
B 2 258 TYR 258 258 258 TYR TYR 1 . n 
B 2 259 ILE 259 259 259 ILE ILE 1 . n 
B 2 260 LYS 260 260 260 LYS LYS 1 . n 
B 2 261 SER 261 261 261 SER SER 1 . n 
B 2 262 SER 262 262 262 SER SER 1 . n 
B 2 263 ASN 263 263 263 ASN ASN 1 . n 
B 2 264 VAL 264 264 264 VAL VAL 1 . n 
B 2 265 ASN 265 265 265 ASN ASN 1 . n 
B 2 266 PHE 266 266 266 PHE PHE 1 . n 
B 2 267 ASN 267 267 267 ASN ASN 1 . n 
B 2 268 PRO 268 268 268 PRO PRO 1 . n 
B 2 269 THR 269 269 269 THR THR 1 . n 
B 2 270 ASN 270 270 270 ASN ASN 1 . n 
B 2 271 LEU 271 271 271 LEU LEU 1 . n 
B 2 272 THR 272 272 272 THR THR 1 . n 
B 2 273 ASP 273 273 273 ASP ASP 1 . n 
B 2 274 GLU 274 274 274 GLU GLU 1 . n 
B 2 275 ARG 275 275 275 ARG ARG 1 . n 
B 2 276 SER 276 276 276 SER SER 1 . n 
B 2 277 SER 277 277 277 SER SER 1 . n 
B 2 278 ILE 278 278 278 ILE ILE 1 . n 
C 3 1   GLY 1   8   8   GLY GLY 2 . n 
C 3 2   TYR 2   9   9   TYR TYR 2 . n 
C 3 3   SER 3   10  10  SER SER 2 . n 
C 3 4   ASP 4   11  11  ASP ASP 2 . n 
C 3 5   ARG 5   12  12  ARG ARG 2 . n 
C 3 6   VAL 6   13  13  VAL VAL 2 . n 
C 3 7   ARG 7   14  14  ARG ARG 2 . n 
C 3 8   SER 8   15  15  SER SER 2 . n 
C 3 9   LEU 9   16  16  LEU LEU 2 . n 
C 3 10  THR 10  17  17  THR THR 2 . n 
C 3 11  LEU 11  18  18  LEU LEU 2 . n 
C 3 12  GLY 12  19  19  GLY GLY 2 . n 
C 3 13  ASN 13  20  20  ASN ASN 2 . n 
C 3 14  SER 14  21  21  SER SER 2 . n 
C 3 15  THR 15  22  22  THR THR 2 . n 
C 3 16  ILE 16  23  23  ILE ILE 2 . n 
C 3 17  THR 17  24  24  THR THR 2 . n 
C 3 18  THR 18  25  25  THR THR 2 . n 
C 3 19  GLN 19  26  26  GLN GLN 2 . n 
C 3 20  GLU 20  27  27  GLU GLU 2 . n 
C 3 21  SER 21  28  28  SER SER 2 . n 
C 3 22  ALA 22  29  29  ALA ALA 2 . n 
C 3 23  ASN 23  30  30  ASN ASN 2 . n 
C 3 24  VAL 24  31  31  VAL VAL 2 . n 
C 3 25  VAL 25  32  32  VAL VAL 2 . n 
C 3 26  VAL 26  33  33  VAL VAL 2 . n 
C 3 27  GLY 27  34  34  GLY GLY 2 . n 
C 3 28  TYR 28  35  35  TYR TYR 2 . n 
C 3 29  GLY 29  36  36  GLY GLY 2 . n 
C 3 30  ARG 30  37  37  ARG ARG 2 . n 
C 3 31  TRP 31  38  38  TRP TRP 2 . n 
C 3 32  PRO 32  39  39  PRO PRO 2 . n 
C 3 33  GLU 33  40  40  GLU GLU 2 . n 
C 3 34  TYR 34  41  41  TYR TYR 2 . n 
C 3 35  LEU 35  42  42  LEU LEU 2 . n 
C 3 36  ARG 36  43  43  ARG ARG 2 . n 
C 3 37  ASP 37  44  44  ASP ASP 2 . n 
C 3 38  ASP 38  45  45  ASP ASP 2 . n 
C 3 39  GLU 39  46  46  GLU GLU 2 . n 
C 3 40  ALA 40  47  47  ALA ALA 2 . n 
C 3 41  THR 41  48  48  THR THR 2 . n 
C 3 42  ALA 42  49  49  ALA ALA 2 . n 
C 3 43  GLU 43  50  50  GLU GLU 2 . n 
C 3 44  ASP 44  51  51  ASP ASP 2 . n 
C 3 45  GLN 45  52  52  GLN GLN 2 . n 
C 3 46  PRO 46  53  53  PRO PRO 2 . n 
C 3 47  THR 47  54  54  THR THR 2 . n 
C 3 48  GLN 48  55  55  GLN GLN 2 . n 
C 3 49  PRO 49  56  56  PRO PRO 2 . n 
C 3 50  ASP 50  57  57  ASP ASP 2 . n 
C 3 51  VAL 51  58  58  VAL VAL 2 . n 
C 3 52  ALA 52  59  59  ALA ALA 2 . n 
C 3 53  THR 53  60  60  THR THR 2 . n 
C 3 54  CYS 54  61  61  CYS CYS 2 . n 
C 3 55  ARG 55  62  62  ARG ARG 2 . n 
C 3 56  PHE 56  63  63  PHE PHE 2 . n 
C 3 57  TYR 57  64  64  TYR TYR 2 . n 
C 3 58  THR 58  65  65  THR THR 2 . n 
C 3 59  LEU 59  66  66  LEU LEU 2 . n 
C 3 60  GLU 60  67  67  GLU GLU 2 . n 
C 3 61  SER 61  68  68  SER SER 2 . n 
C 3 62  VAL 62  69  69  VAL VAL 2 . n 
C 3 63  GLN 63  70  70  GLN GLN 2 . n 
C 3 64  TRP 64  71  71  TRP TRP 2 . n 
C 3 65  GLU 65  72  72  GLU GLU 2 . n 
C 3 66  LYS 66  73  73  LYS LYS 2 . n 
C 3 67  ASN 67  74  74  ASN ASN 2 . n 
C 3 68  SER 68  75  75  SER SER 2 . n 
C 3 69  ALA 69  76  76  ALA ALA 2 . n 
C 3 70  GLY 70  77  77  GLY GLY 2 . n 
C 3 71  TRP 71  78  78  TRP TRP 2 . n 
C 3 72  TRP 72  79  79  TRP TRP 2 . n 
C 3 73  TRP 73  80  80  TRP TRP 2 . n 
C 3 74  LYS 74  81  81  LYS LYS 2 . n 
C 3 75  PHE 75  82  82  PHE PHE 2 . n 
C 3 76  PRO 76  83  83  PRO PRO 2 . n 
C 3 77  GLU 77  84  84  GLU GLU 2 . n 
C 3 78  ALA 78  85  85  ALA ALA 2 . n 
C 3 79  LEU 79  86  86  LEU LEU 2 . n 
C 3 80  LYS 80  87  87  LYS LYS 2 . n 
C 3 81  ASP 81  88  88  ASP ASP 2 . n 
C 3 82  MET 82  89  89  MET MET 2 . n 
C 3 83  GLY 83  90  90  GLY GLY 2 . n 
C 3 84  LEU 84  91  91  LEU LEU 2 . n 
C 3 85  PHE 85  92  92  PHE PHE 2 . n 
C 3 86  GLY 86  93  93  GLY GLY 2 . n 
C 3 87  GLN 87  94  94  GLN GLN 2 . n 
C 3 88  ASN 88  95  95  ASN ASN 2 . n 
C 3 89  MET 89  96  96  MET MET 2 . n 
C 3 90  LEU 90  97  97  LEU LEU 2 . n 
C 3 91  TYR 91  98  98  TYR TYR 2 . n 
C 3 92  HIS 92  99  99  HIS HIS 2 . n 
C 3 93  TYR 93  100 100 TYR TYR 2 . n 
C 3 94  LEU 94  101 101 LEU LEU 2 . n 
C 3 95  GLY 95  102 102 GLY GLY 2 . n 
C 3 96  ARG 96  103 103 ARG ARG 2 . n 
C 3 97  ALA 97  104 104 ALA ALA 2 . n 
C 3 98  GLY 98  105 105 GLY GLY 2 . n 
C 3 99  TYR 99  106 106 TYR TYR 2 . n 
C 3 100 THR 100 107 107 THR THR 2 . n 
C 3 101 ILE 101 108 108 ILE ILE 2 . n 
C 3 102 HIS 102 109 109 HIS HIS 2 . n 
C 3 103 VAL 103 110 110 VAL VAL 2 . n 
C 3 104 GLN 104 111 111 GLN GLN 2 . n 
C 3 105 CYS 105 112 112 CYS CYS 2 . n 
C 3 106 ASN 106 113 113 ASN ASN 2 . n 
C 3 107 ALA 107 114 114 ALA ALA 2 . n 
C 3 108 SER 108 115 115 SER SER 2 . n 
C 3 109 LYS 109 116 116 LYS LYS 2 . n 
C 3 110 PHE 110 117 117 PHE PHE 2 . n 
C 3 111 HIS 111 118 118 HIS HIS 2 . n 
C 3 112 GLN 112 119 119 GLN GLN 2 . n 
C 3 113 GLY 113 120 120 GLY GLY 2 . n 
C 3 114 CYS 114 121 121 CYS CYS 2 . n 
C 3 115 LEU 115 122 122 LEU LEU 2 . n 
C 3 116 LEU 116 123 123 LEU LEU 2 . n 
C 3 117 VAL 117 124 124 VAL VAL 2 . n 
C 3 118 VAL 118 125 125 VAL VAL 2 . n 
C 3 119 CYS 119 126 126 CYS CYS 2 . n 
C 3 120 VAL 120 127 127 VAL VAL 2 . n 
C 3 121 PRO 121 128 128 PRO PRO 2 . n 
C 3 122 GLU 122 129 129 GLU GLU 2 . n 
C 3 123 ALA 123 130 130 ALA ALA 2 . n 
C 3 124 GLU 124 131 131 GLU GLU 2 . n 
C 3 125 MET 125 132 132 MET MET 2 . n 
C 3 126 GLY 126 133 133 GLY GLY 2 . n 
C 3 127 CYS 127 134 134 CYS CYS 2 . n 
C 3 128 SER 128 135 135 SER SER 2 . n 
C 3 129 GLN 129 136 136 GLN GLN 2 . n 
C 3 130 THR 130 137 137 THR THR 2 . n 
C 3 131 ASP 131 138 138 ASP ASP 2 . n 
C 3 132 LYS 132 139 139 LYS LYS 2 . n 
C 3 133 GLU 133 140 140 GLU GLU 2 . n 
C 3 134 VAL 134 141 141 VAL VAL 2 . n 
C 3 135 ALA 135 142 142 ALA ALA 2 . n 
C 3 136 ALA 136 143 143 ALA ALA 2 . n 
C 3 137 MET 137 144 144 MET MET 2 . n 
C 3 138 ASN 138 145 145 ASN ASN 2 . n 
C 3 139 LEU 139 146 146 LEU LEU 2 . n 
C 3 140 THR 140 147 147 THR THR 2 . n 
C 3 141 LYS 141 148 148 LYS LYS 2 . n 
C 3 142 GLY 142 149 149 GLY GLY 2 . n 
C 3 143 GLU 143 150 150 GLU GLU 2 . n 
C 3 144 ALA 144 151 151 ALA ALA 2 . n 
C 3 145 ALA 145 152 152 ALA ALA 2 . n 
C 3 146 HIS 146 153 153 HIS HIS 2 . n 
C 3 147 LYS 147 154 154 LYS LYS 2 . n 
C 3 148 PHE 148 155 155 PHE PHE 2 . n 
C 3 149 GLU 149 156 156 GLU GLU 2 . n 
C 3 150 PRO 150 157 157 PRO PRO 2 . n 
C 3 151 THR 151 158 158 THR THR 2 . n 
C 3 152 LYS 152 159 159 LYS LYS 2 . n 
C 3 153 THR 153 160 160 THR THR 2 . n 
C 3 154 THR 154 161 161 THR THR 2 . n 
C 3 155 GLY 155 162 162 GLY GLY 2 . n 
C 3 156 GLU 156 163 163 GLU GLU 2 . n 
C 3 157 HIS 157 164 164 HIS HIS 2 . n 
C 3 158 THR 158 165 165 THR THR 2 . n 
C 3 159 VAL 159 166 166 VAL VAL 2 . n 
C 3 160 GLN 160 167 167 GLN GLN 2 . n 
C 3 161 SER 161 168 168 SER SER 2 . n 
C 3 162 ILE 162 169 169 ILE ILE 2 . n 
C 3 163 VAL 163 170 170 VAL VAL 2 . n 
C 3 164 CYS 164 171 171 CYS CYS 2 . n 
C 3 165 ASN 165 172 172 ASN ASN 2 . n 
C 3 166 ALA 166 173 173 ALA ALA 2 . n 
C 3 167 GLY 167 174 174 GLY GLY 2 . n 
C 3 168 MET 168 175 175 MET MET 2 . n 
C 3 169 GLY 169 176 176 GLY GLY 2 . n 
C 3 170 VAL 170 177 177 VAL VAL 2 . n 
C 3 171 GLY 171 178 178 GLY GLY 2 . n 
C 3 172 VAL 172 179 179 VAL VAL 2 . n 
C 3 173 GLY 173 180 180 GLY GLY 2 . n 
C 3 174 ASN 174 181 181 ASN ASN 2 . n 
C 3 175 LEU 175 182 182 LEU LEU 2 . n 
C 3 176 THR 176 183 183 THR THR 2 . n 
C 3 177 ILE 177 184 184 ILE ILE 2 . n 
C 3 178 TYR 178 185 185 TYR TYR 2 . n 
C 3 179 PRO 179 186 186 PRO PRO 2 . n 
C 3 180 HIS 180 187 187 HIS HIS 2 . n 
C 3 181 GLN 181 188 188 GLN GLN 2 . n 
C 3 182 TRP 182 189 189 TRP TRP 2 . n 
C 3 183 ILE 183 190 190 ILE ILE 2 . n 
C 3 184 ASN 184 191 191 ASN ASN 2 . n 
C 3 185 LEU 185 192 192 LEU LEU 2 . n 
C 3 186 ARG 186 193 193 ARG ARG 2 . n 
C 3 187 THR 187 194 194 THR THR 2 . n 
C 3 188 ASN 188 195 195 ASN ASN 2 . n 
C 3 189 ASN 189 196 196 ASN ASN 2 . n 
C 3 190 CYS 190 197 197 CYS CYS 2 . n 
C 3 191 ALA 191 198 198 ALA ALA 2 . n 
C 3 192 THR 192 199 199 THR THR 2 . n 
C 3 193 ILE 193 200 200 ILE ILE 2 . n 
C 3 194 VAL 194 201 201 VAL VAL 2 . n 
C 3 195 MET 195 202 202 MET MET 2 . n 
C 3 196 PRO 196 203 203 PRO PRO 2 . n 
C 3 197 TYR 197 204 204 TYR TYR 2 . n 
C 3 198 VAL 198 205 205 VAL VAL 2 . n 
C 3 199 ASN 199 206 206 ASN ASN 2 . n 
C 3 200 SER 200 207 207 SER SER 2 . n 
C 3 201 VAL 201 208 208 VAL VAL 2 . n 
C 3 202 PRO 202 209 209 PRO PRO 2 . n 
C 3 203 MET 203 210 210 MET MET 2 . n 
C 3 204 ASP 204 211 211 ASP ASP 2 . n 
C 3 205 ASN 205 212 212 ASN ASN 2 . n 
C 3 206 MET 206 213 213 MET MET 2 . n 
C 3 207 PHE 207 214 214 PHE PHE 2 . n 
C 3 208 ARG 208 215 215 ARG ARG 2 . n 
C 3 209 HIS 209 216 216 HIS HIS 2 . n 
C 3 210 TYR 210 217 217 TYR TYR 2 . n 
C 3 211 ASN 211 218 218 ASN ASN 2 . n 
C 3 212 PHE 212 219 219 PHE PHE 2 . n 
C 3 213 THR 213 220 220 THR THR 2 . n 
C 3 214 LEU 214 221 221 LEU LEU 2 . n 
C 3 215 MET 215 222 222 MET MET 2 . n 
C 3 216 VAL 216 223 223 VAL VAL 2 . n 
C 3 217 ILE 217 224 224 ILE ILE 2 . n 
C 3 218 PRO 218 225 225 PRO PRO 2 . n 
C 3 219 PHE 219 226 226 PHE PHE 2 . n 
C 3 220 ALA 220 227 227 ALA ALA 2 . n 
C 3 221 PRO 221 228 228 PRO PRO 2 . n 
C 3 222 LEU 222 229 229 LEU LEU 2 . n 
C 3 223 ASP 223 230 230 ASP ASP 2 . n 
C 3 224 TYR 224 231 231 TYR TYR 2 . n 
C 3 225 ALA 225 232 232 ALA ALA 2 . n 
C 3 226 ALA 226 233 233 ALA ALA 2 . n 
C 3 227 GLN 227 234 234 GLN GLN 2 . n 
C 3 228 ALA 228 235 235 ALA ALA 2 . n 
C 3 229 SER 229 236 236 SER SER 2 . n 
C 3 230 GLU 230 237 237 GLU GLU 2 . n 
C 3 231 TYR 231 238 238 TYR TYR 2 . n 
C 3 232 VAL 232 239 239 VAL VAL 2 . n 
C 3 233 PRO 233 240 240 PRO PRO 2 . n 
C 3 234 VAL 234 241 241 VAL VAL 2 . n 
C 3 235 THR 235 242 242 THR THR 2 . n 
C 3 236 VAL 236 243 243 VAL VAL 2 . n 
C 3 237 THR 237 244 244 THR THR 2 . n 
C 3 238 ILE 238 245 245 ILE ILE 2 . n 
C 3 239 ALA 239 246 246 ALA ALA 2 . n 
C 3 240 PRO 240 247 247 PRO PRO 2 . n 
C 3 241 MET 241 248 248 MET MET 2 . n 
C 3 242 CYS 242 249 249 CYS CYS 2 . n 
C 3 243 ALA 243 250 250 ALA ALA 2 . n 
C 3 244 GLU 244 251 251 GLU GLU 2 . n 
C 3 245 TYR 245 252 252 TYR TYR 2 . n 
C 3 246 ASN 246 253 253 ASN ASN 2 . n 
C 3 247 GLY 247 254 254 GLY GLY 2 . n 
C 3 248 LEU 248 255 255 LEU LEU 2 . n 
C 3 249 ARG 249 256 256 ARG ARG 2 . n 
C 3 250 LEU 250 257 257 LEU LEU 2 . n 
C 3 251 ALA 251 258 258 ALA ALA 2 . n 
C 3 252 TYR 252 259 259 TYR TYR 2 . n 
C 3 253 GLN 253 260 260 GLN GLN 2 . n 
C 3 254 GLN 254 261 261 GLN GLN 2 . n 
D 4 1   GLY 1   1   1   GLY GLY 3 . n 
D 4 2   PHE 2   2   2   PHE PHE 3 . n 
D 4 3   PRO 3   3   3   PRO PRO 3 . n 
D 4 4   VAL 4   4   4   VAL VAL 3 . n 
D 4 5   LEU 5   5   5   LEU LEU 3 . n 
D 4 6   ASN 6   6   6   ASN ASN 3 . n 
D 4 7   THR 7   7   7   THR THR 3 . n 
D 4 8   PRO 8   8   8   PRO PRO 3 . n 
D 4 9   GLY 9   9   9   GLY GLY 3 . n 
D 4 10  SER 10  10  10  SER SER 3 . n 
D 4 11  ASN 11  11  11  ASN ASN 3 . n 
D 4 12  GLN 12  12  12  GLN GLN 3 . n 
D 4 13  PHE 13  13  13  PHE PHE 3 . n 
D 4 14  MET 14  14  14  MET MET 3 . n 
D 4 15  THR 15  15  15  THR THR 3 . n 
D 4 16  SER 16  16  16  SER SER 3 . n 
D 4 17  ASP 17  17  17  ASP ASP 3 . n 
D 4 18  ASP 18  18  18  ASP ASP 3 . n 
D 4 19  PHE 19  19  19  PHE PHE 3 . n 
D 4 20  GLN 20  20  20  GLN GLN 3 . n 
D 4 21  SER 21  21  21  SER SER 3 . n 
D 4 22  PRO 22  22  22  PRO PRO 3 . n 
D 4 23  SER 23  23  23  SER SER 3 . n 
D 4 24  ALA 24  24  24  ALA ALA 3 . n 
D 4 25  MET 25  25  25  MET MET 3 . n 
D 4 26  PRO 26  26  26  PRO PRO 3 . n 
D 4 27  GLN 27  27  27  GLN GLN 3 . n 
D 4 28  PHE 28  28  28  PHE PHE 3 . n 
D 4 29  ASP 29  29  29  ASP ASP 3 . n 
D 4 30  VAL 30  30  30  VAL VAL 3 . n 
D 4 31  THR 31  31  31  THR THR 3 . n 
D 4 32  PRO 32  32  32  PRO PRO 3 . n 
D 4 33  HIS 33  33  33  HIS HIS 3 . n 
D 4 34  MET 34  34  34  MET MET 3 . n 
D 4 35  ASP 35  35  35  ASP ASP 3 . n 
D 4 36  ILE 36  36  36  ILE ILE 3 . n 
D 4 37  PRO 37  37  37  PRO PRO 3 . n 
D 4 38  GLY 38  38  38  GLY GLY 3 . n 
D 4 39  GLU 39  39  39  GLU GLU 3 . n 
D 4 40  VAL 40  40  40  VAL VAL 3 . n 
D 4 41  HIS 41  41  41  HIS HIS 3 . n 
D 4 42  ASN 42  42  42  ASN ASN 3 . n 
D 4 43  LEU 43  43  43  LEU LEU 3 . n 
D 4 44  MET 44  44  44  MET MET 3 . n 
D 4 45  GLU 45  45  45  GLU GLU 3 . n 
D 4 46  ILE 46  46  46  ILE ILE 3 . n 
D 4 47  ALA 47  47  47  ALA ALA 3 . n 
D 4 48  GLU 48  48  48  GLU GLU 3 . n 
D 4 49  VAL 49  49  49  VAL VAL 3 . n 
D 4 50  ASP 50  50  50  ASP ASP 3 . n 
D 4 51  SER 51  51  51  SER SER 3 . n 
D 4 52  VAL 52  52  52  VAL VAL 3 . n 
D 4 53  VAL 53  53  53  VAL VAL 3 . n 
D 4 54  PRO 54  54  54  PRO PRO 3 . n 
D 4 55  VAL 55  55  55  VAL VAL 3 . n 
D 4 56  ASN 56  56  56  ASN ASN 3 . n 
D 4 57  ASN 57  57  57  ASN ASN 3 . n 
D 4 58  ILE 58  58  58  ILE ILE 3 . n 
D 4 59  LYS 59  59  59  LYS LYS 3 . n 
D 4 60  VAL 60  60  60  VAL VAL 3 . n 
D 4 61  ASN 61  61  61  ASN ASN 3 . n 
D 4 62  LEU 62  62  62  LEU LEU 3 . n 
D 4 63  GLN 63  63  63  GLN GLN 3 . n 
D 4 64  SER 64  64  64  SER SER 3 . n 
D 4 65  MET 65  65  65  MET MET 3 . n 
D 4 66  ASP 66  66  66  ASP ASP 3 . n 
D 4 67  ALA 67  67  67  ALA ALA 3 . n 
D 4 68  TYR 68  68  68  TYR TYR 3 . n 
D 4 69  HIS 69  69  69  HIS HIS 3 . n 
D 4 70  ILE 70  70  70  ILE ILE 3 . n 
D 4 71  GLU 71  71  71  GLU GLU 3 . n 
D 4 72  VAL 72  72  72  VAL VAL 3 . n 
D 4 73  ASN 73  73  73  ASN ASN 3 . n 
D 4 74  THR 74  74  74  THR THR 3 . n 
D 4 75  GLY 75  75  75  GLY GLY 3 . n 
D 4 76  ASN 76  76  76  ASN ASN 3 . n 
D 4 77  HIS 77  77  77  HIS HIS 3 . n 
D 4 78  GLN 78  78  78  GLN GLN 3 . n 
D 4 79  GLY 79  79  79  GLY GLY 3 . n 
D 4 80  GLU 80  80  80  GLU GLU 3 . n 
D 4 81  LYS 81  81  81  LYS LYS 3 . n 
D 4 82  ILE 82  82  82  ILE ILE 3 . n 
D 4 83  PHE 83  83  83  PHE PHE 3 . n 
D 4 84  ALA 84  84  84  ALA ALA 3 . n 
D 4 85  PHE 85  85  85  PHE PHE 3 . n 
D 4 86  GLN 86  86  86  GLN GLN 3 . n 
D 4 87  MET 87  87  87  MET MET 3 . n 
D 4 88  GLN 88  88  88  GLN GLN 3 . n 
D 4 89  PRO 89  89  89  PRO PRO 3 . n 
D 4 90  GLY 90  90  90  GLY GLY 3 . n 
D 4 91  LEU 91  91  91  LEU LEU 3 . n 
D 4 92  GLU 92  92  92  GLU GLU 3 . n 
D 4 93  SER 93  93  93  SER SER 3 . n 
D 4 94  VAL 94  94  94  VAL VAL 3 . n 
D 4 95  PHE 95  95  95  PHE PHE 3 . n 
D 4 96  LYS 96  96  96  LYS LYS 3 . n 
D 4 97  ARG 97  97  97  ARG ARG 3 . n 
D 4 98  THR 98  98  98  THR THR 3 . n 
D 4 99  LEU 99  99  99  LEU LEU 3 . n 
D 4 100 MET 100 100 100 MET MET 3 . n 
D 4 101 GLY 101 101 101 GLY GLY 3 . n 
D 4 102 GLU 102 102 102 GLU GLU 3 . n 
D 4 103 ILE 103 103 103 ILE ILE 3 . n 
D 4 104 LEU 104 104 104 LEU LEU 3 . n 
D 4 105 ASN 105 105 105 ASN ASN 3 . n 
D 4 106 TYR 106 106 106 TYR TYR 3 . n 
D 4 107 TYR 107 107 107 TYR TYR 3 . n 
D 4 108 ALA 108 108 108 ALA ALA 3 . n 
D 4 109 HIS 109 109 109 HIS HIS 3 . n 
D 4 110 TRP 110 110 110 TRP TRP 3 . n 
D 4 111 SER 111 111 111 SER SER 3 . n 
D 4 112 GLY 112 112 112 GLY GLY 3 . n 
D 4 113 SER 113 113 113 SER SER 3 . n 
D 4 114 ILE 114 114 114 ILE ILE 3 . n 
D 4 115 LYS 115 115 115 LYS LYS 3 . n 
D 4 116 LEU 116 116 116 LEU LEU 3 . n 
D 4 117 THR 117 117 117 THR THR 3 . n 
D 4 118 PHE 118 118 118 PHE PHE 3 . n 
D 4 119 THR 119 119 119 THR THR 3 . n 
D 4 120 PHE 120 120 120 PHE PHE 3 . n 
D 4 121 CYS 121 121 121 CYS CYS 3 . n 
D 4 122 GLY 122 122 122 GLY GLY 3 . n 
D 4 123 SER 123 123 123 SER SER 3 . n 
D 4 124 ALA 124 124 124 ALA ALA 3 . n 
D 4 125 MET 125 125 125 MET MET 3 . n 
D 4 126 ALA 126 126 126 ALA ALA 3 . n 
D 4 127 THR 127 127 127 THR THR 3 . n 
D 4 128 GLY 128 128 128 GLY GLY 3 . n 
D 4 129 LYS 129 129 129 LYS LYS 3 . n 
D 4 130 LEU 130 130 130 LEU LEU 3 . n 
D 4 131 LEU 131 131 131 LEU LEU 3 . n 
D 4 132 LEU 132 132 132 LEU LEU 3 . n 
D 4 133 ALA 133 133 133 ALA ALA 3 . n 
D 4 134 TYR 134 134 134 TYR TYR 3 . n 
D 4 135 SER 135 135 135 SER SER 3 . n 
D 4 136 PRO 136 136 136 PRO PRO 3 . n 
D 4 137 PRO 137 137 137 PRO PRO 3 . n 
D 4 138 GLY 138 138 138 GLY GLY 3 . n 
D 4 139 ALA 139 139 139 ALA ALA 3 . n 
D 4 140 ASP 140 140 140 ASP ASP 3 . n 
D 4 141 VAL 141 141 141 VAL VAL 3 . n 
D 4 142 PRO 142 142 142 PRO PRO 3 . n 
D 4 143 ALA 143 143 143 ALA ALA 3 . n 
D 4 144 THR 144 144 144 THR THR 3 . n 
D 4 145 ARG 145 145 145 ARG ARG 3 . n 
D 4 146 LYS 146 146 146 LYS LYS 3 . n 
D 4 147 GLN 147 147 147 GLN GLN 3 . n 
D 4 148 ALA 148 148 148 ALA ALA 3 . n 
D 4 149 MET 149 149 149 MET MET 3 . n 
D 4 150 LEU 150 150 150 LEU LEU 3 . n 
D 4 151 GLY 151 151 151 GLY GLY 3 . n 
D 4 152 THR 152 152 152 THR THR 3 . n 
D 4 153 HIS 153 153 153 HIS HIS 3 . n 
D 4 154 MET 154 154 154 MET MET 3 . n 
D 4 155 ILE 155 155 155 ILE ILE 3 . n 
D 4 156 TRP 156 156 156 TRP TRP 3 . n 
D 4 157 ASP 157 157 157 ASP ASP 3 . n 
D 4 158 ILE 158 158 158 ILE ILE 3 . n 
D 4 159 GLY 159 159 159 GLY GLY 3 . n 
D 4 160 LEU 160 160 160 LEU LEU 3 . n 
D 4 161 GLN 161 161 161 GLN GLN 3 . n 
D 4 162 SER 162 162 162 SER SER 3 . n 
D 4 163 SER 163 163 163 SER SER 3 . n 
D 4 164 CYS 164 164 164 CYS CYS 3 . n 
D 4 165 VAL 165 165 165 VAL VAL 3 . n 
D 4 166 LEU 166 166 166 LEU LEU 3 . n 
D 4 167 CYS 167 167 167 CYS CYS 3 . n 
D 4 168 ILE 168 168 168 ILE ILE 3 . n 
D 4 169 PRO 169 169 169 PRO PRO 3 . n 
D 4 170 TRP 170 170 170 TRP TRP 3 . n 
D 4 171 ILE 171 171 171 ILE ILE 3 . n 
D 4 172 SER 172 172 172 SER SER 3 . n 
D 4 173 GLN 173 173 173 GLN GLN 3 . n 
D 4 174 THR 174 174 174 THR THR 3 . n 
D 4 175 HIS 175 175 175 HIS HIS 3 . n 
D 4 176 TYR 176 176 176 TYR TYR 3 . n 
D 4 177 ARG 177 177 177 ARG ARG 3 . n 
D 4 178 LEU 178 178 178 LEU LEU 3 . n 
D 4 179 VAL 179 179 179 VAL VAL 3 . n 
D 4 180 GLN 180 180 180 GLN GLN 3 . n 
D 4 181 GLN 181 181 181 GLN GLN 3 . n 
D 4 182 ASP 182 182 182 ASP ASP 3 . n 
D 4 183 GLU 183 183 183 GLU GLU 3 . n 
D 4 184 TYR 184 184 184 TYR TYR 3 . n 
D 4 185 THR 185 185 185 THR THR 3 . n 
D 4 186 SER 186 186 186 SER SER 3 . n 
D 4 187 ALA 187 187 187 ALA ALA 3 . n 
D 4 188 GLY 188 188 188 GLY GLY 3 . n 
D 4 189 ASN 189 189 189 ASN ASN 3 . n 
D 4 190 VAL 190 190 190 VAL VAL 3 . n 
D 4 191 THR 191 191 191 THR THR 3 . n 
D 4 192 CYS 192 192 192 CYS CYS 3 . n 
D 4 193 TRP 193 193 193 TRP TRP 3 . n 
D 4 194 TYR 194 194 194 TYR TYR 3 . n 
D 4 195 GLN 195 195 195 GLN GLN 3 . n 
D 4 196 THR 196 196 196 THR THR 3 . n 
D 4 197 GLY 197 197 197 GLY GLY 3 . n 
D 4 198 ILE 198 198 198 ILE ILE 3 . n 
D 4 199 VAL 199 199 199 VAL VAL 3 . n 
D 4 200 VAL 200 200 200 VAL VAL 3 . n 
D 4 201 PRO 201 201 201 PRO PRO 3 . n 
D 4 202 PRO 202 202 202 PRO PRO 3 . n 
D 4 203 GLY 203 203 203 GLY GLY 3 . n 
D 4 204 THR 204 204 204 THR THR 3 . n 
D 4 205 PRO 205 205 205 PRO PRO 3 . n 
D 4 206 ASN 206 206 206 ASN ASN 3 . n 
D 4 207 LYS 207 207 207 LYS LYS 3 . n 
D 4 208 CYS 208 208 208 CYS CYS 3 . n 
D 4 209 VAL 209 209 209 VAL VAL 3 . n 
D 4 210 VAL 210 210 210 VAL VAL 3 . n 
D 4 211 LEU 211 211 211 LEU LEU 3 . n 
D 4 212 CYS 212 212 212 CYS CYS 3 . n 
D 4 213 PHE 213 213 213 PHE PHE 3 . n 
D 4 214 ALA 214 214 214 ALA ALA 3 . n 
D 4 215 SER 215 215 215 SER SER 3 . n 
D 4 216 ALA 216 216 216 ALA ALA 3 . n 
D 4 217 CYS 217 217 217 CYS CYS 3 . n 
D 4 218 ASN 218 218 218 ASN ASN 3 . n 
D 4 219 ASP 219 219 219 ASP ASP 3 . n 
D 4 220 PHE 220 220 220 PHE PHE 3 . n 
D 4 221 SER 221 221 221 SER SER 3 . n 
D 4 222 VAL 222 222 222 VAL VAL 3 . n 
D 4 223 ARG 223 223 223 ARG ARG 3 . n 
D 4 224 MET 224 224 224 MET MET 3 . n 
D 4 225 LEU 225 225 225 LEU LEU 3 . n 
D 4 226 ARG 226 226 226 ARG ARG 3 . n 
D 4 227 ASP 227 227 227 ASP ASP 3 . n 
D 4 228 THR 228 228 228 THR THR 3 . n 
D 4 229 PRO 229 229 229 PRO PRO 3 . n 
D 4 230 PHE 230 230 230 PHE PHE 3 . n 
D 4 231 ILE 231 231 231 ILE ILE 3 . n 
D 4 232 GLY 232 232 232 GLY GLY 3 . n 
D 4 233 GLN 233 233 233 GLN GLN 3 . n 
D 4 234 THR 234 234 234 THR THR 3 . n 
D 4 235 ALA 235 235 235 ALA ALA 3 . n 
D 4 236 LEU 236 236 236 LEU LEU 3 . n 
D 4 237 LEU 237 237 237 LEU LEU 3 . n 
D 4 238 GLN 238 238 238 GLN GLN 3 . n 
# 
_exptl.entry_id          1M11 
_exptl.method            'ELECTRON MICROSCOPY' 
_exptl.crystals_number   ? 
# 
_exptl_crystal.id                    1 
_exptl_crystal.density_meas          ? 
_exptl_crystal.density_percent_sol   ? 
_exptl_crystal.density_Matthews      ? 
_exptl_crystal.description           ? 
# 
_diffrn.id                     1 
_diffrn.crystal_id             1 
_diffrn.ambient_temp           ? 
_diffrn.ambient_temp_details   ? 
# 
_refine.entry_id                                 1M11 
_refine.ls_R_factor_all                          ? 
_refine.ls_R_factor_obs                          ? 
_refine.ls_R_factor_R_work                       ? 
_refine.ls_d_res_high                            16.0 
_refine.ls_d_res_low                             ? 
_refine.ls_number_reflns_obs                     ? 
_refine.ls_percent_reflns_obs                    ? 
_refine.ls_number_reflns_all                     ? 
_refine.pdbx_ls_sigma_F                          ? 
_refine.pdbx_ls_sigma_I                          ? 
_refine.ls_redundancy_reflns_obs                 ? 
_refine.pdbx_data_cutoff_high_absF               ? 
_refine.pdbx_data_cutoff_low_absF                ? 
_refine.ls_number_parameters                     ? 
_refine.ls_number_restraints                     ? 
_refine.ls_R_factor_R_free                       ? 
_refine.ls_number_reflns_R_free                  ? 
_refine.ls_percent_reflns_R_free                 ? 
_refine.ls_R_factor_R_free_error                 ? 
_refine.ls_R_factor_R_free_error_details         ? 
_refine.pdbx_method_to_determine_struct          ? 
_refine.pdbx_starting_model                      ? 
_refine.pdbx_isotropic_thermal_model             ? 
_refine.B_iso_mean                               ? 
_refine.aniso_B[1][1]                            ? 
_refine.aniso_B[1][2]                            ? 
_refine.aniso_B[1][3]                            ? 
_refine.aniso_B[2][2]                            ? 
_refine.aniso_B[2][3]                            ? 
_refine.aniso_B[3][3]                            ? 
_refine.pdbx_ls_cross_valid_method               ? 
_refine.pdbx_R_Free_selection_details            ? 
_refine.pdbx_stereochem_target_val_spec_case     ? 
_refine.pdbx_stereochemistry_target_values       ? 
_refine.solvent_model_details                    ? 
_refine.solvent_model_param_bsol                 ? 
_refine.solvent_model_param_ksol                 ? 
_refine.occupancy_max                            ? 
_refine.occupancy_min                            ? 
_refine.overall_SU_B                             ? 
_refine.overall_SU_ML                            ? 
_refine.pdbx_overall_ESU_R                       ? 
_refine.pdbx_overall_ESU_R_Free                  ? 
_refine.pdbx_data_cutoff_high_rms_absF           ? 
_refine.details                                  ? 
_refine.B_iso_min                                ? 
_refine.B_iso_max                                ? 
_refine.correlation_coeff_Fo_to_Fc               ? 
_refine.overall_SU_R_Cruickshank_DPI             ? 
_refine.overall_SU_R_free                        ? 
_refine.correlation_coeff_Fo_to_Fc_free          ? 
_refine.pdbx_solvent_vdw_probe_radii             ? 
_refine.pdbx_solvent_ion_probe_radii             ? 
_refine.pdbx_solvent_shrinkage_radii             ? 
_refine.pdbx_overall_phase_error                 ? 
_refine.pdbx_refine_id                           'ELECTRON MICROSCOPY' 
_refine.pdbx_diffrn_id                           1 
_refine.pdbx_TLS_residual_ADP_flag               ? 
_refine.pdbx_overall_SU_R_free_Cruickshank_DPI   ? 
_refine.pdbx_overall_SU_R_Blow_DPI               ? 
_refine.pdbx_overall_SU_R_free_Blow_DPI          ? 
# 
_refine_hist.pdbx_refine_id                   'ELECTRON MICROSCOPY' 
_refine_hist.cycle_id                         LAST 
_refine_hist.pdbx_number_atoms_protein        1013 
_refine_hist.pdbx_number_atoms_nucleic_acid   0 
_refine_hist.pdbx_number_atoms_ligand         0 
_refine_hist.number_atoms_solvent             0 
_refine_hist.number_atoms_total               1013 
_refine_hist.d_res_high                       16.0 
_refine_hist.d_res_low                        . 
# 
_struct.entry_id                  1M11 
_struct.title                     
'structural model of human decay-accelerating factor bound to echovirus 7 from cryo-electron microscopy' 
_struct.pdbx_model_details        ? 
_struct.pdbx_CASP_flag            ? 
_struct.pdbx_model_type_details   ? 
# 
_struct_keywords.entry_id        1M11 
_struct_keywords.pdbx_keywords   Virus/Receptor 
_struct_keywords.text            'decay-accelerating factor, SCR, Icosahedral virus, Virus-Receptor COMPLEX' 
# 
loop_
_struct_asym.id 
_struct_asym.pdbx_blank_PDB_chainid_flag 
_struct_asym.pdbx_modified 
_struct_asym.entity_id 
_struct_asym.details 
A N N 1 ? 
B N N 2 ? 
C N N 3 ? 
D N N 4 ? 
# 
loop_
_struct_ref.id 
_struct_ref.db_name 
_struct_ref.db_code 
_struct_ref.entity_id 
_struct_ref.pdbx_seq_one_letter_code 
_struct_ref.pdbx_align_begin 
_struct_ref.pdbx_db_accession 
_struct_ref.pdbx_db_isoform 
1 UNP DAF_HUMAN    1 
;DCGLPPDVPNAQPALEGRTSFPEDTVITYKCEESFVKIPGEKDSVICLKGSQWSDIEEFCNRSCEVPTRLNSASLKQPYI
TQNYFPVGTVVEYECRPGYRREPSLSPKLTCLQNLKWSTAVEFCKKKSCPNPGEIRNGQIDVPGGILFGATISFSCNTGY
KLFGSTSSFCLISGSSVQWSDPLPECREIYCPAPPQIDNGIIQGERDHYGYRQSVTYACNKGFTMIGEHSIYCTVNNDEG
EWS
;
35  P08174 ? 
2 UNP Q914E0_9ENTO 2 
;GDTETAIDNAIARVADTVASGPSNSTSIPALTAVETGHTSQVEPSDTMQTRHVKNYHSRSESTVENFLSRSACVYIEEYY
TKDQDNVNRYMSWTINARRMVQLRRKFELFTYMRFDMEITFVITSRQLPGTSIAQDMPPLTHQIMYIPPGGPVPNSVTDF
AWQTSTNPSIFWTEGNAPPRMSIPFISIGNAYSNFYDGWSHFSQNGVYGYNALNNMGKLYARHVNKDTPYQMSSTIRVYF
KPKHIRVWVPRPPRLSPYIKSSNVNFNPTNLTDERSSI
;
77  Q914E0 ? 
3 UNP Q914E0_9ENTO 3 
;GYSDRVRSLTLGNSTITTQESANVVVGYGRWPEYLRDDEATAEDQPTQPDVATCRFYTLESVQWEKNSAGWWWKFPEALK
DMGLFGQNMLYHYLGRAGYTIHVQCNASKFHQGCLLVVCVPEAEMGCSQTDKEVAAMNLTKGEAAHKFEPTKTTGEHTVQ
SIVCNAGMGVGVGNLTIYPHQWINLRTNNCATIVMPYVNSVPMDNMFRHYNFTLMVIPFAPLDYAAQASEYVPVTVTIAP
MCAEYNGLRLAYQQ
;
331 Q914E0 ? 
4 UNP Q914E0_9ENTO 4 
;GFPVLNTPGSNQFMTSDDFQSPSAMPQFDVTPHMDIPGEVHNLMEIAEVDSVVPVNNIKVNLQSMDAYHIEVNTGNHQGE
KIFAFQMQPGLESVFKRTLMGEILNYYAHWSGSIKLTFTFCGSAMATGKLLLAYSPPGADVPATRKQAMLGTHMIWDIGL
QSSCVLCIPWISQTHYRLVQQDEYTSAGNVTCWYQTGIVVPPGTPNKCVVLCFASACNDFSVRMLRDTPFIGQTALLQ
;
569 Q914E0 ? 
# 
loop_
_struct_ref_seq.align_id 
_struct_ref_seq.ref_id 
_struct_ref_seq.pdbx_PDB_id_code 
_struct_ref_seq.pdbx_strand_id 
_struct_ref_seq.seq_align_beg 
_struct_ref_seq.pdbx_seq_align_beg_ins_code 
_struct_ref_seq.seq_align_end 
_struct_ref_seq.pdbx_seq_align_end_ins_code 
_struct_ref_seq.pdbx_db_accession 
_struct_ref_seq.db_align_beg 
_struct_ref_seq.pdbx_db_align_beg_ins_code 
_struct_ref_seq.db_align_end 
_struct_ref_seq.pdbx_db_align_end_ins_code 
_struct_ref_seq.pdbx_auth_seq_align_beg 
_struct_ref_seq.pdbx_auth_seq_align_end 
1 1 1M11 R 1 ? 243 ? P08174 35  ? 277 ? 1 243 
2 2 1M11 1 1 ? 278 ? Q914E0 569 ? 846 ? 1 278 
3 3 1M11 2 1 ? 254 ? Q914E0 77  ? 330 ? 8 261 
4 4 1M11 3 1 ? 238 ? Q914E0 331 ? 568 ? 1 238 
# 
loop_
_pdbx_struct_assembly.id 
_pdbx_struct_assembly.details 
_pdbx_struct_assembly.method_details 
_pdbx_struct_assembly.oligomeric_details 
_pdbx_struct_assembly.oligomeric_count 
1 'complete icosahedral assembly'                ? 240-MERIC   240 
2 'icosahedral asymmetric unit'                  ? tetrameric  4   
3 'icosahedral pentamer'                         ? eicosameric 20  
4 'icosahedral 23 hexamer'                       ? 24-meric    24  
5 'icosahedral asymmetric unit, std point frame' ? tetrameric  4   
# 
loop_
_pdbx_struct_assembly_gen.assembly_id 
_pdbx_struct_assembly_gen.oper_expression 
_pdbx_struct_assembly_gen.asym_id_list 
1 '(1-60)'           A,B,C,D 
2 1                  A,B,C,D 
3 '(1-5)'            A,B,C,D 
4 '(1,2,6,10,23,24)' A,B,C,D 
5 P                  A,B,C,D 
# 
loop_
_pdbx_struct_oper_list.id 
_pdbx_struct_oper_list.type 
_pdbx_struct_oper_list.name 
_pdbx_struct_oper_list.symmetry_operation 
_pdbx_struct_oper_list.matrix[1][1] 
_pdbx_struct_oper_list.matrix[1][2] 
_pdbx_struct_oper_list.matrix[1][3] 
_pdbx_struct_oper_list.vector[1] 
_pdbx_struct_oper_list.matrix[2][1] 
_pdbx_struct_oper_list.matrix[2][2] 
_pdbx_struct_oper_list.matrix[2][3] 
_pdbx_struct_oper_list.vector[2] 
_pdbx_struct_oper_list.matrix[3][1] 
_pdbx_struct_oper_list.matrix[3][2] 
_pdbx_struct_oper_list.matrix[3][3] 
_pdbx_struct_oper_list.vector[3] 
P  'transform to point frame' ?     ?     0.10917753  0.15130003  -0.98244011 -14.56648  -0.97939965 0.18527604  -0.08030634 22.07947   0.16987226  0.97096915  0.16841118  131.94350  
1  'identity operation'       1_555 x,y,z 1.00000000  0.00000000  0.00000000  0.00000    0.00000000  1.00000000  0.00000000  0.00000    0.00000000  0.00000000  1.00000000  0.00000    
2  'point symmetry operation' ?     ?     0.40381664  -0.33241876 0.85230856  -13.11181  -0.14023009 0.89814610  0.41673623  1.35644    -0.90402856 -0.28780433 0.31607123  -60.46227  
3  'point symmetry operation' ?     ?     -0.56082829 -0.67809494 0.47503566  -70.38999  -0.55931580 0.73334305  0.38648905  -20.78343  -0.61044038 -0.04894095 -0.79054875 -68.10959  
4  'point symmetry operation' ?     ?     -0.56082829 -0.55931580 -0.61044038 -92.67804  -0.67809494 0.73334305  -0.04894095 -35.82306  0.47503566  0.38648905  -0.79054875 -12.37363  
5  'point symmetry operation' ?     ?     0.40381664  -0.14023009 -0.90402856 -49.17464  -0.33241876 0.89814610  -0.28780433 -22.97819  0.85230856  0.41673623  0.31607123  29.72042   
6  'point symmetry operation' ?     ?     -0.94228683 0.32988145  0.05721677  46.42992   0.32988145  0.88556218  0.32704411  -3.77378   0.05721677  0.32704411  -0.94327535 -25.07514  
7  'point symmetry operation' ?     ?     -0.47849601 0.59304832  -0.64756100 55.77301   -0.28662806 0.59158073  0.75357587  -26.67174  0.82999152  0.54619220  -0.11308472 31.65083   
8  'point symmetry operation' ?     ?     0.30902577  0.87807595  -0.36535693 102.00440  -0.87995670 0.40972408  0.24042123  -67.67399  0.36080363  0.24720192  0.89928413  28.34637   
9  'point symmetry operation' ?     ?     0.33195018  0.79106584  0.51383256  121.23387  -0.63014446 0.59131194  -0.50325753 -70.11681  -0.70194517 -0.15673231 0.69477187  -30.42186  
10 'point symmetry operation' ?     ?     -0.44140354 0.45226300  0.77499747  86.88695   0.11757664  0.88539605  -0.44972165 -30.62431  -0.88957217 -0.10738713 -0.44399251 -63.43817  
11 'point symmetry operation' ?     ?     0.91844736  -0.36291858 0.15730400  -41.64642  -0.36291858 -0.93134558 -0.02975768 -251.81832 0.15730400  -0.02975768 -0.98710178 -73.06290  
12 'point symmetry operation' ?     ?     0.27956913  -0.67653581 0.68127850  -63.69216  0.01095190  -0.70727907 -0.70684960 -246.52389 0.96006310  0.20507463  -0.19032404 -15.48339  
13 'point symmetry operation' ?     ?     -0.40812988 -0.89663693 0.17167472  -109.46714 0.74261659  -0.43544619 -0.50882924 -204.88914 0.53099019  -0.08017993 0.84357607  -16.28597  
14 'point symmetry operation' ?     ?     -0.19427300 -0.71904967 -0.66725225 -115.71189 0.82093976  -0.49151073 0.29064599  -184.45188 -0.53695055 -0.49130923 0.68578374  -74.36149  
15 'point symmetry operation' ?     ?     0.62559682  -0.38919358 -0.67613384 -73.79638  0.13768145  -0.79799340 0.58672850  -213.45570 -0.76790132 -0.46014658 -0.44563739 -109.45157 
16 'point symmetry operation' ?     ?     -0.97616053 0.03303713  -0.21452077 -1.57783   0.03303713  -0.95421660 -0.29728643 -264.40773 -0.21452077 -0.29728643 0.93037714  -40.89528  
17 'point symmetry operation' ?     ?     -0.20488977 0.41590624  -0.88602606 24.23663   0.41590624  -0.78244776 -0.46346249 -248.16063 -0.88602606 -0.46346249 -0.01266247 -94.73848  
18 'point symmetry operation' ?     ?     0.65993239  0.69665591  -0.28135345 81.05840   0.69665591  -0.70762094 -0.11808104 -226.65326 -0.28135345 -0.11808104 -0.95231145 -82.98413  
19 'point symmetry operation' ?     ?     0.42315111  0.48729963  0.76386006  90.36173   0.48729963  -0.83314426 0.26155249  -229.60808 0.76386006  0.26155249  -0.59000686 -21.87634  
20 'point symmetry operation' ?     ?     -0.58800992 0.07716066  0.80516493  39.28973   0.07716066  -0.98554875 0.15079748  -252.94162 0.80516493  0.15079748  0.57355867  4.13600    
21 'point symmetry operation' ?     ?     -0.25475504 -0.01070192 0.96694640  33.22378   -0.90503719 0.35483725  -0.23451697 -91.29723  -0.34059882 -0.93486683 -0.10008221 -159.49671 
22 'point symmetry operation' ?     ?     -0.97552075 -0.20321790 0.08403416  -21.91421  -0.20321790 0.68704203  -0.69762148 -64.76982  0.08403416  -0.69762148 -0.71152128 -150.24773 
23 'point symmetry operation' ?     ?     -0.44140354 0.11757664  -0.88957217 -14.47992  0.45226300  0.88539605  -0.10738713 -18.99356  0.77499747  -0.44972165 -0.44399251 -109.27566 
24 'point symmetry operation' ?     ?     0.60946477  0.50835453  -0.60838174 45.25272   0.15555319  0.67578079  0.72050227  -17.22969  0.77740330  -0.53375648 0.33278841  -93.20250  
25 'point symmetry operation' ?     ?     0.72481989  0.42907403  0.53900983  74.73522   -0.68330446 0.34787742  0.64193170  -61.91582  0.08792687  -0.83359269 0.54533667  -124.24082 
26 'point symmetry operation' ?     ?     0.29184750  0.22271795  -0.93017297 -2.81041   0.95644055  -0.06102193 0.28547820  -128.77657 0.00682017  -0.97297124 -0.23082558 -169.27313 
27 'point symmetry operation' ?     ?     0.92752405  0.37072549  0.04755785  49.90541   0.13670327  -0.45490725 0.87998386  -158.66067 0.34786685  -0.80970488 -0.47261680 -156.72609 
28 'point symmetry operation' ?     ?     0.27956913  0.01095190  0.96006310  35.37130   -0.67653581 -0.70727907 0.20507463  -214.27597 0.68127850  -0.70684960 -0.19032404 -133.81008 
29 'point symmetry operation' ?     ?     -0.75656558 -0.35940793 0.54629155  -26.32709  -0.35940793 -0.46936812 -0.80654789 -218.76401 0.54629155  -0.80654789 0.22593370  -132.19425 
30 'point symmetry operation' ?     ?     -0.74897713 -0.22852932 -0.62193858 -49.92469  0.64982696  -0.06995923 -0.75685575 -165.92248 0.12945337  -0.97102011 0.20090238  -154.11162 
31 'point symmetry operation' ?     ?     -0.07799063 0.07364844  -0.99423004 -24.11956  -0.99689651 0.00495739  0.07856702  -125.82571 0.01071512  0.99727194  0.07303324  97.41691   
32 'point symmetry operation' ?     ?     0.85699070  0.37821632  -0.35002762 37.11634   -0.47428541 0.31322763  -0.82276473 -117.49821 -0.20154472 0.87111472  0.44781565  94.21339   
33 'point symmetry operation' ?     ?     0.60946477  0.15555319  0.77740330  47.55613   0.50835453  0.67578079  -0.53375648 -61.10837  -0.60838174 0.72050227  0.33278841  70.96167   
34 'point symmetry operation' ?     ?     -0.47849601 -0.28662806 0.82999152  -7.22762   0.59304832  0.59158073  0.54619220  -34.58504  -0.64756100 0.75357587  -0.11308472 59.79483   
35 'point symmetry operation' ?     ?     -0.90336681 -0.33724799 -0.26493809 -51.52564  -0.33724799 0.17698906  0.92462893  -74.58255  -0.26493809 0.92462893  -0.27362225 76.14506   
36 'point symmetry operation' ?     ?     0.04089816  -0.28566447 0.95745661  -3.08814   0.94549315  -0.29877271 -0.12952825 -174.10032 0.32306352  0.91056613  0.25787455  92.31961   
37 'point symmetry operation' ?     ?     -0.80899400 -0.54572391 0.21843561  -61.90187  0.54080003  -0.54536241 0.64040234  -179.07114 -0.23035629 0.63621164  0.73632243  73.72710   
38 'point symmetry operation' ?     ?     -0.44763036 -0.28408173 -0.84789422 -65.24184  -0.28408173 -0.85389777 0.43606898  -225.62193 -0.84789422 0.43606898  0.30152814  33.09075   
39 'point symmetry operation' ?     ?     0.62559682  0.13768145  -0.76790132 -8.49233   -0.38919358 -0.79799340 -0.46014658 -249.42108 -0.67613384 0.58672850  -0.44563739 26.56860   
40 'point symmetry operation' ?     ?     0.92752405  0.13670327  0.34786685  29.92077   0.37072549  -0.45490725 -0.80970488 -217.57897 0.04755785  0.87998386  -0.47261680 63.17405   
41 'point symmetry operation' ?     ?     -0.25475504 -0.90503719 -0.34059882 -128.48786 -0.01070192 0.35483725  -0.93486683 -116.35696 0.96694640  -0.23451697 -0.10008221 -69.49914  
42 'point symmetry operation' ?     ?     0.33195018  -0.63014446 -0.70194517 -105.78181 0.79106584  0.59131194  -0.15673231 -59.21116  0.51383256  -0.50325753 0.69477187  -76.44447  
43 'point symmetry operation' ?     ?     0.85699070  -0.47428541 -0.20154472 -68.54783  0.37821632  0.31322763  0.87111472  -59.30500  -0.35002762 -0.82276473 0.44781565  -125.87187 
44 'point symmetry operation' ?     ?     0.59477838  -0.65285193 0.46906611  -68.24202  -0.67870649 -0.09511261 0.72822462  -116.50879 -0.43080874 -0.75149047 -0.49966577 -149.47435 
45 'point symmetry operation' ?     ?     -0.09231827 -0.91907118 0.38312596  -105.28699 -0.91907118 -0.06939646 -0.38793336 -151.76885 0.38312596  -0.38793336 -0.83828527 -114.63409 
46 'point symmetry operation' ?     ?     -0.07799063 -0.99689651 0.01071512  -128.36014 0.07364844  0.00495739  0.99727194  -94.75101  -0.99423004 0.07856702  0.07303324  -21.20931  
47 'point symmetry operation' ?     ?     0.09861419  -0.87251703 -0.47852824 -129.33763 -0.87251703 -0.30704885 0.38004609  -156.00728 -0.47852824 0.38004609  -0.79156534 -12.48234  
48 'point symmetry operation' ?     ?     0.59477838  -0.67870649 -0.43080874 -102.88125 -0.65285193 -0.09511261 -0.75149047 -167.96194 0.46906611  0.72822462  -0.49966577 42.16737   
49 'point symmetry operation' ?     ?     0.72481989  -0.68330446 0.08792687  -85.55282  0.42907403  0.34787742  -0.83359269 -114.09406 0.53900983  0.64193170  0.54533667  67.21578   
50 'point symmetry operation' ?     ?     0.30902577  -0.87995670 0.36080363  -101.29964 0.87807595  0.40972408  0.24720192  -68.84722  -0.36535693 0.24042123  0.89928413  28.04684   
51 'point symmetry operation' ?     ?     0.04089816  0.94549315  0.32306352  134.91186  -0.28566447 -0.29877271 0.91056613  -136.96170 0.95745661  -0.12952825 0.25787455  -43.40103  
52 'point symmetry operation' ?     ?     -0.40812988 0.74261659  0.53099019  116.12496  -0.89663693 -0.43544619 -0.08017993 -188.67628 0.17167472  -0.50882924 0.84357607  -71.72240  
53 'point symmetry operation' ?     ?     -0.74897713 0.64982696  0.12945337  90.37872   -0.22852932 -0.06995923 -0.97102011 -172.66254 -0.62193858 -0.75685575 0.20090238  -125.66808 
54 'point symmetry operation' ?     ?     -0.51060427 0.79535636  -0.32663669 93.25357   0.79535636  0.29259760  -0.53084357 -111.05093 -0.32663669 -0.53084357 -0.78199333 -130.68698 
55 'point symmetry operation' ?     ?     -0.02243449 0.97808811  -0.20697905 120.77656  0.76004489  0.15118311  0.63204068  -88.98659  0.64948322  -0.14313385 -0.74678260 -79.84315  
56 'point symmetry operation' ?     ?     0.29184750  0.95644055  0.00682017  125.14181  0.22271795  -0.06102193 -0.97297124 -171.93015 -0.93017297 0.28547820  -0.23082558 -4.92383   
57 'point symmetry operation' ?     ?     -0.02243449 0.76004489  0.64948322  122.20015  0.97808811  0.15118311  -0.14313385 -116.10511 -0.20697905 0.63204068  -0.74678260 21.61589   
58 'point symmetry operation' ?     ?     -0.70279196 0.50316493  0.50290009  84.25603   0.50316493  -0.14815578 0.85139586  -120.07035 0.50290009  0.85139586  -0.14905226 70.33925   
59 'point symmetry operation' ?     ?     -0.80899400 0.54080003  -0.23035629 63.74694   -0.54572391 -0.54536241 0.63621164  -178.34604 0.21843561  0.64040234  0.73632243  73.91223   
60 'point symmetry operation' ?     ?     -0.19427300 0.82093976  -0.53695055 89.01574   -0.71904967 -0.49151073 -0.49130923 -210.39716 -0.66725225 0.29064599  0.68578374  27.39708  
# 
_struct_biol.id                    1 
_struct_biol.pdbx_parent_biol_id   ? 
_struct_biol.details               ? 
# 
_pdbx_point_symmetry.entry_id             1M11 
_pdbx_point_symmetry.Schoenflies_symbol   I 
_pdbx_point_symmetry.H-M_notation         532 
_pdbx_point_symmetry.circular_symmetry    ? 
# 
_em_3d_fitting.id                1 
_em_3d_fitting.entry_id          1M11 
_em_3d_fitting.ref_protocol      ? 
_em_3d_fitting.ref_space         REAL 
_em_3d_fitting.overall_b_value   ? 
_em_3d_fitting.target_criteria   ? 
_em_3d_fitting.details           ? 
_em_3d_fitting.method            ? 
# 
loop_
_em_3d_fitting_list.3d_fitting_id 
_em_3d_fitting_list.id 
_em_3d_fitting_list.pdb_entry_id 
_em_3d_fitting_list.pdb_chain_id 
_em_3d_fitting_list.details 
_em_3d_fitting_list.initial_refinement_model_id 
_em_3d_fitting_list.chain_id 
_em_3d_fitting_list.chain_residue_range 
_em_3d_fitting_list.pdb_chain_residue_range 
_em_3d_fitting_list.source_name 
_em_3d_fitting_list.type 
_em_3d_fitting_list.accession_code 
1 1 1G40 ? ? 1 ? ? ? PDB 'experimental model' 1G40 
1 2 1COV ? ? 2 ? ? ? PDB 'experimental model' 1COV 
1 3 1EV1 ? ? 3 ? ? ? PDB 'experimental model' 1EV1 
# 
_em_3d_reconstruction.entry_id                    1M11 
_em_3d_reconstruction.id                          1 
_em_3d_reconstruction.symmetry_type               POINT 
_em_3d_reconstruction.image_processing_id         1 
_em_3d_reconstruction.method                      PFT 
_em_3d_reconstruction.nominal_pixel_size          3.11 
_em_3d_reconstruction.actual_pixel_size           ? 
_em_3d_reconstruction.resolution                  16.0 
_em_3d_reconstruction.magnification_calibration   ? 
_em_3d_reconstruction.details                     
;The echovirus 7 structure is unknown, the model used here is from coxsackievirus B3 (1COV) and echovirus 1 (1EV1).The DAF receptor model is from 1g40.  Only CA coordinates are presented in the entry.
;
_em_3d_reconstruction.resolution_method           ? 
_em_3d_reconstruction.num_class_averages          ? 
_em_3d_reconstruction.num_particles               ? 
_em_3d_reconstruction.algorithm                   ? 
# 
_em_buffer.id            1 
_em_buffer.specimen_id   1 
_em_buffer.name          'tris buffer pH7.5' 
_em_buffer.pH            7.5 
_em_buffer.details       'tris buffer pH7.5' 
# 
_em_entity_assembly.id                   1 
_em_entity_assembly.name                 'human decay-accelerating factor, HUMAN ECHOVIRUS 7 COAT PROTEINS' 
_em_entity_assembly.type                 VIRUS 
_em_entity_assembly.parent_id            0 
_em_entity_assembly.synonym              ? 
_em_entity_assembly.details              'This structure is modeled based on cryo-EM density at 16A resolution.' 
_em_entity_assembly.oligomeric_details   ? 
# 
_em_imaging.entry_id                        1M11 
_em_imaging.id                              1 
_em_imaging.illumination_mode               'FLOOD BEAM' 
_em_imaging.specimen_id                     1 
_em_imaging.date                            2001-09-10 
_em_imaging.temperature                     120 
_em_imaging.microscope_model                'FEI/PHILIPS CM300FEG/T' 
_em_imaging.nominal_defocus_min             1800 
_em_imaging.nominal_defocus_max             4200 
_em_imaging.tilt_angle_min                  ? 
_em_imaging.tilt_angle_max                  ? 
_em_imaging.nominal_cs                      ? 
_em_imaging.mode                            'BRIGHT FIELD' 
_em_imaging.nominal_magnification           45000 
_em_imaging.calibrated_magnification        ? 
_em_imaging.electron_source                 'FIELD EMISSION GUN' 
_em_imaging.accelerating_voltage            300 
_em_imaging.details                         ? 
_em_imaging.specimen_holder_type            ? 
_em_imaging.specimen_holder_model           ? 
_em_imaging.citation_id                     ? 
_em_imaging.detector_distance               ? 
_em_imaging.recording_temperature_maximum   ? 
_em_imaging.recording_temperature_minimum   ? 
_em_imaging.astigmatism                     ? 
_em_imaging.electron_beam_tilt_params       ? 
# 
_em_vitrification.entry_id              1M11 
_em_vitrification.id                    1 
_em_vitrification.details               
;SAMPLES WERE PREPARED AS THIN LAYERS OF VITREOUS ICE AND MAINTAINED AT NEAR               
LIQUID NITROGEN TEMPERATURE IN THE ELECTRON MICROSCOPE              
WITH A GATAN 626 CRYOTRANSFER HOLDER
;
_em_vitrification.citation_id           ? 
_em_vitrification.cryogen_name          ? 
_em_vitrification.humidity              ? 
_em_vitrification.instrument            ? 
_em_vitrification.method                ? 
_em_vitrification.specimen_id           1 
_em_vitrification.temp                  ? 
_em_vitrification.time_resolved_state   ? 
# 
_em_experiment.entry_id                1M11 
_em_experiment.id                      1 
_em_experiment.aggregation_state       PARTICLE 
_em_experiment.entity_assembly_id      1 
_em_experiment.reconstruction_method   'SINGLE PARTICLE' 
# 
_em_single_particle_entity.entry_id              1M11 
_em_single_particle_entity.id                    1 
_em_single_particle_entity.point_symmetry        I 
_em_single_particle_entity.image_processing_id   1 
# 
loop_
_chem_comp_atom.comp_id 
_chem_comp_atom.atom_id 
_chem_comp_atom.type_symbol 
_chem_comp_atom.pdbx_aromatic_flag 
_chem_comp_atom.pdbx_stereo_config 
_chem_comp_atom.pdbx_ordinal 
ALA N    N N N 1   
ALA CA   C N S 2   
ALA C    C N N 3   
ALA O    O N N 4   
ALA CB   C N N 5   
ALA OXT  O N N 6   
ALA H    H N N 7   
ALA H2   H N N 8   
ALA HA   H N N 9   
ALA HB1  H N N 10  
ALA HB2  H N N 11  
ALA HB3  H N N 12  
ALA HXT  H N N 13  
ARG N    N N N 14  
ARG CA   C N S 15  
ARG C    C N N 16  
ARG O    O N N 17  
ARG CB   C N N 18  
ARG CG   C N N 19  
ARG CD   C N N 20  
ARG NE   N N N 21  
ARG CZ   C N N 22  
ARG NH1  N N N 23  
ARG NH2  N N N 24  
ARG OXT  O N N 25  
ARG H    H N N 26  
ARG H2   H N N 27  
ARG HA   H N N 28  
ARG HB2  H N N 29  
ARG HB3  H N N 30  
ARG HG2  H N N 31  
ARG HG3  H N N 32  
ARG HD2  H N N 33  
ARG HD3  H N N 34  
ARG HE   H N N 35  
ARG HH11 H N N 36  
ARG HH12 H N N 37  
ARG HH21 H N N 38  
ARG HH22 H N N 39  
ARG HXT  H N N 40  
ASN N    N N N 41  
ASN CA   C N S 42  
ASN C    C N N 43  
ASN O    O N N 44  
ASN CB   C N N 45  
ASN CG   C N N 46  
ASN OD1  O N N 47  
ASN ND2  N N N 48  
ASN OXT  O N N 49  
ASN H    H N N 50  
ASN H2   H N N 51  
ASN HA   H N N 52  
ASN HB2  H N N 53  
ASN HB3  H N N 54  
ASN HD21 H N N 55  
ASN HD22 H N N 56  
ASN HXT  H N N 57  
ASP N    N N N 58  
ASP CA   C N S 59  
ASP C    C N N 60  
ASP O    O N N 61  
ASP CB   C N N 62  
ASP CG   C N N 63  
ASP OD1  O N N 64  
ASP OD2  O N N 65  
ASP OXT  O N N 66  
ASP H    H N N 67  
ASP H2   H N N 68  
ASP HA   H N N 69  
ASP HB2  H N N 70  
ASP HB3  H N N 71  
ASP HD2  H N N 72  
ASP HXT  H N N 73  
CYS N    N N N 74  
CYS CA   C N R 75  
CYS C    C N N 76  
CYS O    O N N 77  
CYS CB   C N N 78  
CYS SG   S N N 79  
CYS OXT  O N N 80  
CYS H    H N N 81  
CYS H2   H N N 82  
CYS HA   H N N 83  
CYS HB2  H N N 84  
CYS HB3  H N N 85  
CYS HG   H N N 86  
CYS HXT  H N N 87  
GLN N    N N N 88  
GLN CA   C N S 89  
GLN C    C N N 90  
GLN O    O N N 91  
GLN CB   C N N 92  
GLN CG   C N N 93  
GLN CD   C N N 94  
GLN OE1  O N N 95  
GLN NE2  N N N 96  
GLN OXT  O N N 97  
GLN H    H N N 98  
GLN H2   H N N 99  
GLN HA   H N N 100 
GLN HB2  H N N 101 
GLN HB3  H N N 102 
GLN HG2  H N N 103 
GLN HG3  H N N 104 
GLN HE21 H N N 105 
GLN HE22 H N N 106 
GLN HXT  H N N 107 
GLU N    N N N 108 
GLU CA   C N S 109 
GLU C    C N N 110 
GLU O    O N N 111 
GLU CB   C N N 112 
GLU CG   C N N 113 
GLU CD   C N N 114 
GLU OE1  O N N 115 
GLU OE2  O N N 116 
GLU OXT  O N N 117 
GLU H    H N N 118 
GLU H2   H N N 119 
GLU HA   H N N 120 
GLU HB2  H N N 121 
GLU HB3  H N N 122 
GLU HG2  H N N 123 
GLU HG3  H N N 124 
GLU HE2  H N N 125 
GLU HXT  H N N 126 
GLY N    N N N 127 
GLY CA   C N N 128 
GLY C    C N N 129 
GLY O    O N N 130 
GLY OXT  O N N 131 
GLY H    H N N 132 
GLY H2   H N N 133 
GLY HA2  H N N 134 
GLY HA3  H N N 135 
GLY HXT  H N N 136 
HIS N    N N N 137 
HIS CA   C N S 138 
HIS C    C N N 139 
HIS O    O N N 140 
HIS CB   C N N 141 
HIS CG   C Y N 142 
HIS ND1  N Y N 143 
HIS CD2  C Y N 144 
HIS CE1  C Y N 145 
HIS NE2  N Y N 146 
HIS OXT  O N N 147 
HIS H    H N N 148 
HIS H2   H N N 149 
HIS HA   H N N 150 
HIS HB2  H N N 151 
HIS HB3  H N N 152 
HIS HD1  H N N 153 
HIS HD2  H N N 154 
HIS HE1  H N N 155 
HIS HE2  H N N 156 
HIS HXT  H N N 157 
ILE N    N N N 158 
ILE CA   C N S 159 
ILE C    C N N 160 
ILE O    O N N 161 
ILE CB   C N S 162 
ILE CG1  C N N 163 
ILE CG2  C N N 164 
ILE CD1  C N N 165 
ILE OXT  O N N 166 
ILE H    H N N 167 
ILE H2   H N N 168 
ILE HA   H N N 169 
ILE HB   H N N 170 
ILE HG12 H N N 171 
ILE HG13 H N N 172 
ILE HG21 H N N 173 
ILE HG22 H N N 174 
ILE HG23 H N N 175 
ILE HD11 H N N 176 
ILE HD12 H N N 177 
ILE HD13 H N N 178 
ILE HXT  H N N 179 
LEU N    N N N 180 
LEU CA   C N S 181 
LEU C    C N N 182 
LEU O    O N N 183 
LEU CB   C N N 184 
LEU CG   C N N 185 
LEU CD1  C N N 186 
LEU CD2  C N N 187 
LEU OXT  O N N 188 
LEU H    H N N 189 
LEU H2   H N N 190 
LEU HA   H N N 191 
LEU HB2  H N N 192 
LEU HB3  H N N 193 
LEU HG   H N N 194 
LEU HD11 H N N 195 
LEU HD12 H N N 196 
LEU HD13 H N N 197 
LEU HD21 H N N 198 
LEU HD22 H N N 199 
LEU HD23 H N N 200 
LEU HXT  H N N 201 
LYS N    N N N 202 
LYS CA   C N S 203 
LYS C    C N N 204 
LYS O    O N N 205 
LYS CB   C N N 206 
LYS CG   C N N 207 
LYS CD   C N N 208 
LYS CE   C N N 209 
LYS NZ   N N N 210 
LYS OXT  O N N 211 
LYS H    H N N 212 
LYS H2   H N N 213 
LYS HA   H N N 214 
LYS HB2  H N N 215 
LYS HB3  H N N 216 
LYS HG2  H N N 217 
LYS HG3  H N N 218 
LYS HD2  H N N 219 
LYS HD3  H N N 220 
LYS HE2  H N N 221 
LYS HE3  H N N 222 
LYS HZ1  H N N 223 
LYS HZ2  H N N 224 
LYS HZ3  H N N 225 
LYS HXT  H N N 226 
MET N    N N N 227 
MET CA   C N S 228 
MET C    C N N 229 
MET O    O N N 230 
MET CB   C N N 231 
MET CG   C N N 232 
MET SD   S N N 233 
MET CE   C N N 234 
MET OXT  O N N 235 
MET H    H N N 236 
MET H2   H N N 237 
MET HA   H N N 238 
MET HB2  H N N 239 
MET HB3  H N N 240 
MET HG2  H N N 241 
MET HG3  H N N 242 
MET HE1  H N N 243 
MET HE2  H N N 244 
MET HE3  H N N 245 
MET HXT  H N N 246 
PHE N    N N N 247 
PHE CA   C N S 248 
PHE C    C N N 249 
PHE O    O N N 250 
PHE CB   C N N 251 
PHE CG   C Y N 252 
PHE CD1  C Y N 253 
PHE CD2  C Y N 254 
PHE CE1  C Y N 255 
PHE CE2  C Y N 256 
PHE CZ   C Y N 257 
PHE OXT  O N N 258 
PHE H    H N N 259 
PHE H2   H N N 260 
PHE HA   H N N 261 
PHE HB2  H N N 262 
PHE HB3  H N N 263 
PHE HD1  H N N 264 
PHE HD2  H N N 265 
PHE HE1  H N N 266 
PHE HE2  H N N 267 
PHE HZ   H N N 268 
PHE HXT  H N N 269 
PRO N    N N N 270 
PRO CA   C N S 271 
PRO C    C N N 272 
PRO O    O N N 273 
PRO CB   C N N 274 
PRO CG   C N N 275 
PRO CD   C N N 276 
PRO OXT  O N N 277 
PRO H    H N N 278 
PRO HA   H N N 279 
PRO HB2  H N N 280 
PRO HB3  H N N 281 
PRO HG2  H N N 282 
PRO HG3  H N N 283 
PRO HD2  H N N 284 
PRO HD3  H N N 285 
PRO HXT  H N N 286 
SER N    N N N 287 
SER CA   C N S 288 
SER C    C N N 289 
SER O    O N N 290 
SER CB   C N N 291 
SER OG   O N N 292 
SER OXT  O N N 293 
SER H    H N N 294 
SER H2   H N N 295 
SER HA   H N N 296 
SER HB2  H N N 297 
SER HB3  H N N 298 
SER HG   H N N 299 
SER HXT  H N N 300 
THR N    N N N 301 
THR CA   C N S 302 
THR C    C N N 303 
THR O    O N N 304 
THR CB   C N R 305 
THR OG1  O N N 306 
THR CG2  C N N 307 
THR OXT  O N N 308 
THR H    H N N 309 
THR H2   H N N 310 
THR HA   H N N 311 
THR HB   H N N 312 
THR HG1  H N N 313 
THR HG21 H N N 314 
THR HG22 H N N 315 
THR HG23 H N N 316 
THR HXT  H N N 317 
TRP N    N N N 318 
TRP CA   C N S 319 
TRP C    C N N 320 
TRP O    O N N 321 
TRP CB   C N N 322 
TRP CG   C Y N 323 
TRP CD1  C Y N 324 
TRP CD2  C Y N 325 
TRP NE1  N Y N 326 
TRP CE2  C Y N 327 
TRP CE3  C Y N 328 
TRP CZ2  C Y N 329 
TRP CZ3  C Y N 330 
TRP CH2  C Y N 331 
TRP OXT  O N N 332 
TRP H    H N N 333 
TRP H2   H N N 334 
TRP HA   H N N 335 
TRP HB2  H N N 336 
TRP HB3  H N N 337 
TRP HD1  H N N 338 
TRP HE1  H N N 339 
TRP HE3  H N N 340 
TRP HZ2  H N N 341 
TRP HZ3  H N N 342 
TRP HH2  H N N 343 
TRP HXT  H N N 344 
TYR N    N N N 345 
TYR CA   C N S 346 
TYR C    C N N 347 
TYR O    O N N 348 
TYR CB   C N N 349 
TYR CG   C Y N 350 
TYR CD1  C Y N 351 
TYR CD2  C Y N 352 
TYR CE1  C Y N 353 
TYR CE2  C Y N 354 
TYR CZ   C Y N 355 
TYR OH   O N N 356 
TYR OXT  O N N 357 
TYR H    H N N 358 
TYR H2   H N N 359 
TYR HA   H N N 360 
TYR HB2  H N N 361 
TYR HB3  H N N 362 
TYR HD1  H N N 363 
TYR HD2  H N N 364 
TYR HE1  H N N 365 
TYR HE2  H N N 366 
TYR HH   H N N 367 
TYR HXT  H N N 368 
VAL N    N N N 369 
VAL CA   C N S 370 
VAL C    C N N 371 
VAL O    O N N 372 
VAL CB   C N N 373 
VAL CG1  C N N 374 
VAL CG2  C N N 375 
VAL OXT  O N N 376 
VAL H    H N N 377 
VAL H2   H N N 378 
VAL HA   H N N 379 
VAL HB   H N N 380 
VAL HG11 H N N 381 
VAL HG12 H N N 382 
VAL HG13 H N N 383 
VAL HG21 H N N 384 
VAL HG22 H N N 385 
VAL HG23 H N N 386 
VAL HXT  H N N 387 
# 
loop_
_chem_comp_bond.comp_id 
_chem_comp_bond.atom_id_1 
_chem_comp_bond.atom_id_2 
_chem_comp_bond.value_order 
_chem_comp_bond.pdbx_aromatic_flag 
_chem_comp_bond.pdbx_stereo_config 
_chem_comp_bond.pdbx_ordinal 
ALA N   CA   sing N N 1   
ALA N   H    sing N N 2   
ALA N   H2   sing N N 3   
ALA CA  C    sing N N 4   
ALA CA  CB   sing N N 5   
ALA CA  HA   sing N N 6   
ALA C   O    doub N N 7   
ALA C   OXT  sing N N 8   
ALA CB  HB1  sing N N 9   
ALA CB  HB2  sing N N 10  
ALA CB  HB3  sing N N 11  
ALA OXT HXT  sing N N 12  
ARG N   CA   sing N N 13  
ARG N   H    sing N N 14  
ARG N   H2   sing N N 15  
ARG CA  C    sing N N 16  
ARG CA  CB   sing N N 17  
ARG CA  HA   sing N N 18  
ARG C   O    doub N N 19  
ARG C   OXT  sing N N 20  
ARG CB  CG   sing N N 21  
ARG CB  HB2  sing N N 22  
ARG CB  HB3  sing N N 23  
ARG CG  CD   sing N N 24  
ARG CG  HG2  sing N N 25  
ARG CG  HG3  sing N N 26  
ARG CD  NE   sing N N 27  
ARG CD  HD2  sing N N 28  
ARG CD  HD3  sing N N 29  
ARG NE  CZ   sing N N 30  
ARG NE  HE   sing N N 31  
ARG CZ  NH1  sing N N 32  
ARG CZ  NH2  doub N N 33  
ARG NH1 HH11 sing N N 34  
ARG NH1 HH12 sing N N 35  
ARG NH2 HH21 sing N N 36  
ARG NH2 HH22 sing N N 37  
ARG OXT HXT  sing N N 38  
ASN N   CA   sing N N 39  
ASN N   H    sing N N 40  
ASN N   H2   sing N N 41  
ASN CA  C    sing N N 42  
ASN CA  CB   sing N N 43  
ASN CA  HA   sing N N 44  
ASN C   O    doub N N 45  
ASN C   OXT  sing N N 46  
ASN CB  CG   sing N N 47  
ASN CB  HB2  sing N N 48  
ASN CB  HB3  sing N N 49  
ASN CG  OD1  doub N N 50  
ASN CG  ND2  sing N N 51  
ASN ND2 HD21 sing N N 52  
ASN ND2 HD22 sing N N 53  
ASN OXT HXT  sing N N 54  
ASP N   CA   sing N N 55  
ASP N   H    sing N N 56  
ASP N   H2   sing N N 57  
ASP CA  C    sing N N 58  
ASP CA  CB   sing N N 59  
ASP CA  HA   sing N N 60  
ASP C   O    doub N N 61  
ASP C   OXT  sing N N 62  
ASP CB  CG   sing N N 63  
ASP CB  HB2  sing N N 64  
ASP CB  HB3  sing N N 65  
ASP CG  OD1  doub N N 66  
ASP CG  OD2  sing N N 67  
ASP OD2 HD2  sing N N 68  
ASP OXT HXT  sing N N 69  
CYS N   CA   sing N N 70  
CYS N   H    sing N N 71  
CYS N   H2   sing N N 72  
CYS CA  C    sing N N 73  
CYS CA  CB   sing N N 74  
CYS CA  HA   sing N N 75  
CYS C   O    doub N N 76  
CYS C   OXT  sing N N 77  
CYS CB  SG   sing N N 78  
CYS CB  HB2  sing N N 79  
CYS CB  HB3  sing N N 80  
CYS SG  HG   sing N N 81  
CYS OXT HXT  sing N N 82  
GLN N   CA   sing N N 83  
GLN N   H    sing N N 84  
GLN N   H2   sing N N 85  
GLN CA  C    sing N N 86  
GLN CA  CB   sing N N 87  
GLN CA  HA   sing N N 88  
GLN C   O    doub N N 89  
GLN C   OXT  sing N N 90  
GLN CB  CG   sing N N 91  
GLN CB  HB2  sing N N 92  
GLN CB  HB3  sing N N 93  
GLN CG  CD   sing N N 94  
GLN CG  HG2  sing N N 95  
GLN CG  HG3  sing N N 96  
GLN CD  OE1  doub N N 97  
GLN CD  NE2  sing N N 98  
GLN NE2 HE21 sing N N 99  
GLN NE2 HE22 sing N N 100 
GLN OXT HXT  sing N N 101 
GLU N   CA   sing N N 102 
GLU N   H    sing N N 103 
GLU N   H2   sing N N 104 
GLU CA  C    sing N N 105 
GLU CA  CB   sing N N 106 
GLU CA  HA   sing N N 107 
GLU C   O    doub N N 108 
GLU C   OXT  sing N N 109 
GLU CB  CG   sing N N 110 
GLU CB  HB2  sing N N 111 
GLU CB  HB3  sing N N 112 
GLU CG  CD   sing N N 113 
GLU CG  HG2  sing N N 114 
GLU CG  HG3  sing N N 115 
GLU CD  OE1  doub N N 116 
GLU CD  OE2  sing N N 117 
GLU OE2 HE2  sing N N 118 
GLU OXT HXT  sing N N 119 
GLY N   CA   sing N N 120 
GLY N   H    sing N N 121 
GLY N   H2   sing N N 122 
GLY CA  C    sing N N 123 
GLY CA  HA2  sing N N 124 
GLY CA  HA3  sing N N 125 
GLY C   O    doub N N 126 
GLY C   OXT  sing N N 127 
GLY OXT HXT  sing N N 128 
HIS N   CA   sing N N 129 
HIS N   H    sing N N 130 
HIS N   H2   sing N N 131 
HIS CA  C    sing N N 132 
HIS CA  CB   sing N N 133 
HIS CA  HA   sing N N 134 
HIS C   O    doub N N 135 
HIS C   OXT  sing N N 136 
HIS CB  CG   sing N N 137 
HIS CB  HB2  sing N N 138 
HIS CB  HB3  sing N N 139 
HIS CG  ND1  sing Y N 140 
HIS CG  CD2  doub Y N 141 
HIS ND1 CE1  doub Y N 142 
HIS ND1 HD1  sing N N 143 
HIS CD2 NE2  sing Y N 144 
HIS CD2 HD2  sing N N 145 
HIS CE1 NE2  sing Y N 146 
HIS CE1 HE1  sing N N 147 
HIS NE2 HE2  sing N N 148 
HIS OXT HXT  sing N N 149 
ILE N   CA   sing N N 150 
ILE N   H    sing N N 151 
ILE N   H2   sing N N 152 
ILE CA  C    sing N N 153 
ILE CA  CB   sing N N 154 
ILE CA  HA   sing N N 155 
ILE C   O    doub N N 156 
ILE C   OXT  sing N N 157 
ILE CB  CG1  sing N N 158 
ILE CB  CG2  sing N N 159 
ILE CB  HB   sing N N 160 
ILE CG1 CD1  sing N N 161 
ILE CG1 HG12 sing N N 162 
ILE CG1 HG13 sing N N 163 
ILE CG2 HG21 sing N N 164 
ILE CG2 HG22 sing N N 165 
ILE CG2 HG23 sing N N 166 
ILE CD1 HD11 sing N N 167 
ILE CD1 HD12 sing N N 168 
ILE CD1 HD13 sing N N 169 
ILE OXT HXT  sing N N 170 
LEU N   CA   sing N N 171 
LEU N   H    sing N N 172 
LEU N   H2   sing N N 173 
LEU CA  C    sing N N 174 
LEU CA  CB   sing N N 175 
LEU CA  HA   sing N N 176 
LEU C   O    doub N N 177 
LEU C   OXT  sing N N 178 
LEU CB  CG   sing N N 179 
LEU CB  HB2  sing N N 180 
LEU CB  HB3  sing N N 181 
LEU CG  CD1  sing N N 182 
LEU CG  CD2  sing N N 183 
LEU CG  HG   sing N N 184 
LEU CD1 HD11 sing N N 185 
LEU CD1 HD12 sing N N 186 
LEU CD1 HD13 sing N N 187 
LEU CD2 HD21 sing N N 188 
LEU CD2 HD22 sing N N 189 
LEU CD2 HD23 sing N N 190 
LEU OXT HXT  sing N N 191 
LYS N   CA   sing N N 192 
LYS N   H    sing N N 193 
LYS N   H2   sing N N 194 
LYS CA  C    sing N N 195 
LYS CA  CB   sing N N 196 
LYS CA  HA   sing N N 197 
LYS C   O    doub N N 198 
LYS C   OXT  sing N N 199 
LYS CB  CG   sing N N 200 
LYS CB  HB2  sing N N 201 
LYS CB  HB3  sing N N 202 
LYS CG  CD   sing N N 203 
LYS CG  HG2  sing N N 204 
LYS CG  HG3  sing N N 205 
LYS CD  CE   sing N N 206 
LYS CD  HD2  sing N N 207 
LYS CD  HD3  sing N N 208 
LYS CE  NZ   sing N N 209 
LYS CE  HE2  sing N N 210 
LYS CE  HE3  sing N N 211 
LYS NZ  HZ1  sing N N 212 
LYS NZ  HZ2  sing N N 213 
LYS NZ  HZ3  sing N N 214 
LYS OXT HXT  sing N N 215 
MET N   CA   sing N N 216 
MET N   H    sing N N 217 
MET N   H2   sing N N 218 
MET CA  C    sing N N 219 
MET CA  CB   sing N N 220 
MET CA  HA   sing N N 221 
MET C   O    doub N N 222 
MET C   OXT  sing N N 223 
MET CB  CG   sing N N 224 
MET CB  HB2  sing N N 225 
MET CB  HB3  sing N N 226 
MET CG  SD   sing N N 227 
MET CG  HG2  sing N N 228 
MET CG  HG3  sing N N 229 
MET SD  CE   sing N N 230 
MET CE  HE1  sing N N 231 
MET CE  HE2  sing N N 232 
MET CE  HE3  sing N N 233 
MET OXT HXT  sing N N 234 
PHE N   CA   sing N N 235 
PHE N   H    sing N N 236 
PHE N   H2   sing N N 237 
PHE CA  C    sing N N 238 
PHE CA  CB   sing N N 239 
PHE CA  HA   sing N N 240 
PHE C   O    doub N N 241 
PHE C   OXT  sing N N 242 
PHE CB  CG   sing N N 243 
PHE CB  HB2  sing N N 244 
PHE CB  HB3  sing N N 245 
PHE CG  CD1  doub Y N 246 
PHE CG  CD2  sing Y N 247 
PHE CD1 CE1  sing Y N 248 
PHE CD1 HD1  sing N N 249 
PHE CD2 CE2  doub Y N 250 
PHE CD2 HD2  sing N N 251 
PHE CE1 CZ   doub Y N 252 
PHE CE1 HE1  sing N N 253 
PHE CE2 CZ   sing Y N 254 
PHE CE2 HE2  sing N N 255 
PHE CZ  HZ   sing N N 256 
PHE OXT HXT  sing N N 257 
PRO N   CA   sing N N 258 
PRO N   CD   sing N N 259 
PRO N   H    sing N N 260 
PRO CA  C    sing N N 261 
PRO CA  CB   sing N N 262 
PRO CA  HA   sing N N 263 
PRO C   O    doub N N 264 
PRO C   OXT  sing N N 265 
PRO CB  CG   sing N N 266 
PRO CB  HB2  sing N N 267 
PRO CB  HB3  sing N N 268 
PRO CG  CD   sing N N 269 
PRO CG  HG2  sing N N 270 
PRO CG  HG3  sing N N 271 
PRO CD  HD2  sing N N 272 
PRO CD  HD3  sing N N 273 
PRO OXT HXT  sing N N 274 
SER N   CA   sing N N 275 
SER N   H    sing N N 276 
SER N   H2   sing N N 277 
SER CA  C    sing N N 278 
SER CA  CB   sing N N 279 
SER CA  HA   sing N N 280 
SER C   O    doub N N 281 
SER C   OXT  sing N N 282 
SER CB  OG   sing N N 283 
SER CB  HB2  sing N N 284 
SER CB  HB3  sing N N 285 
SER OG  HG   sing N N 286 
SER OXT HXT  sing N N 287 
THR N   CA   sing N N 288 
THR N   H    sing N N 289 
THR N   H2   sing N N 290 
THR CA  C    sing N N 291 
THR CA  CB   sing N N 292 
THR CA  HA   sing N N 293 
THR C   O    doub N N 294 
THR C   OXT  sing N N 295 
THR CB  OG1  sing N N 296 
THR CB  CG2  sing N N 297 
THR CB  HB   sing N N 298 
THR OG1 HG1  sing N N 299 
THR CG2 HG21 sing N N 300 
THR CG2 HG22 sing N N 301 
THR CG2 HG23 sing N N 302 
THR OXT HXT  sing N N 303 
TRP N   CA   sing N N 304 
TRP N   H    sing N N 305 
TRP N   H2   sing N N 306 
TRP CA  C    sing N N 307 
TRP CA  CB   sing N N 308 
TRP CA  HA   sing N N 309 
TRP C   O    doub N N 310 
TRP C   OXT  sing N N 311 
TRP CB  CG   sing N N 312 
TRP CB  HB2  sing N N 313 
TRP CB  HB3  sing N N 314 
TRP CG  CD1  doub Y N 315 
TRP CG  CD2  sing Y N 316 
TRP CD1 NE1  sing Y N 317 
TRP CD1 HD1  sing N N 318 
TRP CD2 CE2  doub Y N 319 
TRP CD2 CE3  sing Y N 320 
TRP NE1 CE2  sing Y N 321 
TRP NE1 HE1  sing N N 322 
TRP CE2 CZ2  sing Y N 323 
TRP CE3 CZ3  doub Y N 324 
TRP CE3 HE3  sing N N 325 
TRP CZ2 CH2  doub Y N 326 
TRP CZ2 HZ2  sing N N 327 
TRP CZ3 CH2  sing Y N 328 
TRP CZ3 HZ3  sing N N 329 
TRP CH2 HH2  sing N N 330 
TRP OXT HXT  sing N N 331 
TYR N   CA   sing N N 332 
TYR N   H    sing N N 333 
TYR N   H2   sing N N 334 
TYR CA  C    sing N N 335 
TYR CA  CB   sing N N 336 
TYR CA  HA   sing N N 337 
TYR C   O    doub N N 338 
TYR C   OXT  sing N N 339 
TYR CB  CG   sing N N 340 
TYR CB  HB2  sing N N 341 
TYR CB  HB3  sing N N 342 
TYR CG  CD1  doub Y N 343 
TYR CG  CD2  sing Y N 344 
TYR CD1 CE1  sing Y N 345 
TYR CD1 HD1  sing N N 346 
TYR CD2 CE2  doub Y N 347 
TYR CD2 HD2  sing N N 348 
TYR CE1 CZ   doub Y N 349 
TYR CE1 HE1  sing N N 350 
TYR CE2 CZ   sing Y N 351 
TYR CE2 HE2  sing N N 352 
TYR CZ  OH   sing N N 353 
TYR OH  HH   sing N N 354 
TYR OXT HXT  sing N N 355 
VAL N   CA   sing N N 356 
VAL N   H    sing N N 357 
VAL N   H2   sing N N 358 
VAL CA  C    sing N N 359 
VAL CA  CB   sing N N 360 
VAL CA  HA   sing N N 361 
VAL C   O    doub N N 362 
VAL C   OXT  sing N N 363 
VAL CB  CG1  sing N N 364 
VAL CB  CG2  sing N N 365 
VAL CB  HB   sing N N 366 
VAL CG1 HG11 sing N N 367 
VAL CG1 HG12 sing N N 368 
VAL CG1 HG13 sing N N 369 
VAL CG2 HG21 sing N N 370 
VAL CG2 HG22 sing N N 371 
VAL CG2 HG23 sing N N 372 
VAL OXT HXT  sing N N 373 
# 
_em_ctf_correction.id        1 
_em_ctf_correction.details   'CTF correction of each micrograph' 
_em_ctf_correction.type      . 
# 
_em_image_processing.id                   1 
_em_image_processing.image_recording_id   1 
_em_image_processing.details              ? 
# 
_em_image_recording.film_or_detector_model        . 
_em_image_recording.details                       ? 
_em_image_recording.id                            1 
_em_image_recording.avg_electron_dose_per_image   16.6 
_em_image_recording.imaging_id                    1 
_em_image_recording.detector_mode                 ? 
_em_image_recording.average_exposure_time         ? 
_em_image_recording.num_diffraction_images        ? 
_em_image_recording.num_grids_imaged              ? 
_em_image_recording.num_real_images               ? 
# 
loop_
_em_software.id 
_em_software.name 
_em_software.version 
_em_software.category 
_em_software.details 
_em_software.image_processing_id 
1 EMfit ? 'MODEL FITTING' ? ? 
2 PFT   ? RECONSTRUCTION  ? 1 
# 
_em_specimen.experiment_id           1 
_em_specimen.id                      1 
_em_specimen.concentration           8 
_em_specimen.vitrification_applied   YES 
_em_specimen.staining_applied        NO 
_em_specimen.embedding_applied       NO 
_em_specimen.shadowing_applied       NO 
_em_specimen.details                 ? 
# 
loop_
_pdbx_coordinate_model.asym_id 
_pdbx_coordinate_model.type 
A 'CA ATOMS ONLY' 
B 'CA ATOMS ONLY' 
C 'CA ATOMS ONLY' 
D 'CA ATOMS ONLY' 
# 
loop_
_pdbx_initial_refinement_model.id 
_pdbx_initial_refinement_model.type 
_pdbx_initial_refinement_model.source_name 
_pdbx_initial_refinement_model.accession_code 
1 'experimental model' PDB 1G40 
2 'experimental model' PDB 1COV 
3 'experimental model' PDB 1EV1 
# 
_atom_sites.entry_id                    1M11 
_atom_sites.fract_transf_matrix[1][1]   1.000000 
_atom_sites.fract_transf_matrix[1][2]   0.000000 
_atom_sites.fract_transf_matrix[1][3]   0.000000 
_atom_sites.fract_transf_matrix[2][1]   0.000000 
_atom_sites.fract_transf_matrix[2][2]   1.000000 
_atom_sites.fract_transf_matrix[2][3]   0.000000 
_atom_sites.fract_transf_matrix[3][1]   0.000000 
_atom_sites.fract_transf_matrix[3][2]   0.000000 
_atom_sites.fract_transf_matrix[3][3]   1.000000 
_atom_sites.fract_transf_vector[1]      0.00000 
_atom_sites.fract_transf_vector[2]      0.00000 
_atom_sites.fract_transf_vector[3]      0.00000 
# 
_atom_type.symbol   C 
# 
loop_
_atom_site.group_PDB 
_atom_site.id 
_atom_site.type_symbol 
_atom_site.label_atom_id 
_atom_site.label_alt_id 
_atom_site.label_comp_id 
_atom_site.label_asym_id 
_atom_site.label_entity_id 
_atom_site.label_seq_id 
_atom_site.pdbx_PDB_ins_code 
_atom_site.Cartn_x 
_atom_site.Cartn_y 
_atom_site.Cartn_z 
_atom_site.occupancy 
_atom_site.B_iso_or_equiv 
_atom_site.pdbx_formal_charge 
_atom_site.auth_seq_id 
_atom_site.auth_comp_id 
_atom_site.auth_asym_id 
_atom_site.auth_atom_id 
_atom_site.pdbx_PDB_model_num 
ATOM 1    C CA . ASP A 1 1   ? 31.703  54.221  -57.648 1.00 20.00 ? 1   ASP R CA 1 
ATOM 2    C CA . CYS A 1 2   ? 29.417  51.200  -57.713 1.00 20.00 ? 2   CYS R CA 1 
ATOM 3    C CA . GLY A 1 3   ? 28.766  48.767  -60.514 1.00 20.00 ? 3   GLY R CA 1 
ATOM 4    C CA . LEU A 1 4   ? 26.108  47.533  -62.956 1.00 20.00 ? 4   LEU R CA 1 
ATOM 5    C CA . PRO A 1 5   ? 23.200  45.135  -62.032 1.00 20.00 ? 5   PRO R CA 1 
ATOM 6    C CA . PRO A 1 6   ? 23.545  42.109  -59.684 1.00 20.00 ? 6   PRO R CA 1 
ATOM 7    C CA . ASP A 1 7   ? 23.049  38.441  -60.685 1.00 20.00 ? 7   ASP R CA 1 
ATOM 8    C CA . VAL A 1 8   ? 20.917  36.295  -58.552 1.00 20.00 ? 8   VAL R CA 1 
ATOM 9    C CA . PRO A 1 9   ? 18.539  33.604  -59.909 1.00 20.00 ? 9   PRO R CA 1 
ATOM 10   C CA . ASN A 1 10  ? 15.373  33.398  -57.769 1.00 20.00 ? 10  ASN R CA 1 
ATOM 11   C CA . ALA A 1 11  ? 16.666  35.893  -55.220 1.00 20.00 ? 11  ALA R CA 1 
ATOM 12   C CA . GLN A 1 12  ? 16.015  38.908  -53.018 1.00 20.00 ? 12  GLN R CA 1 
ATOM 13   C CA . PRO A 1 13  ? 15.670  42.070  -55.077 1.00 20.00 ? 13  PRO R CA 1 
ATOM 14   C CA . ALA A 1 14  ? 16.904  45.420  -53.775 1.00 20.00 ? 14  ALA R CA 1 
ATOM 15   C CA . LEU A 1 15  ? 13.369  46.614  -53.115 1.00 20.00 ? 15  LEU R CA 1 
ATOM 16   C CA . GLU A 1 16  ? 11.614  49.673  -51.558 1.00 20.00 ? 16  GLU R CA 1 
ATOM 17   C CA . GLY A 1 17  ? 13.550  52.714  -50.316 1.00 20.00 ? 17  GLY R CA 1 
ATOM 18   C CA . ARG A 1 18  ? 15.295  54.004  -53.521 1.00 20.00 ? 18  ARG R CA 1 
ATOM 19   C CA . THR A 1 19  ? 15.260  52.553  -57.010 1.00 20.00 ? 19  THR R CA 1 
ATOM 20   C CA . SER A 1 20  ? 17.679  54.703  -59.013 1.00 20.00 ? 20  SER R CA 1 
ATOM 21   C CA . PHE A 1 21  ? 19.079  53.906  -62.467 1.00 20.00 ? 21  PHE R CA 1 
ATOM 22   C CA . PRO A 1 22  ? 22.527  55.291  -61.740 1.00 20.00 ? 22  PRO R CA 1 
ATOM 23   C CA . GLU A 1 23  ? 22.586  55.293  -57.945 1.00 20.00 ? 23  GLU R CA 1 
ATOM 24   C CA . ASP A 1 24  ? 25.213  53.098  -56.434 1.00 20.00 ? 24  ASP R CA 1 
ATOM 25   C CA . THR A 1 25  ? 28.392  55.229  -56.453 1.00 20.00 ? 25  THR R CA 1 
ATOM 26   C CA . VAL A 1 26  ? 29.792  56.491  -53.165 1.00 20.00 ? 26  VAL R CA 1 
ATOM 27   C CA . ILE A 1 27  ? 29.153  57.745  -49.609 1.00 20.00 ? 27  ILE R CA 1 
ATOM 28   C CA . THR A 1 28  ? 27.434  54.656  -48.202 1.00 20.00 ? 28  THR R CA 1 
ATOM 29   C CA . TYR A 1 29  ? 24.710  53.134  -50.310 1.00 20.00 ? 29  TYR R CA 1 
ATOM 30   C CA . LYS A 1 30  ? 23.312  50.350  -48.199 1.00 20.00 ? 30  LYS R CA 1 
ATOM 31   C CA . CYS A 1 31  ? 20.679  48.610  -50.299 1.00 20.00 ? 31  CYS R CA 1 
ATOM 32   C CA . GLU A 1 32  ? 18.452  46.118  -48.552 1.00 20.00 ? 32  GLU R CA 1 
ATOM 33   C CA . GLU A 1 33  ? 17.343  42.923  -50.243 1.00 20.00 ? 33  GLU R CA 1 
ATOM 34   C CA . SER A 1 34  ? 13.783  41.645  -49.914 1.00 20.00 ? 34  SER R CA 1 
ATOM 35   C CA . PHE A 1 35  ? 13.528  37.928  -50.784 1.00 20.00 ? 35  PHE R CA 1 
ATOM 36   C CA . VAL A 1 36  ? 10.763  36.139  -52.777 1.00 20.00 ? 36  VAL R CA 1 
ATOM 37   C CA . LYS A 1 37  ? 7.568   34.338  -51.257 1.00 20.00 ? 37  LYS R CA 1 
ATOM 38   C CA . ILE A 1 38  ? 9.319   31.904  -48.926 1.00 20.00 ? 38  ILE R CA 1 
ATOM 39   C CA . PRO A 1 39  ? 13.104  32.438  -49.065 1.00 20.00 ? 39  PRO R CA 1 
ATOM 40   C CA . GLY A 1 40  ? 15.899  33.081  -46.555 1.00 20.00 ? 40  GLY R CA 1 
ATOM 41   C CA . GLU A 1 41  ? 18.987  35.279  -47.048 1.00 20.00 ? 41  GLU R CA 1 
ATOM 42   C CA . LYS A 1 42  ? 21.771  32.656  -46.966 1.00 20.00 ? 42  LYS R CA 1 
ATOM 43   C CA . ASP A 1 43  ? 24.988  31.606  -45.077 1.00 20.00 ? 43  ASP R CA 1 
ATOM 44   C CA . SER A 1 44  ? 27.986  33.952  -45.537 1.00 20.00 ? 44  SER R CA 1 
ATOM 45   C CA . VAL A 1 45  ? 27.834  37.680  -44.822 1.00 20.00 ? 45  VAL R CA 1 
ATOM 46   C CA . ILE A 1 46  ? 24.440  38.658  -43.184 1.00 20.00 ? 46  ILE R CA 1 
ATOM 47   C CA . CYS A 1 47  ? 24.411  42.308  -43.890 1.00 20.00 ? 47  CYS R CA 1 
ATOM 48   C CA . LEU A 1 48  ? 22.820  44.105  -46.826 1.00 20.00 ? 48  LEU R CA 1 
ATOM 49   C CA . LYS A 1 49  ? 24.696  45.516  -49.845 1.00 20.00 ? 49  LYS R CA 1 
ATOM 50   C CA . GLY A 1 50  ? 27.336  48.179  -49.139 1.00 20.00 ? 50  GLY R CA 1 
ATOM 51   C CA . SER A 1 51  ? 29.397  49.921  -51.814 1.00 20.00 ? 51  SER R CA 1 
ATOM 52   C CA . GLN A 1 52  ? 33.217  49.987  -51.704 1.00 20.00 ? 52  GLN R CA 1 
ATOM 53   C CA . TRP A 1 53  ? 35.818  48.447  -54.085 1.00 20.00 ? 53  TRP R CA 1 
ATOM 54   C CA . SER A 1 54  ? 36.482  45.890  -56.879 1.00 20.00 ? 54  SER R CA 1 
ATOM 55   C CA . ASP A 1 55  ? 32.947  44.491  -57.039 1.00 20.00 ? 55  ASP R CA 1 
ATOM 56   C CA . ILE A 1 56  ? 30.711  44.992  -54.009 1.00 20.00 ? 56  ILE R CA 1 
ATOM 57   C CA . GLU A 1 57  ? 31.640  44.588  -50.401 1.00 20.00 ? 57  GLU R CA 1 
ATOM 58   C CA . GLU A 1 58  ? 29.811  42.006  -48.260 1.00 20.00 ? 58  GLU R CA 1 
ATOM 59   C CA . PHE A 1 59  ? 28.645  39.916  -51.285 1.00 20.00 ? 59  PHE R CA 1 
ATOM 60   C CA . CYS A 1 60  ? 25.164  38.447  -52.028 1.00 20.00 ? 60  CYS R CA 1 
ATOM 61   C CA . ASN A 1 61  ? 22.645  35.505  -52.125 1.00 20.00 ? 61  ASN R CA 1 
ATOM 62   C CA . ARG A 1 62  ? 19.180  34.143  -51.072 1.00 20.00 ? 62  ARG R CA 1 
ATOM 63   C CA . SER A 1 63  ? 18.093  30.457  -50.813 1.00 20.00 ? 63  SER R CA 1 
ATOM 64   C CA . CYS A 1 64  ? 16.023  28.202  -48.444 1.00 20.00 ? 64  CYS R CA 1 
ATOM 65   C CA . GLU A 1 65  ? 16.672  26.170  -45.260 1.00 20.00 ? 65  GLU R CA 1 
ATOM 66   C CA . VAL A 1 66  ? 15.444  26.047  -41.599 1.00 20.00 ? 66  VAL R CA 1 
ATOM 67   C CA . PRO A 1 67  ? 17.401  25.201  -38.422 1.00 20.00 ? 67  PRO R CA 1 
ATOM 68   C CA . THR A 1 68  ? 16.546  21.484  -37.822 1.00 20.00 ? 68  THR R CA 1 
ATOM 69   C CA . ARG A 1 69  ? 15.598  19.728  -34.576 1.00 20.00 ? 69  ARG R CA 1 
ATOM 70   C CA . LEU A 1 70  ? 17.864  21.319  -31.917 1.00 20.00 ? 70  LEU R CA 1 
ATOM 71   C CA . ASN A 1 71  ? 20.363  19.089  -30.085 1.00 20.00 ? 71  ASN R CA 1 
ATOM 72   C CA . SER A 1 72  ? 18.721  16.934  -27.378 1.00 20.00 ? 72  SER R CA 1 
ATOM 73   C CA . ALA A 1 73  ? 22.101  16.245  -25.927 1.00 20.00 ? 73  ALA R CA 1 
ATOM 74   C CA . SER A 1 74  ? 22.321  14.374  -22.587 1.00 20.00 ? 74  SER R CA 1 
ATOM 75   C CA . LEU A 1 75  ? 22.089  16.878  -19.733 1.00 20.00 ? 75  LEU R CA 1 
ATOM 76   C CA . LYS A 1 76  ? 21.795  20.091  -21.616 1.00 20.00 ? 76  LYS R CA 1 
ATOM 77   C CA . GLN A 1 77  ? 18.150  20.893  -22.251 1.00 20.00 ? 77  GLN R CA 1 
ATOM 78   C CA . PRO A 1 78  ? 17.273  24.132  -24.014 1.00 20.00 ? 78  PRO R CA 1 
ATOM 79   C CA . TYR A 1 79  ? 14.359  26.018  -22.513 1.00 20.00 ? 79  TYR R CA 1 
ATOM 80   C CA . ILE A 1 80  ? 13.352  27.872  -25.664 1.00 20.00 ? 80  ILE R CA 1 
ATOM 81   C CA . THR A 1 81  ? 12.524  25.690  -28.676 1.00 20.00 ? 81  THR R CA 1 
ATOM 82   C CA . GLN A 1 82  ? 13.067  25.117  -32.379 1.00 20.00 ? 82  GLN R CA 1 
ATOM 83   C CA . ASN A 1 83  ? 14.216  28.028  -34.538 1.00 20.00 ? 83  ASN R CA 1 
ATOM 84   C CA . TYR A 1 84  ? 14.983  29.450  -37.995 1.00 20.00 ? 84  TYR R CA 1 
ATOM 85   C CA . PHE A 1 85  ? 18.243  31.109  -37.342 1.00 20.00 ? 85  PHE R CA 1 
ATOM 86   C CA . PRO A 1 86  ? 17.003  33.517  -34.721 1.00 20.00 ? 86  PRO R CA 1 
ATOM 87   C CA . VAL A 1 87  ? 16.981  32.422  -31.083 1.00 20.00 ? 87  VAL R CA 1 
ATOM 88   C CA . GLY A 1 88  ? 19.766  32.097  -28.535 1.00 20.00 ? 88  GLY R CA 1 
ATOM 89   C CA . THR A 1 89  ? 18.878  28.999  -26.558 1.00 20.00 ? 89  THR R CA 1 
ATOM 90   C CA . VAL A 1 90  ? 20.229  28.838  -23.040 1.00 20.00 ? 90  VAL R CA 1 
ATOM 91   C CA . VAL A 1 91  ? 21.288  25.364  -22.036 1.00 20.00 ? 91  VAL R CA 1 
ATOM 92   C CA . GLU A 1 92  ? 19.801  24.390  -18.712 1.00 20.00 ? 92  GLU R CA 1 
ATOM 93   C CA . TYR A 1 93  ? 22.040  22.042  -16.758 1.00 20.00 ? 93  TYR R CA 1 
ATOM 94   C CA . GLU A 1 94  ? 21.279  19.860  -13.753 1.00 20.00 ? 94  GLU R CA 1 
ATOM 95   C CA . CYS A 1 95  ? 23.427  20.809  -10.742 1.00 20.00 ? 95  CYS R CA 1 
ATOM 96   C CA . ARG A 1 96  ? 26.842  19.187  -11.130 1.00 20.00 ? 96  ARG R CA 1 
ATOM 97   C CA . PRO A 1 97  ? 27.726  18.891  -14.838 1.00 20.00 ? 97  PRO R CA 1 
ATOM 98   C CA . GLY A 1 98  ? 29.638  21.870  -16.291 1.00 20.00 ? 98  GLY R CA 1 
ATOM 99   C CA . TYR A 1 99  ? 28.910  23.270  -19.773 1.00 20.00 ? 99  TYR R CA 1 
ATOM 100  C CA . ARG A 1 100 ? 31.937  22.638  -21.997 1.00 20.00 ? 100 ARG R CA 1 
ATOM 101  C CA . ARG A 1 101 ? 31.724  25.545  -24.394 1.00 20.00 ? 101 ARG R CA 1 
ATOM 102  C CA . GLU A 1 102 ? 30.062  28.964  -24.622 1.00 20.00 ? 102 GLU R CA 1 
ATOM 103  C CA . PRO A 1 103 ? 26.869  28.940  -22.526 1.00 20.00 ? 103 PRO R CA 1 
ATOM 104  C CA . SER A 1 104 ? 24.045  29.696  -24.995 1.00 20.00 ? 104 SER R CA 1 
ATOM 105  C CA . LEU A 1 105 ? 23.725  28.376  -28.533 1.00 20.00 ? 105 LEU R CA 1 
ATOM 106  C CA . SER A 1 106 ? 23.022  30.326  -31.693 1.00 20.00 ? 106 SER R CA 1 
ATOM 107  C CA . PRO A 1 107 ? 21.992  28.481  -34.888 1.00 20.00 ? 107 PRO R CA 1 
ATOM 108  C CA . LYS A 1 108 ? 24.788  29.872  -37.047 1.00 20.00 ? 108 LYS R CA 1 
ATOM 109  C CA . LEU A 1 109 ? 23.911  33.278  -37.796 1.00 20.00 ? 109 LEU R CA 1 
ATOM 110  C CA . THR A 1 110 ? 25.411  35.843  -40.033 1.00 20.00 ? 110 THR R CA 1 
ATOM 111  C CA . CYS A 1 111 ? 22.509  36.304  -42.429 1.00 20.00 ? 111 CYS R CA 1 
ATOM 112  C CA . LEU A 1 112 ? 18.789  35.973  -42.204 1.00 20.00 ? 112 LEU R CA 1 
ATOM 113  C CA . GLN A 1 113 ? 18.914  32.398  -43.416 1.00 20.00 ? 113 GLN R CA 1 
ATOM 114  C CA . ASN A 1 114 ? 20.006  29.274  -41.537 1.00 20.00 ? 114 ASN R CA 1 
ATOM 115  C CA . LEU A 1 115 ? 22.419  26.329  -41.317 1.00 20.00 ? 115 LEU R CA 1 
ATOM 116  C CA . LYS A 1 116 ? 24.192  24.537  -38.407 1.00 20.00 ? 116 LYS R CA 1 
ATOM 117  C CA . TRP A 1 117 ? 24.539  26.076  -34.883 1.00 20.00 ? 117 TRP R CA 1 
ATOM 118  C CA . SER A 1 118 ? 27.575  26.710  -32.706 1.00 20.00 ? 118 SER R CA 1 
ATOM 119  C CA . THR A 1 119 ? 27.939  25.175  -29.327 1.00 20.00 ? 119 THR R CA 1 
ATOM 120  C CA . ALA A 1 120 ? 27.291  21.840  -31.143 1.00 20.00 ? 120 ALA R CA 1 
ATOM 121  C CA . VAL A 1 121 ? 30.167  19.733  -29.762 1.00 20.00 ? 121 VAL R CA 1 
ATOM 122  C CA . GLU A 1 122 ? 30.502  18.334  -26.175 1.00 20.00 ? 122 GLU R CA 1 
ATOM 123  C CA . PHE A 1 123 ? 27.619  18.785  -23.794 1.00 20.00 ? 123 PHE R CA 1 
ATOM 124  C CA . CYS A 1 124 ? 27.106  20.240  -20.321 1.00 20.00 ? 124 CYS R CA 1 
ATOM 125  C CA . LYS A 1 125 ? 29.087  17.415  -18.680 1.00 20.00 ? 125 LYS R CA 1 
ATOM 126  C CA . LYS A 1 126 ? 32.261  16.415  -16.677 1.00 20.00 ? 126 LYS R CA 1 
ATOM 127  C CA . LYS A 1 127 ? 32.711  15.144  -13.173 1.00 20.00 ? 127 LYS R CA 1 
ATOM 128  C CA . SER A 1 128 ? 29.682  15.587  -12.032 1.00 20.00 ? 128 SER R CA 1 
ATOM 129  C CA . CYS A 1 129 ? 30.150  15.164  -8.279  1.00 20.00 ? 129 CYS R CA 1 
ATOM 130  C CA . PRO A 1 130 ? 27.262  13.450  -6.473  1.00 20.00 ? 130 PRO R CA 1 
ATOM 131  C CA . ASN A 1 131 ? 26.397  13.133  -2.754  1.00 20.00 ? 131 ASN R CA 1 
ATOM 132  C CA . PRO A 1 132 ? 29.377  11.673  -0.906  1.00 20.00 ? 132 PRO R CA 1 
ATOM 133  C CA . GLY A 1 133 ? 29.941  8.101   0.445   1.00 20.00 ? 133 GLY R CA 1 
ATOM 134  C CA . GLU A 1 134 ? 29.504  7.404   4.066   1.00 20.00 ? 134 GLU R CA 1 
ATOM 135  C CA . ILE A 1 135 ? 33.032  6.843   5.458   1.00 20.00 ? 135 ILE R CA 1 
ATOM 136  C CA . ARG A 1 136 ? 33.966  4.090   7.924   1.00 20.00 ? 136 ARG R CA 1 
ATOM 137  C CA . ASN A 1 137 ? 32.781  5.414   11.306  1.00 20.00 ? 137 ASN R CA 1 
ATOM 138  C CA . GLY A 1 138 ? 31.617  8.802   10.094  1.00 20.00 ? 138 GLY R CA 1 
ATOM 139  C CA . GLN A 1 139 ? 29.018  10.916  8.269   1.00 20.00 ? 139 GLN R CA 1 
ATOM 140  C CA . ILE A 1 140 ? 29.136  13.438  5.415   1.00 20.00 ? 140 ILE R CA 1 
ATOM 141  C CA . ASP A 1 141 ? 28.161  17.088  5.968   1.00 20.00 ? 141 ASP R CA 1 
ATOM 142  C CA . VAL A 1 142 ? 27.767  20.125  3.734   1.00 20.00 ? 142 VAL R CA 1 
ATOM 143  C CA . PRO A 1 143 ? 25.714  23.054  2.445   1.00 20.00 ? 143 PRO R CA 1 
ATOM 144  C CA . GLY A 1 144 ? 24.392  21.218  -0.614  1.00 20.00 ? 144 GLY R CA 1 
ATOM 145  C CA . GLY A 1 145 ? 24.114  17.580  -1.727  1.00 20.00 ? 145 GLY R CA 1 
ATOM 146  C CA . ILE A 1 146 ? 25.697  17.355  -5.185  1.00 20.00 ? 146 ILE R CA 1 
ATOM 147  C CA . LEU A 1 147 ? 28.805  19.573  -5.240  1.00 20.00 ? 147 LEU R CA 1 
ATOM 148  C CA . PHE A 1 148 ? 29.115  20.446  -8.977  1.00 20.00 ? 148 PHE R CA 1 
ATOM 149  C CA . GLY A 1 149 ? 32.606  19.528  -10.264 1.00 20.00 ? 149 GLY R CA 1 
ATOM 150  C CA . ALA A 1 150 ? 35.774  20.769  -8.552  1.00 20.00 ? 150 ALA R CA 1 
ATOM 151  C CA . THR A 1 151 ? 34.891  21.614  -4.935  1.00 20.00 ? 151 THR R CA 1 
ATOM 152  C CA . ILE A 1 152 ? 35.922  21.087  -1.285  1.00 20.00 ? 152 ILE R CA 1 
ATOM 153  C CA . SER A 1 153 ? 33.822  18.546  0.622   1.00 20.00 ? 153 SER R CA 1 
ATOM 154  C CA . PHE A 1 154 ? 34.297  18.271  4.376   1.00 20.00 ? 154 PHE R CA 1 
ATOM 155  C CA . SER A 1 155 ? 33.236  15.054  6.201   1.00 20.00 ? 155 SER R CA 1 
ATOM 156  C CA . CYS A 1 156 ? 32.129  14.454  9.808   1.00 20.00 ? 156 CYS R CA 1 
ATOM 157  C CA . ASN A 1 157 ? 32.725  11.860  12.573  1.00 20.00 ? 157 ASN R CA 1 
ATOM 158  C CA . THR A 1 158 ? 30.735  10.475  15.518  1.00 20.00 ? 158 THR R CA 1 
ATOM 159  C CA . GLY A 1 159 ? 31.276  11.658  19.110  1.00 20.00 ? 159 GLY R CA 1 
ATOM 160  C CA . TYR A 1 160 ? 34.667  10.266  20.041  1.00 20.00 ? 160 TYR R CA 1 
ATOM 161  C CA . LYS A 1 161 ? 36.463  10.474  16.686  1.00 20.00 ? 161 LYS R CA 1 
ATOM 162  C CA . LEU A 1 162 ? 38.660  12.853  14.643  1.00 20.00 ? 162 LEU R CA 1 
ATOM 163  C CA . PHE A 1 163 ? 39.077  13.222  10.862  1.00 20.00 ? 163 PHE R CA 1 
ATOM 164  C CA . GLY A 1 164 ? 42.510  12.802  9.267   1.00 20.00 ? 164 GLY R CA 1 
ATOM 165  C CA . SER A 1 165 ? 42.646  14.656  5.966   1.00 20.00 ? 165 SER R CA 1 
ATOM 166  C CA . THR A 1 166 ? 44.009  17.766  4.191   1.00 20.00 ? 166 THR R CA 1 
ATOM 167  C CA . SER A 1 167 ? 41.125  20.055  5.057   1.00 20.00 ? 167 SER R CA 1 
ATOM 168  C CA . SER A 1 168 ? 38.515  18.734  2.679   1.00 20.00 ? 168 SER R CA 1 
ATOM 169  C CA . PHE A 1 169 ? 38.082  16.235  -0.153  1.00 20.00 ? 169 PHE R CA 1 
ATOM 170  C CA . CYS A 1 170 ? 38.635  17.333  -3.704  1.00 20.00 ? 170 CYS R CA 1 
ATOM 171  C CA . LEU A 1 171 ? 36.299  15.790  -6.296  1.00 20.00 ? 171 LEU R CA 1 
ATOM 172  C CA . ILE A 1 172 ? 37.579  16.527  -9.816  1.00 20.00 ? 172 ILE R CA 1 
ATOM 173  C CA . SER A 1 173 ? 35.585  14.694  -12.464 1.00 20.00 ? 173 SER R CA 1 
ATOM 174  C CA . GLY A 1 174 ? 34.135  11.919  -10.325 1.00 20.00 ? 174 GLY R CA 1 
ATOM 175  C CA . SER A 1 175 ? 37.123  11.070  -8.139  1.00 20.00 ? 175 SER R CA 1 
ATOM 176  C CA . SER A 1 176 ? 37.378  11.862  -4.424  1.00 20.00 ? 176 SER R CA 1 
ATOM 177  C CA . VAL A 1 177 ? 41.146  12.438  -3.849  1.00 20.00 ? 177 VAL R CA 1 
ATOM 178  C CA . GLN A 1 178 ? 41.703  12.919  -0.038  1.00 20.00 ? 178 GLN R CA 1 
ATOM 179  C CA . TRP A 1 179 ? 40.280  10.309  2.621   1.00 20.00 ? 179 TRP R CA 1 
ATOM 180  C CA . SER A 1 180 ? 38.575  11.603  5.744   1.00 20.00 ? 180 SER R CA 1 
ATOM 181  C CA . ASP A 1 181 ? 39.431  8.724   8.120   1.00 20.00 ? 181 ASP R CA 1 
ATOM 182  C CA . PRO A 1 182 ? 38.771  9.401   11.554  1.00 20.00 ? 182 PRO R CA 1 
ATOM 183  C CA . LEU A 1 183 ? 42.893  9.061   12.201  1.00 20.00 ? 183 LEU R CA 1 
ATOM 184  C CA . PRO A 1 184 ? 42.261  6.712   13.778  1.00 20.00 ? 184 PRO R CA 1 
ATOM 185  C CA . GLU A 1 185 ? 42.110  4.732   16.851  1.00 20.00 ? 185 GLU R CA 1 
ATOM 186  C CA . CYS A 1 186 ? 40.240  5.732   19.972  1.00 20.00 ? 186 CYS R CA 1 
ATOM 187  C CA . ARG A 1 187 ? 40.812  3.963   23.113  1.00 20.00 ? 187 ARG R CA 1 
ATOM 188  C CA . GLU A 1 188 ? 38.460  1.391   24.001  1.00 20.00 ? 188 GLU R CA 1 
ATOM 189  C CA . ILE A 1 189 ? 38.185  0.457   27.526  1.00 20.00 ? 189 ILE R CA 1 
ATOM 190  C CA . TYR A 1 190 ? 41.450  -0.596  29.249  1.00 20.00 ? 190 TYR R CA 1 
ATOM 191  C CA . CYS A 1 191 ? 41.988  -4.370  29.250  1.00 20.00 ? 191 CYS R CA 1 
ATOM 192  C CA . PRO A 1 192 ? 43.599  -5.018  32.626  1.00 20.00 ? 192 PRO R CA 1 
ATOM 193  C CA . ALA A 1 193 ? 42.250  -7.367  35.318  1.00 20.00 ? 193 ALA R CA 1 
ATOM 194  C CA . PRO A 1 194 ? 43.836  -6.720  38.738  1.00 20.00 ? 194 PRO R CA 1 
ATOM 195  C CA . PRO A 1 195 ? 44.763  -3.057  38.308  1.00 20.00 ? 195 PRO R CA 1 
ATOM 196  C CA . GLN A 1 196 ? 41.868  -0.622  37.910  1.00 20.00 ? 196 GLN R CA 1 
ATOM 197  C CA . ILE A 1 197 ? 42.608  2.747   36.243  1.00 20.00 ? 197 ILE R CA 1 
ATOM 198  C CA . ASP A 1 198 ? 41.690  5.843   38.288  1.00 20.00 ? 198 ASP R CA 1 
ATOM 199  C CA . ASN A 1 199 ? 42.627  8.965   36.414  1.00 20.00 ? 199 ASN R CA 1 
ATOM 200  C CA . GLY A 1 200 ? 39.865  10.072  34.083  1.00 20.00 ? 200 GLY R CA 1 
ATOM 201  C CA . ILE A 1 201 ? 37.654  7.041   33.381  1.00 20.00 ? 201 ILE R CA 1 
ATOM 202  C CA . ILE A 1 202 ? 35.689  7.626   30.170  1.00 20.00 ? 202 ILE R CA 1 
ATOM 203  C CA . GLN A 1 203 ? 33.465  5.279   28.168  1.00 20.00 ? 203 GLN R CA 1 
ATOM 204  C CA . GLY A 1 204 ? 34.877  6.343   24.818  1.00 20.00 ? 204 GLY R CA 1 
ATOM 205  C CA . GLU A 1 205 ? 38.255  8.044   24.980  1.00 20.00 ? 205 GLU R CA 1 
ATOM 206  C CA . ARG A 1 206 ? 39.723  9.683   21.872  1.00 20.00 ? 206 ARG R CA 1 
ATOM 207  C CA . ASP A 1 207 ? 43.179  10.987  21.826  1.00 20.00 ? 207 ASP R CA 1 
ATOM 208  C CA . HIS A 1 208 ? 45.774  10.226  24.473  1.00 20.00 ? 208 HIS R CA 1 
ATOM 209  C CA . TYR A 1 209 ? 44.809  9.118   27.882  1.00 20.00 ? 209 TYR R CA 1 
ATOM 210  C CA . GLY A 1 210 ? 47.590  8.021   30.211  1.00 20.00 ? 210 GLY R CA 1 
ATOM 211  C CA . TYR A 1 211 ? 45.375  6.556   32.957  1.00 20.00 ? 211 TYR R CA 1 
ATOM 212  C CA . ARG A 1 212 ? 47.429  5.362   35.953  1.00 20.00 ? 212 ARG R CA 1 
ATOM 213  C CA . GLN A 1 213 ? 46.474  1.796   36.803  1.00 20.00 ? 213 GLN R CA 1 
ATOM 214  C CA . SER A 1 214 ? 45.942  1.631   40.563  1.00 20.00 ? 214 SER R CA 1 
ATOM 215  C CA . VAL A 1 215 ? 46.683  -1.938  41.694  1.00 20.00 ? 215 VAL R CA 1 
ATOM 216  C CA . THR A 1 216 ? 44.695  -4.277  43.962  1.00 20.00 ? 216 THR R CA 1 
ATOM 217  C CA . TYR A 1 217 ? 45.595  -5.307  47.541  1.00 20.00 ? 217 TYR R CA 1 
ATOM 218  C CA . ALA A 1 218 ? 49.225  -6.383  47.126  1.00 20.00 ? 218 ALA R CA 1 
ATOM 219  C CA . CYS A 1 219 ? 50.257  -6.799  43.445  1.00 20.00 ? 219 CYS R CA 1 
ATOM 220  C CA . ASN A 1 220 ? 52.997  -5.251  41.265  1.00 20.00 ? 220 ASN R CA 1 
ATOM 221  C CA . LYS A 1 221 ? 52.587  -3.795  37.757  1.00 20.00 ? 221 LYS R CA 1 
ATOM 222  C CA . GLY A 1 222 ? 54.275  -6.035  35.195  1.00 20.00 ? 222 GLY R CA 1 
ATOM 223  C CA . PHE A 1 223 ? 54.289  -3.733  32.194  1.00 20.00 ? 223 PHE R CA 1 
ATOM 224  C CA . THR A 1 224 ? 53.918  0.060   31.962  1.00 20.00 ? 224 THR R CA 1 
ATOM 225  C CA . MET A 1 225 ? 51.944  2.050   34.587  1.00 20.00 ? 225 MET R CA 1 
ATOM 226  C CA . ILE A 1 226 ? 49.887  4.655   32.775  1.00 20.00 ? 226 ILE R CA 1 
ATOM 227  C CA . GLY A 1 227 ? 48.316  4.148   29.355  1.00 20.00 ? 227 GLY R CA 1 
ATOM 228  C CA . GLU A 1 228 ? 48.368  6.285   26.189  1.00 20.00 ? 228 GLU R CA 1 
ATOM 229  C CA . HIS A 1 229 ? 46.164  5.917   23.061  1.00 20.00 ? 229 HIS R CA 1 
ATOM 230  C CA . SER A 1 230 ? 47.561  5.015   19.610  1.00 20.00 ? 230 SER R CA 1 
ATOM 231  C CA . ILE A 1 231 ? 46.319  4.772   15.988  1.00 20.00 ? 231 ILE R CA 1 
ATOM 232  C CA . TYR A 1 232 ? 44.252  1.816   14.760  1.00 20.00 ? 232 TYR R CA 1 
ATOM 233  C CA . CYS A 1 233 ? 42.806  0.176   17.855  1.00 20.00 ? 233 CYS R CA 1 
ATOM 234  C CA . THR A 1 234 ? 45.795  -0.570  20.034  1.00 20.00 ? 234 THR R CA 1 
ATOM 235  C CA . VAL A 1 235 ? 47.184  1.287   23.059  1.00 20.00 ? 235 VAL R CA 1 
ATOM 236  C CA . ASN A 1 236 ? 50.896  2.227   23.334  1.00 20.00 ? 236 ASN R CA 1 
ATOM 237  C CA . ASN A 1 237 ? 52.552  0.991   25.361  1.00 20.00 ? 237 ASN R CA 1 
ATOM 238  C CA . ASP A 1 238 ? 50.204  -2.036  25.316  1.00 20.00 ? 238 ASP R CA 1 
ATOM 239  C CA . GLU A 1 239 ? 47.827  -2.660  28.276  1.00 20.00 ? 239 GLU R CA 1 
ATOM 240  C CA . GLY A 1 240 ? 49.816  -4.240  31.166  1.00 20.00 ? 240 GLY R CA 1 
ATOM 241  C CA . GLU A 1 241 ? 48.675  -6.601  33.919  1.00 20.00 ? 241 GLU R CA 1 
ATOM 242  C CA . TRP A 1 242 ? 49.190  -6.032  37.662  1.00 20.00 ? 242 TRP R CA 1 
ATOM 243  C CA . SER A 1 243 ? 50.278  -9.293  39.312  1.00 20.00 ? 243 SER R CA 1 
ATOM 244  C CA . GLY B 2 1   ? -14.519 -26.433 -10.014 1.00 20.00 ? 1   GLY 1 CA 1 
ATOM 245  C CA . ASP B 2 2   ? -16.029 -24.153 -12.751 1.00 20.00 ? 2   ASP 1 CA 1 
ATOM 246  C CA . THR B 2 3   ? -17.671 -20.971 -11.514 1.00 20.00 ? 3   THR 1 CA 1 
ATOM 247  C CA . GLU B 2 4   ? -19.486 -20.606 -14.864 1.00 20.00 ? 4   GLU 1 CA 1 
ATOM 248  C CA . THR B 2 5   ? -21.021 -24.082 -14.649 1.00 20.00 ? 5   THR 1 CA 1 
ATOM 249  C CA . ALA B 2 6   ? -23.611 -23.217 -12.063 1.00 20.00 ? 6   ALA 1 CA 1 
ATOM 250  C CA . ILE B 2 7   ? -25.351 -26.555 -11.899 1.00 20.00 ? 7   ILE 1 CA 1 
ATOM 251  C CA . ASP B 2 8   ? -22.307 -28.249 -10.410 1.00 20.00 ? 8   ASP 1 CA 1 
ATOM 252  C CA . ASN B 2 9   ? -21.798 -27.958 -6.722  1.00 20.00 ? 9   ASN 1 CA 1 
ATOM 253  C CA . ALA B 2 10  ? -19.966 -29.302 -3.713  1.00 20.00 ? 10  ALA 1 CA 1 
ATOM 254  C CA . ILE B 2 11  ? -21.727 -30.083 -0.422  1.00 20.00 ? 11  ILE 1 CA 1 
ATOM 255  C CA . ALA B 2 12  ? -19.466 -29.373 2.512   1.00 20.00 ? 12  ALA 1 CA 1 
ATOM 256  C CA . ARG B 2 13  ? -20.967 -29.501 5.971   1.00 20.00 ? 13  ARG 1 CA 1 
ATOM 257  C CA . VAL B 2 14  ? -19.698 -28.078 9.225   1.00 20.00 ? 14  VAL 1 CA 1 
ATOM 258  C CA . ALA B 2 15  ? -17.552 -30.027 11.734  1.00 20.00 ? 15  ALA 1 CA 1 
ATOM 259  C CA . ASP B 2 16  ? -19.004 -32.418 14.252  1.00 20.00 ? 16  ASP 1 CA 1 
ATOM 260  C CA . THR B 2 17  ? -18.409 -32.439 17.955  1.00 20.00 ? 17  THR 1 CA 1 
ATOM 261  C CA . VAL B 2 18  ? -16.428 -35.433 18.955  1.00 20.00 ? 18  VAL 1 CA 1 
ATOM 262  C CA . ALA B 2 19  ? -16.851 -36.695 22.512  1.00 20.00 ? 19  ALA 1 CA 1 
ATOM 263  C CA . SER B 2 20  ? -14.064 -35.800 24.914  1.00 20.00 ? 20  SER 1 CA 1 
ATOM 264  C CA . GLY B 2 21  ? -13.200 -37.529 28.175  1.00 20.00 ? 21  GLY 1 CA 1 
ATOM 265  C CA . PRO B 2 22  ? -11.222 -36.234 31.168  1.00 20.00 ? 22  PRO 1 CA 1 
ATOM 266  C CA . SER B 2 23  ? -7.435  -35.836 30.735  1.00 20.00 ? 23  SER 1 CA 1 
ATOM 267  C CA . ASN B 2 24  ? -4.248  -35.432 32.739  1.00 20.00 ? 24  ASN 1 CA 1 
ATOM 268  C CA . SER B 2 25  ? -1.259  -35.248 30.407  1.00 20.00 ? 25  SER 1 CA 1 
ATOM 269  C CA . THR B 2 26  ? 1.688   -33.565 28.769  1.00 20.00 ? 26  THR 1 CA 1 
ATOM 270  C CA . SER B 2 27  ? -0.128  -32.487 25.653  1.00 20.00 ? 27  SER 1 CA 1 
ATOM 271  C CA . ILE B 2 28  ? -1.272  -28.871 25.585  1.00 20.00 ? 28  ILE 1 CA 1 
ATOM 272  C CA . PRO B 2 29  ? -3.746  -28.019 22.759  1.00 20.00 ? 29  PRO 1 CA 1 
ATOM 273  C CA . ALA B 2 30  ? -4.666  -24.635 24.186  1.00 20.00 ? 30  ALA 1 CA 1 
ATOM 274  C CA . LEU B 2 31  ? -1.156  -23.380 25.007  1.00 20.00 ? 31  LEU 1 CA 1 
ATOM 275  C CA . THR B 2 32  ? 0.454   -21.825 21.955  1.00 20.00 ? 32  THR 1 CA 1 
ATOM 276  C CA . ALA B 2 33  ? 2.258   -18.729 20.556  1.00 20.00 ? 33  ALA 1 CA 1 
ATOM 277  C CA . VAL B 2 34  ? 0.351   -15.917 18.713  1.00 20.00 ? 34  VAL 1 CA 1 
ATOM 278  C CA . GLU B 2 35  ? 3.715   -14.502 17.512  1.00 20.00 ? 35  GLU 1 CA 1 
ATOM 279  C CA . THR B 2 36  ? 3.922   -17.330 14.989  1.00 20.00 ? 36  THR 1 CA 1 
ATOM 280  C CA . GLY B 2 37  ? 1.254   -15.741 12.826  1.00 20.00 ? 37  GLY 1 CA 1 
ATOM 281  C CA . HIS B 2 38  ? -0.845  -18.880 13.258  1.00 20.00 ? 38  HIS 1 CA 1 
ATOM 282  C CA . THR B 2 39  ? -4.532  -19.138 14.365  1.00 20.00 ? 39  THR 1 CA 1 
ATOM 283  C CA . SER B 2 40  ? -5.306  -21.790 17.066  1.00 20.00 ? 40  SER 1 CA 1 
ATOM 284  C CA . GLN B 2 41  ? -7.177  -24.742 15.502  1.00 20.00 ? 41  GLN 1 CA 1 
ATOM 285  C CA . VAL B 2 42  ? -8.678  -25.643 18.857  1.00 20.00 ? 42  VAL 1 CA 1 
ATOM 286  C CA . GLU B 2 43  ? -12.012 -27.312 19.165  1.00 20.00 ? 43  GLU 1 CA 1 
ATOM 287  C CA . PRO B 2 44  ? -14.066 -27.202 22.483  1.00 20.00 ? 44  PRO 1 CA 1 
ATOM 288  C CA . SER B 2 45  ? -13.162 -30.838 23.160  1.00 20.00 ? 45  SER 1 CA 1 
ATOM 289  C CA . ASP B 2 46  ? -9.531  -29.771 23.847  1.00 20.00 ? 46  ASP 1 CA 1 
ATOM 290  C CA . THR B 2 47  ? -10.580 -27.704 26.854  1.00 20.00 ? 47  THR 1 CA 1 
ATOM 291  C CA . MET B 2 48  ? -13.826 -29.322 28.047  1.00 20.00 ? 48  MET 1 CA 1 
ATOM 292  C CA . GLN B 2 49  ? -15.237 -32.795 27.959  1.00 20.00 ? 49  GLN 1 CA 1 
ATOM 293  C CA . THR B 2 50  ? -17.725 -32.554 25.151  1.00 20.00 ? 50  THR 1 CA 1 
ATOM 294  C CA . ARG B 2 51  ? -20.543 -34.818 23.976  1.00 20.00 ? 51  ARG 1 CA 1 
ATOM 295  C CA . HIS B 2 52  ? -21.002 -36.170 20.442  1.00 20.00 ? 52  HIS 1 CA 1 
ATOM 296  C CA . VAL B 2 53  ? -22.906 -33.688 18.254  1.00 20.00 ? 53  VAL 1 CA 1 
ATOM 297  C CA . LYS B 2 54  ? -23.564 -34.187 14.541  1.00 20.00 ? 54  LYS 1 CA 1 
ATOM 298  C CA . ASN B 2 55  ? -23.412 -30.771 12.822  1.00 20.00 ? 55  ASN 1 CA 1 
ATOM 299  C CA . TYR B 2 56  ? -25.448 -30.960 9.605   1.00 20.00 ? 56  TYR 1 CA 1 
ATOM 300  C CA . HIS B 2 57  ? -25.120 -27.211 9.253   1.00 20.00 ? 57  HIS 1 CA 1 
ATOM 301  C CA . SER B 2 58  ? -23.645 -26.021 5.956   1.00 20.00 ? 58  SER 1 CA 1 
ATOM 302  C CA . ARG B 2 59  ? -21.759 -22.757 5.196   1.00 20.00 ? 59  ARG 1 CA 1 
ATOM 303  C CA . SER B 2 60  ? -24.151 -21.968 2.385   1.00 20.00 ? 60  SER 1 CA 1 
ATOM 304  C CA . GLU B 2 61  ? -24.937 -18.230 2.342   1.00 20.00 ? 61  GLU 1 CA 1 
ATOM 305  C CA . SER B 2 62  ? -21.374 -17.251 3.270   1.00 20.00 ? 62  SER 1 CA 1 
ATOM 306  C CA . THR B 2 63  ? -20.039 -18.579 -0.071  1.00 20.00 ? 63  THR 1 CA 1 
ATOM 307  C CA . VAL B 2 64  ? -18.448 -15.634 -2.065  1.00 20.00 ? 64  VAL 1 CA 1 
ATOM 308  C CA . GLU B 2 65  ? -21.088 -16.177 -4.720  1.00 20.00 ? 65  GLU 1 CA 1 
ATOM 309  C CA . ASN B 2 66  ? -24.154 -16.212 -2.371  1.00 20.00 ? 66  ASN 1 CA 1 
ATOM 310  C CA . PHE B 2 67  ? -22.704 -13.187 -0.586  1.00 20.00 ? 67  PHE 1 CA 1 
ATOM 311  C CA . LEU B 2 68  ? -22.027 -11.077 -3.726  1.00 20.00 ? 68  LEU 1 CA 1 
ATOM 312  C CA . SER B 2 69  ? -24.692 -12.499 -6.061  1.00 20.00 ? 69  SER 1 CA 1 
ATOM 313  C CA . ARG B 2 70  ? -27.598 -10.463 -4.777  1.00 20.00 ? 70  ARG 1 CA 1 
ATOM 314  C CA . SER B 2 71  ? -28.494 -7.601  -7.120  1.00 20.00 ? 71  SER 1 CA 1 
ATOM 315  C CA . ALA B 2 72  ? -27.515 -4.218  -5.695  1.00 20.00 ? 72  ALA 1 CA 1 
ATOM 316  C CA . CYS B 2 73  ? -28.116 -0.610  -6.841  1.00 20.00 ? 73  CYS 1 CA 1 
ATOM 317  C CA . VAL B 2 74  ? -24.886 1.112   -7.893  1.00 20.00 ? 74  VAL 1 CA 1 
ATOM 318  C CA . TYR B 2 75  ? -26.178 4.413   -9.262  1.00 20.00 ? 75  TYR 1 CA 1 
ATOM 319  C CA . ILE B 2 76  ? -29.177 6.287   -10.587 1.00 20.00 ? 76  ILE 1 CA 1 
ATOM 320  C CA . GLU B 2 77  ? -29.339 8.830   -13.326 1.00 20.00 ? 77  GLU 1 CA 1 
ATOM 321  C CA . GLU B 2 78  ? -31.957 11.406  -14.497 1.00 20.00 ? 78  GLU 1 CA 1 
ATOM 322  C CA . TYR B 2 79  ? -33.229 12.797  -17.896 1.00 20.00 ? 79  TYR 1 CA 1 
ATOM 323  C CA . TYR B 2 80  ? -36.182 14.802  -19.320 1.00 20.00 ? 80  TYR 1 CA 1 
ATOM 324  C CA . THR B 2 81  ? -38.191 14.480  -22.498 1.00 20.00 ? 81  THR 1 CA 1 
ATOM 325  C CA . LYS B 2 82  ? -36.763 17.215  -24.838 1.00 20.00 ? 82  LYS 1 CA 1 
ATOM 326  C CA . ASP B 2 83  ? -35.163 18.733  -27.954 1.00 20.00 ? 83  ASP 1 CA 1 
ATOM 327  C CA . GLN B 2 84  ? -31.553 19.088  -29.204 1.00 20.00 ? 84  GLN 1 CA 1 
ATOM 328  C CA . ASP B 2 85  ? -31.561 22.453  -27.436 1.00 20.00 ? 85  ASP 1 CA 1 
ATOM 329  C CA . ASN B 2 86  ? -32.292 20.870  -24.069 1.00 20.00 ? 86  ASN 1 CA 1 
ATOM 330  C CA . VAL B 2 87  ? -29.052 19.696  -22.345 1.00 20.00 ? 87  VAL 1 CA 1 
ATOM 331  C CA . ASN B 2 88  ? -31.134 17.763  -19.815 1.00 20.00 ? 88  ASN 1 CA 1 
ATOM 332  C CA . ARG B 2 89  ? -32.931 15.719  -22.511 1.00 20.00 ? 89  ARG 1 CA 1 
ATOM 333  C CA . TYR B 2 90  ? -30.320 12.990  -22.206 1.00 20.00 ? 90  TYR 1 CA 1 
ATOM 334  C CA . MET B 2 91  ? -27.649 11.848  -19.670 1.00 20.00 ? 91  MET 1 CA 1 
ATOM 335  C CA . SER B 2 92  ? -24.617 9.601   -18.948 1.00 20.00 ? 92  SER 1 CA 1 
ATOM 336  C CA . TRP B 2 93  ? -22.792 7.586   -16.335 1.00 20.00 ? 93  TRP 1 CA 1 
ATOM 337  C CA . THR B 2 94  ? -19.139 6.616   -16.159 1.00 20.00 ? 94  THR 1 CA 1 
ATOM 338  C CA . ILE B 2 95  ? -19.313 3.062   -14.867 1.00 20.00 ? 95  ILE 1 CA 1 
ATOM 339  C CA . ASN B 2 96  ? -18.102 2.545   -11.303 1.00 20.00 ? 96  ASN 1 CA 1 
ATOM 340  C CA . ALA B 2 97  ? -18.530 0.429   -8.227  1.00 20.00 ? 97  ALA 1 CA 1 
ATOM 341  C CA . ARG B 2 98  ? -17.295 3.143   -5.841  1.00 20.00 ? 98  ARG 1 CA 1 
ATOM 342  C CA . ARG B 2 99  ? -20.258 5.480   -6.183  1.00 20.00 ? 99  ARG 1 CA 1 
ATOM 343  C CA . MET B 2 100 ? -22.490 3.789   -3.583  1.00 20.00 ? 100 MET 1 CA 1 
ATOM 344  C CA . VAL B 2 101 ? -21.580 2.769   -0.017  1.00 20.00 ? 101 VAL 1 CA 1 
ATOM 345  C CA . GLN B 2 102 ? -23.139 -0.680  0.371   1.00 20.00 ? 102 GLN 1 CA 1 
ATOM 346  C CA . LEU B 2 103 ? -21.883 -2.796  -2.614  1.00 20.00 ? 103 LEU 1 CA 1 
ATOM 347  C CA . ARG B 2 104 ? -18.526 -1.019  -2.474  1.00 20.00 ? 104 ARG 1 CA 1 
ATOM 348  C CA . ARG B 2 105 ? -17.840 -2.249  1.093   1.00 20.00 ? 105 ARG 1 CA 1 
ATOM 349  C CA . LYS B 2 106 ? -18.817 -5.802  0.058   1.00 20.00 ? 106 LYS 1 CA 1 
ATOM 350  C CA . PHE B 2 107 ? -16.541 -5.965  -2.987  1.00 20.00 ? 107 PHE 1 CA 1 
ATOM 351  C CA . GLU B 2 108 ? -13.672 -4.197  -1.236  1.00 20.00 ? 108 GLU 1 CA 1 
ATOM 352  C CA . LEU B 2 109 ? -13.443 -6.998  1.366   1.00 20.00 ? 109 LEU 1 CA 1 
ATOM 353  C CA . PHE B 2 110 ? -11.359 -8.721  -1.322  1.00 20.00 ? 110 PHE 1 CA 1 
ATOM 354  C CA . THR B 2 111 ? -8.303  -7.197  -3.071  1.00 20.00 ? 111 THR 1 CA 1 
ATOM 355  C CA . TYR B 2 112 ? -8.785  -8.914  -6.378  1.00 20.00 ? 112 TYR 1 CA 1 
ATOM 356  C CA . MET B 2 113 ? -12.073 -10.029 -7.835  1.00 20.00 ? 113 MET 1 CA 1 
ATOM 357  C CA . ARG B 2 114 ? -13.012 -11.945 -11.024 1.00 20.00 ? 114 ARG 1 CA 1 
ATOM 358  C CA . PHE B 2 115 ? -16.636 -12.286 -12.052 1.00 20.00 ? 115 PHE 1 CA 1 
ATOM 359  C CA . ASP B 2 116 ? -19.321 -12.105 -14.676 1.00 20.00 ? 116 ASP 1 CA 1 
ATOM 360  C CA . MET B 2 117 ? -22.119 -9.599  -14.062 1.00 20.00 ? 117 MET 1 CA 1 
ATOM 361  C CA . GLU B 2 118 ? -25.861 -9.410  -14.376 1.00 20.00 ? 118 GLU 1 CA 1 
ATOM 362  C CA . ILE B 2 119 ? -27.020 -5.852  -15.003 1.00 20.00 ? 119 ILE 1 CA 1 
ATOM 363  C CA . THR B 2 120 ? -30.683 -5.091  -14.392 1.00 20.00 ? 120 THR 1 CA 1 
ATOM 364  C CA . PHE B 2 121 ? -32.005 -1.525  -14.889 1.00 20.00 ? 121 PHE 1 CA 1 
ATOM 365  C CA . VAL B 2 122 ? -35.173 -0.049  -13.452 1.00 20.00 ? 122 VAL 1 CA 1 
ATOM 366  C CA . ILE B 2 123 ? -36.186 3.004   -15.460 1.00 20.00 ? 123 ILE 1 CA 1 
ATOM 367  C CA . THR B 2 124 ? -38.905 5.033   -13.868 1.00 20.00 ? 124 THR 1 CA 1 
ATOM 368  C CA . SER B 2 125 ? -40.948 8.016   -15.200 1.00 20.00 ? 125 SER 1 CA 1 
ATOM 369  C CA . ARG B 2 126 ? -42.893 10.981  -13.801 1.00 20.00 ? 126 ARG 1 CA 1 
ATOM 370  C CA . GLN B 2 127 ? -44.956 13.863  -15.193 1.00 20.00 ? 127 GLN 1 CA 1 
ATOM 371  C CA . LEU B 2 128 ? -43.434 17.361  -14.853 1.00 20.00 ? 128 LEU 1 CA 1 
ATOM 372  C CA . PRO B 2 129 ? -45.807 19.990  -13.531 1.00 20.00 ? 129 PRO 1 CA 1 
ATOM 373  C CA . GLY B 2 130 ? -47.064 22.195  -16.307 1.00 20.00 ? 130 GLY 1 CA 1 
ATOM 374  C CA . THR B 2 131 ? -50.206 23.826  -17.740 1.00 20.00 ? 131 THR 1 CA 1 
ATOM 375  C CA . SER B 2 132 ? -49.980 21.010  -20.236 1.00 20.00 ? 132 SER 1 CA 1 
ATOM 376  C CA . ILE B 2 133 ? -49.581 18.119  -17.625 1.00 20.00 ? 133 ILE 1 CA 1 
ATOM 377  C CA . ALA B 2 134 ? -53.090 17.154  -18.805 1.00 20.00 ? 134 ALA 1 CA 1 
ATOM 378  C CA . GLN B 2 135 ? -51.666 15.631  -21.906 1.00 20.00 ? 135 GLN 1 CA 1 
ATOM 379  C CA . ASP B 2 136 ? -52.195 12.290  -23.589 1.00 20.00 ? 136 ASP 1 CA 1 
ATOM 380  C CA . MET B 2 137 ? -48.547 11.113  -23.440 1.00 20.00 ? 137 MET 1 CA 1 
ATOM 381  C CA . PRO B 2 138 ? -47.996 7.805   -25.297 1.00 20.00 ? 138 PRO 1 CA 1 
ATOM 382  C CA . PRO B 2 139 ? -45.854 4.910   -23.965 1.00 20.00 ? 139 PRO 1 CA 1 
ATOM 383  C CA . LEU B 2 140 ? -42.238 5.964   -23.624 1.00 20.00 ? 140 LEU 1 CA 1 
ATOM 384  C CA . THR B 2 141 ? -39.425 3.859   -25.094 1.00 20.00 ? 141 THR 1 CA 1 
ATOM 385  C CA . HIS B 2 142 ? -35.910 4.320   -23.686 1.00 20.00 ? 142 HIS 1 CA 1 
ATOM 386  C CA . GLN B 2 143 ? -32.378 3.828   -24.971 1.00 20.00 ? 143 GLN 1 CA 1 
ATOM 387  C CA . ILE B 2 144 ? -29.448 2.729   -22.888 1.00 20.00 ? 144 ILE 1 CA 1 
ATOM 388  C CA . MET B 2 145 ? -26.171 2.694   -24.832 1.00 20.00 ? 145 MET 1 CA 1 
ATOM 389  C CA . TYR B 2 146 ? -22.806 1.371   -23.727 1.00 20.00 ? 146 TYR 1 CA 1 
ATOM 390  C CA . ILE B 2 147 ? -19.898 3.333   -25.127 1.00 20.00 ? 147 ILE 1 CA 1 
ATOM 391  C CA . PRO B 2 148 ? -16.636 1.377   -24.553 1.00 20.00 ? 148 PRO 1 CA 1 
ATOM 392  C CA . PRO B 2 149 ? -13.379 3.337   -23.855 1.00 20.00 ? 149 PRO 1 CA 1 
ATOM 393  C CA . GLY B 2 150 ? -12.568 4.928   -27.196 1.00 20.00 ? 150 GLY 1 CA 1 
ATOM 394  C CA . GLY B 2 151 ? -15.918 5.333   -28.977 1.00 20.00 ? 151 GLY 1 CA 1 
ATOM 395  C CA . PRO B 2 152 ? -17.958 8.492   -29.810 1.00 20.00 ? 152 PRO 1 CA 1 
ATOM 396  C CA . VAL B 2 153 ? -19.736 10.293  -26.960 1.00 20.00 ? 153 VAL 1 CA 1 
ATOM 397  C CA . PRO B 2 154 ? -23.254 11.583  -27.779 1.00 20.00 ? 154 PRO 1 CA 1 
ATOM 398  C CA . ASN B 2 155 ? -23.151 15.348  -27.632 1.00 20.00 ? 155 ASN 1 CA 1 
ATOM 399  C CA . SER B 2 156 ? -26.947 15.769  -27.955 1.00 20.00 ? 156 SER 1 CA 1 
ATOM 400  C CA . VAL B 2 157 ? -30.174 13.753  -27.358 1.00 20.00 ? 157 VAL 1 CA 1 
ATOM 401  C CA . THR B 2 158 ? -30.218 13.385  -31.118 1.00 20.00 ? 158 THR 1 CA 1 
ATOM 402  C CA . ASP B 2 159 ? -26.876 12.536  -32.773 1.00 20.00 ? 159 ASP 1 CA 1 
ATOM 403  C CA . PHE B 2 160 ? -25.264 9.851   -34.986 1.00 20.00 ? 160 PHE 1 CA 1 
ATOM 404  C CA . ALA B 2 161 ? -23.762 8.122   -31.903 1.00 20.00 ? 161 ALA 1 CA 1 
ATOM 405  C CA . TRP B 2 162 ? -27.222 6.772   -30.937 1.00 20.00 ? 162 TRP 1 CA 1 
ATOM 406  C CA . GLN B 2 163 ? -27.262 4.647   -34.177 1.00 20.00 ? 163 GLN 1 CA 1 
ATOM 407  C CA . THR B 2 164 ? -25.171 2.082   -32.404 1.00 20.00 ? 164 THR 1 CA 1 
ATOM 408  C CA . SER B 2 165 ? -23.657 0.350   -35.382 1.00 20.00 ? 165 SER 1 CA 1 
ATOM 409  C CA . THR B 2 166 ? -21.237 -1.417  -33.103 1.00 20.00 ? 166 THR 1 CA 1 
ATOM 410  C CA . ASN B 2 167 ? -21.905 -0.271  -29.473 1.00 20.00 ? 167 ASN 1 CA 1 
ATOM 411  C CA . PRO B 2 168 ? -24.304 -2.449  -27.378 1.00 20.00 ? 168 PRO 1 CA 1 
ATOM 412  C CA . SER B 2 169 ? -27.710 -0.844  -26.703 1.00 20.00 ? 169 SER 1 CA 1 
ATOM 413  C CA . ILE B 2 170 ? -30.989 -1.721  -25.038 1.00 20.00 ? 170 ILE 1 CA 1 
ATOM 414  C CA . PHE B 2 171 ? -34.266 -0.334  -26.172 1.00 20.00 ? 171 PHE 1 CA 1 
ATOM 415  C CA . TRP B 2 172 ? -36.925 -0.637  -23.507 1.00 20.00 ? 172 TRP 1 CA 1 
ATOM 416  C CA . THR B 2 173 ? -40.658 0.382   -23.483 1.00 20.00 ? 173 THR 1 CA 1 
ATOM 417  C CA . GLU B 2 174 ? -42.341 1.347   -20.173 1.00 20.00 ? 174 GLU 1 CA 1 
ATOM 418  C CA . GLY B 2 175 ? -44.709 -1.017  -18.341 1.00 20.00 ? 175 GLY 1 CA 1 
ATOM 419  C CA . ASN B 2 176 ? -42.612 -4.056  -19.258 1.00 20.00 ? 176 ASN 1 CA 1 
ATOM 420  C CA . ALA B 2 177 ? -40.240 -6.104  -17.088 1.00 20.00 ? 177 ALA 1 CA 1 
ATOM 421  C CA . PRO B 2 178 ? -36.930 -4.389  -16.192 1.00 20.00 ? 178 PRO 1 CA 1 
ATOM 422  C CA . PRO B 2 179 ? -34.198 -4.572  -18.761 1.00 20.00 ? 179 PRO 1 CA 1 
ATOM 423  C CA . ARG B 2 180 ? -31.462 -7.142  -18.115 1.00 20.00 ? 180 ARG 1 CA 1 
ATOM 424  C CA . MET B 2 181 ? -28.055 -8.087  -19.508 1.00 20.00 ? 181 MET 1 CA 1 
ATOM 425  C CA . SER B 2 182 ? -25.157 -10.352 -18.703 1.00 20.00 ? 182 SER 1 CA 1 
ATOM 426  C CA . ILE B 2 183 ? -21.577 -9.089  -18.948 1.00 20.00 ? 183 ILE 1 CA 1 
ATOM 427  C CA . PRO B 2 184 ? -18.385 -11.187 -19.274 1.00 20.00 ? 184 PRO 1 CA 1 
ATOM 428  C CA . PHE B 2 185 ? -15.158 -10.579 -17.337 1.00 20.00 ? 185 PHE 1 CA 1 
ATOM 429  C CA . ILE B 2 186 ? -14.442 -7.354  -19.241 1.00 20.00 ? 186 ILE 1 CA 1 
ATOM 430  C CA . SER B 2 187 ? -10.936 -6.515  -17.812 1.00 20.00 ? 187 SER 1 CA 1 
ATOM 431  C CA . ILE B 2 188 ? -7.518  -6.418  -19.557 1.00 20.00 ? 188 ILE 1 CA 1 
ATOM 432  C CA . GLY B 2 189 ? -5.871  -7.875  -16.488 1.00 20.00 ? 189 GLY 1 CA 1 
ATOM 433  C CA . ASN B 2 190 ? -6.377  -11.392 -15.072 1.00 20.00 ? 190 ASN 1 CA 1 
ATOM 434  C CA . ALA B 2 191 ? -8.681  -10.136 -12.286 1.00 20.00 ? 191 ALA 1 CA 1 
ATOM 435  C CA . TYR B 2 192 ? -10.483 -6.871  -11.375 1.00 20.00 ? 192 TYR 1 CA 1 
ATOM 436  C CA . SER B 2 193 ? -8.535  -4.864  -8.788  1.00 20.00 ? 193 SER 1 CA 1 
ATOM 437  C CA . ASN B 2 194 ? -10.449 -3.077  -6.046  1.00 20.00 ? 194 ASN 1 CA 1 
ATOM 438  C CA . PHE B 2 195 ? -7.164  -1.546  -4.854  1.00 20.00 ? 195 PHE 1 CA 1 
ATOM 439  C CA . TYR B 2 196 ? -4.066  -0.214  -6.556  1.00 20.00 ? 196 TYR 1 CA 1 
ATOM 440  C CA . ASP B 2 197 ? -1.263  1.135   -4.302  1.00 20.00 ? 197 ASP 1 CA 1 
ATOM 441  C CA . GLY B 2 198 ? 0.431   2.704   -7.277  1.00 20.00 ? 198 GLY 1 CA 1 
ATOM 442  C CA . TRP B 2 199 ? 0.655   5.396   -9.875  1.00 20.00 ? 199 TRP 1 CA 1 
ATOM 443  C CA . SER B 2 200 ? -0.626  6.182   -13.371 1.00 20.00 ? 200 SER 1 CA 1 
ATOM 444  C CA . HIS B 2 201 ? 2.889   7.353   -14.310 1.00 20.00 ? 201 HIS 1 CA 1 
ATOM 445  C CA . PHE B 2 202 ? 6.247   5.568   -14.252 1.00 20.00 ? 202 PHE 1 CA 1 
ATOM 446  C CA . SER B 2 203 ? 7.724   8.620   -12.603 1.00 20.00 ? 203 SER 1 CA 1 
ATOM 447  C CA . GLN B 2 204 ? 5.758   7.856   -9.337  1.00 20.00 ? 204 GLN 1 CA 1 
ATOM 448  C CA . ASN B 2 205 ? 3.065   10.391  -10.276 1.00 20.00 ? 205 ASN 1 CA 1 
ATOM 449  C CA . GLY B 2 206 ? -0.183  11.426  -12.064 1.00 20.00 ? 206 GLY 1 CA 1 
ATOM 450  C CA . VAL B 2 207 ? -3.192  9.562   -10.602 1.00 20.00 ? 207 VAL 1 CA 1 
ATOM 451  C CA . TYR B 2 208 ? -2.767  7.643   -7.345  1.00 20.00 ? 208 TYR 1 CA 1 
ATOM 452  C CA . GLY B 2 209 ? -4.857  4.571   -6.645  1.00 20.00 ? 209 GLY 1 CA 1 
ATOM 453  C CA . TYR B 2 210 ? -7.526  2.245   -8.002  1.00 20.00 ? 210 TYR 1 CA 1 
ATOM 454  C CA . ASN B 2 211 ? -8.937  4.785   -10.487 1.00 20.00 ? 211 ASN 1 CA 1 
ATOM 455  C CA . ALA B 2 212 ? -5.965  4.099   -12.769 1.00 20.00 ? 212 ALA 1 CA 1 
ATOM 456  C CA . LEU B 2 213 ? -6.997  0.498   -13.363 1.00 20.00 ? 213 LEU 1 CA 1 
ATOM 457  C CA . ASN B 2 214 ? -10.761 0.578   -13.409 1.00 20.00 ? 214 ASN 1 CA 1 
ATOM 458  C CA . ASN B 2 215 ? -11.507 2.123   -16.825 1.00 20.00 ? 215 ASN 1 CA 1 
ATOM 459  C CA . MET B 2 216 ? -14.881 0.570   -17.658 1.00 20.00 ? 216 MET 1 CA 1 
ATOM 460  C CA . GLY B 2 217 ? -16.405 2.986   -20.207 1.00 20.00 ? 217 GLY 1 CA 1 
ATOM 461  C CA . LYS B 2 218 ? -19.887 4.540   -19.886 1.00 20.00 ? 218 LYS 1 CA 1 
ATOM 462  C CA . LEU B 2 219 ? -23.646 4.278   -20.166 1.00 20.00 ? 219 LEU 1 CA 1 
ATOM 463  C CA . TYR B 2 220 ? -25.598 6.887   -22.146 1.00 20.00 ? 220 TYR 1 CA 1 
ATOM 464  C CA . ALA B 2 221 ? -29.313 7.328   -21.524 1.00 20.00 ? 221 ALA 1 CA 1 
ATOM 465  C CA . ARG B 2 222 ? -32.116 8.940   -23.531 1.00 20.00 ? 222 ARG 1 CA 1 
ATOM 466  C CA . HIS B 2 223 ? -35.822 8.872   -24.392 1.00 20.00 ? 223 HIS 1 CA 1 
ATOM 467  C CA . VAL B 2 224 ? -36.530 7.606   -27.940 1.00 20.00 ? 224 VAL 1 CA 1 
ATOM 468  C CA . ASN B 2 225 ? -39.926 9.416   -28.010 1.00 20.00 ? 225 ASN 1 CA 1 
ATOM 469  C CA . LYS B 2 226 ? -40.335 12.925  -29.443 1.00 20.00 ? 226 LYS 1 CA 1 
ATOM 470  C CA . ASP B 2 227 ? -41.409 15.372  -26.656 1.00 20.00 ? 227 ASP 1 CA 1 
ATOM 471  C CA . THR B 2 228 ? -45.011 15.632  -25.543 1.00 20.00 ? 228 THR 1 CA 1 
ATOM 472  C CA . PRO B 2 229 ? -46.332 19.251  -24.851 1.00 20.00 ? 229 PRO 1 CA 1 
ATOM 473  C CA . TYR B 2 230 ? -45.555 18.922  -21.112 1.00 20.00 ? 230 TYR 1 CA 1 
ATOM 474  C CA . GLN B 2 231 ? -42.174 17.484  -20.043 1.00 20.00 ? 231 GLN 1 CA 1 
ATOM 475  C CA . MET B 2 232 ? -41.783 14.034  -18.457 1.00 20.00 ? 232 MET 1 CA 1 
ATOM 476  C CA . SER B 2 233 ? -38.773 13.146  -16.311 1.00 20.00 ? 233 SER 1 CA 1 
ATOM 477  C CA . SER B 2 234 ? -37.181 9.718   -16.221 1.00 20.00 ? 234 SER 1 CA 1 
ATOM 478  C CA . THR B 2 235 ? -34.721 8.240   -13.774 1.00 20.00 ? 235 THR 1 CA 1 
ATOM 479  C CA . ILE B 2 236 ? -32.757 5.082   -14.416 1.00 20.00 ? 236 ILE 1 CA 1 
ATOM 480  C CA . ARG B 2 237 ? -31.477 2.856   -11.615 1.00 20.00 ? 237 ARG 1 CA 1 
ATOM 481  C CA . VAL B 2 238 ? -28.585 0.647   -12.586 1.00 20.00 ? 238 VAL 1 CA 1 
ATOM 482  C CA . TYR B 2 239 ? -28.387 -2.625  -10.681 1.00 20.00 ? 239 TYR 1 CA 1 
ATOM 483  C CA . PHE B 2 240 ? -25.342 -4.908  -10.471 1.00 20.00 ? 240 PHE 1 CA 1 
ATOM 484  C CA . LYS B 2 241 ? -25.059 -8.586  -9.548  1.00 20.00 ? 241 LYS 1 CA 1 
ATOM 485  C CA . PRO B 2 242 ? -21.612 -10.234 -9.464  1.00 20.00 ? 242 PRO 1 CA 1 
ATOM 486  C CA . LYS B 2 243 ? -22.180 -13.793 -10.646 1.00 20.00 ? 243 LYS 1 CA 1 
ATOM 487  C CA . HIS B 2 244 ? -19.658 -16.631 -11.392 1.00 20.00 ? 244 HIS 1 CA 1 
ATOM 488  C CA . ILE B 2 245 ? -17.350 -15.037 -8.784  1.00 20.00 ? 245 ILE 1 CA 1 
ATOM 489  C CA . ARG B 2 246 ? -13.772 -15.746 -7.719  1.00 20.00 ? 246 ARG 1 CA 1 
ATOM 490  C CA . VAL B 2 247 ? -11.993 -13.740 -4.983  1.00 20.00 ? 247 VAL 1 CA 1 
ATOM 491  C CA . TRP B 2 248 ? -8.421  -13.173 -3.849  1.00 20.00 ? 248 TRP 1 CA 1 
ATOM 492  C CA . VAL B 2 249 ? -6.649  -11.693 -0.818  1.00 20.00 ? 249 VAL 1 CA 1 
ATOM 493  C CA . PRO B 2 250 ? -9.200  -10.922 1.941   1.00 20.00 ? 250 PRO 1 CA 1 
ATOM 494  C CA . ARG B 2 251 ? -9.031  -7.481  3.532   1.00 20.00 ? 251 ARG 1 CA 1 
ATOM 495  C CA . PRO B 2 252 ? -10.436 -5.876  6.742   1.00 20.00 ? 252 PRO 1 CA 1 
ATOM 496  C CA . PRO B 2 253 ? -13.861 -4.314  5.971   1.00 20.00 ? 253 PRO 1 CA 1 
ATOM 497  C CA . ARG B 2 254 ? -14.038 -0.507  5.672   1.00 20.00 ? 254 ARG 1 CA 1 
ATOM 498  C CA . LEU B 2 255 ? -14.228 1.075   9.159   1.00 20.00 ? 255 LEU 1 CA 1 
ATOM 499  C CA . SER B 2 256 ? -14.233 4.734   8.191   1.00 20.00 ? 256 SER 1 CA 1 
ATOM 500  C CA . PRO B 2 257 ? -17.023 6.279   6.044   1.00 20.00 ? 257 PRO 1 CA 1 
ATOM 501  C CA . TYR B 2 258 ? -16.348 6.669   2.317   1.00 20.00 ? 258 TYR 1 CA 1 
ATOM 502  C CA . ILE B 2 259 ? -15.688 10.199  1.058   1.00 20.00 ? 259 ILE 1 CA 1 
ATOM 503  C CA . LYS B 2 260 ? -14.744 10.159  -2.640  1.00 20.00 ? 260 LYS 1 CA 1 
ATOM 504  C CA . SER B 2 261 ? -15.854 7.830   -5.476  1.00 20.00 ? 261 SER 1 CA 1 
ATOM 505  C CA . SER B 2 262 ? -12.504 8.685   -7.075  1.00 20.00 ? 262 SER 1 CA 1 
ATOM 506  C CA . ASN B 2 263 ? -10.069 7.723   -4.266  1.00 20.00 ? 263 ASN 1 CA 1 
ATOM 507  C CA . VAL B 2 264 ? -9.664  5.632   -1.081  1.00 20.00 ? 264 VAL 1 CA 1 
ATOM 508  C CA . ASN B 2 265 ? -9.791  8.655   1.302   1.00 20.00 ? 265 ASN 1 CA 1 
ATOM 509  C CA . PHE B 2 266 ? -11.082 8.638   4.803   1.00 20.00 ? 266 PHE 1 CA 1 
ATOM 510  C CA . ASN B 2 267 ? -10.925 10.673  7.989   1.00 20.00 ? 267 ASN 1 CA 1 
ATOM 511  C CA . PRO B 2 268 ? -9.872  8.703   11.105  1.00 20.00 ? 268 PRO 1 CA 1 
ATOM 512  C CA . THR B 2 269 ? -12.598 7.030   13.130  1.00 20.00 ? 269 THR 1 CA 1 
ATOM 513  C CA . ASN B 2 270 ? -12.551 5.040   16.462  1.00 20.00 ? 270 ASN 1 CA 1 
ATOM 514  C CA . LEU B 2 271 ? -11.699 1.342   16.362  1.00 20.00 ? 271 LEU 1 CA 1 
ATOM 515  C CA . THR B 2 272 ? -14.998 0.304   17.979  1.00 20.00 ? 272 THR 1 CA 1 
ATOM 516  C CA . ASP B 2 273 ? -17.893 1.739   20.068  1.00 20.00 ? 273 ASP 1 CA 1 
ATOM 517  C CA . GLU B 2 274 ? -17.068 2.873   23.664  1.00 20.00 ? 274 GLU 1 CA 1 
ATOM 518  C CA . ARG B 2 275 ? -18.415 1.094   26.775  1.00 20.00 ? 275 ARG 1 CA 1 
ATOM 519  C CA . SER B 2 276 ? -19.288 2.025   30.389  1.00 20.00 ? 276 SER 1 CA 1 
ATOM 520  C CA . SER B 2 277 ? -16.544 -0.084  31.924  1.00 20.00 ? 277 SER 1 CA 1 
ATOM 521  C CA . ILE B 2 278 ? -14.044 -2.860  31.054  1.00 20.00 ? 278 ILE 1 CA 1 
ATOM 522  C CA . GLY C 3 1   ? 18.978  -31.945 18.580  1.00 20.00 ? 8   GLY 2 CA 1 
ATOM 523  C CA . TYR C 3 2   ? 17.320  -29.144 16.470  1.00 20.00 ? 9   TYR 2 CA 1 
ATOM 524  C CA . SER C 3 3   ? 15.449  -26.645 18.788  1.00 20.00 ? 10  SER 2 CA 1 
ATOM 525  C CA . ASP C 3 4   ? 12.659  -25.083 16.600  1.00 20.00 ? 11  ASP 2 CA 1 
ATOM 526  C CA . ARG C 3 5   ? 13.608  -21.681 18.053  1.00 20.00 ? 12  ARG 2 CA 1 
ATOM 527  C CA . VAL C 3 6   ? 16.851  -21.666 16.077  1.00 20.00 ? 13  VAL 2 CA 1 
ATOM 528  C CA . ARG C 3 7   ? 16.928  -20.827 12.376  1.00 20.00 ? 14  ARG 2 CA 1 
ATOM 529  C CA . SER C 3 8   ? 19.402  -20.197 9.597   1.00 20.00 ? 15  SER 2 CA 1 
ATOM 530  C CA . LEU C 3 9   ? 18.374  -18.665 6.255   1.00 20.00 ? 16  LEU 2 CA 1 
ATOM 531  C CA . THR C 3 10  ? 20.787  -18.512 3.313   1.00 20.00 ? 17  THR 2 CA 1 
ATOM 532  C CA . LEU C 3 11  ? 20.130  -16.763 0.067   1.00 20.00 ? 18  LEU 2 CA 1 
ATOM 533  C CA . GLY C 3 12  ? 22.878  -15.720 -2.357  1.00 20.00 ? 19  GLY 2 CA 1 
ATOM 534  C CA . ASN C 3 13  ? 26.033  -14.576 -0.463  1.00 20.00 ? 20  ASN 2 CA 1 
ATOM 535  C CA . SER C 3 14  ? 23.840  -13.996 2.609   1.00 20.00 ? 21  SER 2 CA 1 
ATOM 536  C CA . THR C 3 15  ? 23.018  -15.886 5.800   1.00 20.00 ? 22  THR 2 CA 1 
ATOM 537  C CA . ILE C 3 16  ? 20.808  -14.627 8.616   1.00 20.00 ? 23  ILE 2 CA 1 
ATOM 538  C CA . THR C 3 17  ? 20.813  -16.437 11.935  1.00 20.00 ? 24  THR 2 CA 1 
ATOM 539  C CA . THR C 3 18  ? 18.263  -16.303 14.729  1.00 20.00 ? 25  THR 2 CA 1 
ATOM 540  C CA . GLN C 3 19  ? 18.141  -18.157 18.005  1.00 20.00 ? 26  GLN 2 CA 1 
ATOM 541  C CA . GLU C 3 20  ? 14.619  -17.063 18.978  1.00 20.00 ? 27  GLU 2 CA 1 
ATOM 542  C CA . SER C 3 21  ? 12.221  -17.321 16.063  1.00 20.00 ? 28  SER 2 CA 1 
ATOM 543  C CA . ALA C 3 22  ? 8.553   -18.293 16.022  1.00 20.00 ? 29  ALA 2 CA 1 
ATOM 544  C CA . ASN C 3 23  ? 8.321   -20.404 12.837  1.00 20.00 ? 30  ASN 2 CA 1 
ATOM 545  C CA . VAL C 3 24  ? 8.125   -18.648 9.425   1.00 20.00 ? 31  VAL 2 CA 1 
ATOM 546  C CA . VAL C 3 25  ? 5.012   -17.505 7.570   1.00 20.00 ? 32  VAL 2 CA 1 
ATOM 547  C CA . VAL C 3 26  ? 4.779   -18.447 3.891   1.00 20.00 ? 33  VAL 2 CA 1 
ATOM 548  C CA . GLY C 3 27  ? 2.400   -15.852 2.473   1.00 20.00 ? 34  GLY 2 CA 1 
ATOM 549  C CA . TYR C 3 28  ? -0.986  -17.372 1.660   1.00 20.00 ? 35  TYR 2 CA 1 
ATOM 550  C CA . GLY C 3 29  ? 0.529   -20.852 1.729   1.00 20.00 ? 36  GLY 2 CA 1 
ATOM 551  C CA . ARG C 3 30  ? 2.606   -20.210 -1.399  1.00 20.00 ? 37  ARG 2 CA 1 
ATOM 552  C CA . TRP C 3 31  ? 6.376   -20.364 -1.780  1.00 20.00 ? 38  TRP 2 CA 1 
ATOM 553  C CA . PRO C 3 32  ? 7.785   -18.027 -4.494  1.00 20.00 ? 39  PRO 2 CA 1 
ATOM 554  C CA . GLU C 3 33  ? 8.531   -19.331 -7.964  1.00 20.00 ? 40  GLU 2 CA 1 
ATOM 555  C CA . TYR C 3 34  ? 9.142   -18.165 -11.550 1.00 20.00 ? 41  TYR 2 CA 1 
ATOM 556  C CA . LEU C 3 35  ? 6.512   -17.089 -14.113 1.00 20.00 ? 42  LEU 2 CA 1 
ATOM 557  C CA . ARG C 3 36  ? 5.388   -20.048 -16.142 1.00 20.00 ? 43  ARG 2 CA 1 
ATOM 558  C CA . ASP C 3 37  ? 4.903   -20.391 -19.899 1.00 20.00 ? 44  ASP 2 CA 1 
ATOM 559  C CA . ASP C 3 38  ? 1.106   -20.656 -19.420 1.00 20.00 ? 45  ASP 2 CA 1 
ATOM 560  C CA . GLU C 3 39  ? 0.749   -17.506 -17.361 1.00 20.00 ? 46  GLU 2 CA 1 
ATOM 561  C CA . ALA C 3 40  ? 3.205   -15.414 -19.335 1.00 20.00 ? 47  ALA 2 CA 1 
ATOM 562  C CA . THR C 3 41  ? 2.409   -12.529 -21.705 1.00 20.00 ? 48  THR 2 CA 1 
ATOM 563  C CA . ALA C 3 42  ? 5.587   -10.549 -22.397 1.00 20.00 ? 49  ALA 2 CA 1 
ATOM 564  C CA . GLU C 3 43  ? 7.139   -12.495 -25.272 1.00 20.00 ? 50  GLU 2 CA 1 
ATOM 565  C CA . ASP C 3 44  ? 10.780  -11.535 -24.726 1.00 20.00 ? 51  ASP 2 CA 1 
ATOM 566  C CA . GLN C 3 45  ? 13.319  -13.756 -22.845 1.00 20.00 ? 52  GLN 2 CA 1 
ATOM 567  C CA . PRO C 3 46  ? 13.449  -12.834 -19.134 1.00 20.00 ? 53  PRO 2 CA 1 
ATOM 568  C CA . THR C 3 47  ? 16.711  -12.034 -17.436 1.00 20.00 ? 54  THR 2 CA 1 
ATOM 569  C CA . GLN C 3 48  ? 17.006  -13.920 -14.177 1.00 20.00 ? 55  GLN 2 CA 1 
ATOM 570  C CA . PRO C 3 49  ? 20.078  -12.659 -12.236 1.00 20.00 ? 56  PRO 2 CA 1 
ATOM 571  C CA . ASP C 3 50  ? 19.623  -15.286 -9.472  1.00 20.00 ? 57  ASP 2 CA 1 
ATOM 572  C CA . VAL C 3 51  ? 22.254  -14.800 -6.662  1.00 20.00 ? 58  VAL 2 CA 1 
ATOM 573  C CA . ALA C 3 52  ? 23.077  -11.230 -7.779  1.00 20.00 ? 59  ALA 2 CA 1 
ATOM 574  C CA . THR C 3 53  ? 19.545  -10.026 -7.205  1.00 20.00 ? 60  THR 2 CA 1 
ATOM 575  C CA . CYS C 3 54  ? 18.118  -12.638 -4.871  1.00 20.00 ? 61  CYS 2 CA 1 
ATOM 576  C CA . ARG C 3 55  ? 20.087  -11.918 -1.687  1.00 20.00 ? 62  ARG 2 CA 1 
ATOM 577  C CA . PHE C 3 56  ? 19.698  -10.229 1.761   1.00 20.00 ? 63  PHE 2 CA 1 
ATOM 578  C CA . TYR C 3 57  ? 19.385  -6.457  1.634   1.00 20.00 ? 64  TYR 2 CA 1 
ATOM 579  C CA . THR C 3 58  ? 19.410  -4.745  5.070   1.00 20.00 ? 65  THR 2 CA 1 
ATOM 580  C CA . LEU C 3 59  ? 17.378  -1.510  4.825   1.00 20.00 ? 66  LEU 2 CA 1 
ATOM 581  C CA . GLU C 3 60  ? 17.861  1.553   7.112   1.00 20.00 ? 67  GLU 2 CA 1 
ATOM 582  C CA . SER C 3 61  ? 16.866  0.376   10.606  1.00 20.00 ? 68  SER 2 CA 1 
ATOM 583  C CA . VAL C 3 62  ? 14.565  2.325   12.831  1.00 20.00 ? 69  VAL 2 CA 1 
ATOM 584  C CA . GLN C 3 63  ? 14.570  2.912   16.639  1.00 20.00 ? 70  GLN 2 CA 1 
ATOM 585  C CA . TRP C 3 64  ? 11.696  1.480   18.739  1.00 20.00 ? 71  TRP 2 CA 1 
ATOM 586  C CA . GLU C 3 65  ? 10.671  3.835   21.530  1.00 20.00 ? 72  GLU 2 CA 1 
ATOM 587  C CA . LYS C 3 66  ? 7.941   3.602   24.223  1.00 20.00 ? 73  LYS 2 CA 1 
ATOM 588  C CA . ASN C 3 67  ? 5.625   6.098   22.524  1.00 20.00 ? 74  ASN 2 CA 1 
ATOM 589  C CA . SER C 3 68  ? 6.667   5.430   18.869  1.00 20.00 ? 75  SER 2 CA 1 
ATOM 590  C CA . ALA C 3 69  ? 3.449   4.803   16.817  1.00 20.00 ? 76  ALA 2 CA 1 
ATOM 591  C CA . GLY C 3 70  ? 4.698   2.622   13.929  1.00 20.00 ? 77  GLY 2 CA 1 
ATOM 592  C CA . TRP C 3 71  ? 6.460   2.220   10.575  1.00 20.00 ? 78  TRP 2 CA 1 
ATOM 593  C CA . TRP C 3 72  ? 5.913   1.211   6.939   1.00 20.00 ? 79  TRP 2 CA 1 
ATOM 594  C CA . TRP C 3 73  ? 8.047   0.374   3.935   1.00 20.00 ? 80  TRP 2 CA 1 
ATOM 595  C CA . LYS C 3 74  ? 6.931   -0.150  0.316   1.00 20.00 ? 81  LYS 2 CA 1 
ATOM 596  C CA . PHE C 3 75  ? 7.955   -3.002  -1.996  1.00 20.00 ? 82  PHE 2 CA 1 
ATOM 597  C CA . PRO C 3 76  ? 9.581   -3.340  -4.497  1.00 20.00 ? 83  PRO 2 CA 1 
ATOM 598  C CA . GLU C 3 77  ? 10.283  0.429   -4.197  1.00 20.00 ? 84  GLU 2 CA 1 
ATOM 599  C CA . ALA C 3 78  ? 12.264  0.162   -0.882  1.00 20.00 ? 85  ALA 2 CA 1 
ATOM 600  C CA . LEU C 3 79  ? 14.756  -1.913  -2.815  1.00 20.00 ? 86  LEU 2 CA 1 
ATOM 601  C CA . LYS C 3 80  ? 15.099  0.640   -5.707  1.00 20.00 ? 87  LYS 2 CA 1 
ATOM 602  C CA . ASP C 3 81  ? 18.618  1.358   -4.448  1.00 20.00 ? 88  ASP 2 CA 1 
ATOM 603  C CA . MET C 3 82  ? 19.639  -2.067  -3.210  1.00 20.00 ? 89  MET 2 CA 1 
ATOM 604  C CA . GLY C 3 83  ? 22.502  -3.242  -5.378  1.00 20.00 ? 90  GLY 2 CA 1 
ATOM 605  C CA . LEU C 3 84  ? 21.856  -5.119  -8.616  1.00 20.00 ? 91  LEU 2 CA 1 
ATOM 606  C CA . PHE C 3 85  ? 18.168  -5.684  -7.773  1.00 20.00 ? 92  PHE 2 CA 1 
ATOM 607  C CA . GLY C 3 86  ? 17.786  -1.881  -7.968  1.00 20.00 ? 93  GLY 2 CA 1 
ATOM 608  C CA . GLN C 3 87  ? 19.728  -1.750  -11.290 1.00 20.00 ? 94  GLN 2 CA 1 
ATOM 609  C CA . ASN C 3 88  ? 17.607  -4.475  -12.867 1.00 20.00 ? 95  ASN 2 CA 1 
ATOM 610  C CA . MET C 3 89  ? 14.497  -2.708  -11.659 1.00 20.00 ? 96  MET 2 CA 1 
ATOM 611  C CA . LEU C 3 90  ? 15.897  0.513   -13.182 1.00 20.00 ? 97  LEU 2 CA 1 
ATOM 612  C CA . TYR C 3 91  ? 16.694  -0.913  -16.662 1.00 20.00 ? 98  TYR 2 CA 1 
ATOM 613  C CA . HIS C 3 92  ? 13.493  -2.952  -17.137 1.00 20.00 ? 99  HIS 2 CA 1 
ATOM 614  C CA . TYR C 3 93  ? 9.892   -1.953  -17.880 1.00 20.00 ? 100 TYR 2 CA 1 
ATOM 615  C CA . LEU C 3 94  ? 8.636   -5.134  -16.195 1.00 20.00 ? 101 LEU 2 CA 1 
ATOM 616  C CA . GLY C 3 95  ? 9.770   -7.044  -13.161 1.00 20.00 ? 102 GLY 2 CA 1 
ATOM 617  C CA . ARG C 3 96  ? 8.519   -9.922  -11.016 1.00 20.00 ? 103 ARG 2 CA 1 
ATOM 618  C CA . ALA C 3 97  ? 9.649   -11.346 -7.648  1.00 20.00 ? 104 ALA 2 CA 1 
ATOM 619  C CA . GLY C 3 98  ? 8.661   -12.842 -4.310  1.00 20.00 ? 105 GLY 2 CA 1 
ATOM 620  C CA . TYR C 3 99  ? 10.534  -11.936 -1.035  1.00 20.00 ? 106 TYR 2 CA 1 
ATOM 621  C CA . THR C 3 100 ? 11.919  -13.292 2.254   1.00 20.00 ? 107 THR 2 CA 1 
ATOM 622  C CA . ILE C 3 101 ? 11.204  -10.533 4.762   1.00 20.00 ? 108 ILE 2 CA 1 
ATOM 623  C CA . HIS C 3 102 ? 13.200  -10.688 7.983   1.00 20.00 ? 109 HIS 2 CA 1 
ATOM 624  C CA . VAL C 3 103 ? 12.490  -8.213  10.749  1.00 20.00 ? 110 VAL 2 CA 1 
ATOM 625  C CA . GLN C 3 104 ? 14.982  -8.114  13.621  1.00 20.00 ? 111 GLN 2 CA 1 
ATOM 626  C CA . CYS C 3 105 ? 14.475  -6.768  17.167  1.00 20.00 ? 112 CYS 2 CA 1 
ATOM 627  C CA . ASN C 3 106 ? 16.284  -7.901  20.338  1.00 20.00 ? 113 ASN 2 CA 1 
ATOM 628  C CA . ALA C 3 107 ? 15.914  -6.576  23.923  1.00 20.00 ? 114 ALA 2 CA 1 
ATOM 629  C CA . SER C 3 108 ? 16.097  -8.670  27.231  1.00 20.00 ? 115 SER 2 CA 1 
ATOM 630  C CA . LYS C 3 109 ? 14.062  -10.768 29.706  1.00 20.00 ? 116 LYS 2 CA 1 
ATOM 631  C CA . PHE C 3 110 ? 13.554  -7.506  31.640  1.00 20.00 ? 117 PHE 2 CA 1 
ATOM 632  C CA . HIS C 3 111 ? 12.254  -5.532  28.652  1.00 20.00 ? 118 HIS 2 CA 1 
ATOM 633  C CA . GLN C 3 112 ? 8.634   -5.738  27.444  1.00 20.00 ? 119 GLN 2 CA 1 
ATOM 634  C CA . GLY C 3 113 ? 6.702   -4.749  24.312  1.00 20.00 ? 120 GLY 2 CA 1 
ATOM 635  C CA . CYS C 3 114 ? 5.000   -6.215  21.242  1.00 20.00 ? 121 CYS 2 CA 1 
ATOM 636  C CA . LEU C 3 115 ? 4.997   -5.298  17.563  1.00 20.00 ? 122 LEU 2 CA 1 
ATOM 637  C CA . LEU C 3 116 ? 2.850   -6.495  14.682  1.00 20.00 ? 123 LEU 2 CA 1 
ATOM 638  C CA . VAL C 3 117 ? 4.938   -7.333  11.618  1.00 20.00 ? 124 VAL 2 CA 1 
ATOM 639  C CA . VAL C 3 118 ? 2.699   -7.533  8.505   1.00 20.00 ? 125 VAL 2 CA 1 
ATOM 640  C CA . CYS C 3 119 ? 2.894   -7.723  4.705   1.00 20.00 ? 126 CYS 2 CA 1 
ATOM 641  C CA . VAL C 3 120 ? -0.184  -5.990  3.299   1.00 20.00 ? 127 VAL 2 CA 1 
ATOM 642  C CA . PRO C 3 121 ? -0.786  -6.526  -0.508  1.00 20.00 ? 128 PRO 2 CA 1 
ATOM 643  C CA . GLU C 3 122 ? -2.096  -3.426  -2.380  1.00 20.00 ? 129 GLU 2 CA 1 
ATOM 644  C CA . ALA C 3 123 ? -2.159  -1.204  0.772   1.00 20.00 ? 130 ALA 2 CA 1 
ATOM 645  C CA . GLU C 3 124 ? -3.555  1.835   -1.011  1.00 20.00 ? 131 GLU 2 CA 1 
ATOM 646  C CA . MET C 3 125 ? -3.344  4.653   1.475   1.00 20.00 ? 132 MET 2 CA 1 
ATOM 647  C CA . GLY C 3 126 ? -5.656  7.594   2.013   1.00 20.00 ? 133 GLY 2 CA 1 
ATOM 648  C CA . CYS C 3 127 ? -4.823  11.320  1.799   1.00 20.00 ? 134 CYS 2 CA 1 
ATOM 649  C CA . SER C 3 128 ? -4.862  13.081  5.217   1.00 20.00 ? 135 SER 2 CA 1 
ATOM 650  C CA . GLN C 3 129 ? -6.607  15.998  3.575   1.00 20.00 ? 136 GLN 2 CA 1 
ATOM 651  C CA . THR C 3 130 ? -9.701  14.003  2.412   1.00 20.00 ? 137 THR 2 CA 1 
ATOM 652  C CA . ASP C 3 131 ? -10.491 16.740  -0.102  1.00 20.00 ? 138 ASP 2 CA 1 
ATOM 653  C CA . LYS C 3 132 ? -7.032  16.474  -1.801  1.00 20.00 ? 139 LYS 2 CA 1 
ATOM 654  C CA . GLU C 3 133 ? -4.771  13.783  -3.236  1.00 20.00 ? 140 GLU 2 CA 1 
ATOM 655  C CA . VAL C 3 134 ? -1.655  12.186  -1.714  1.00 20.00 ? 141 VAL 2 CA 1 
ATOM 656  C CA . ALA C 3 135 ? 1.806   12.148  -3.441  1.00 20.00 ? 142 ALA 2 CA 1 
ATOM 657  C CA . ALA C 3 136 ? 4.880   9.735   -3.787  1.00 20.00 ? 143 ALA 2 CA 1 
ATOM 658  C CA . MET C 3 137 ? 7.279   11.503  -1.313  1.00 20.00 ? 144 MET 2 CA 1 
ATOM 659  C CA . ASN C 3 138 ? 4.570   11.154  1.412   1.00 20.00 ? 145 ASN 2 CA 1 
ATOM 660  C CA . LEU C 3 139 ? 3.899   7.518   0.379   1.00 20.00 ? 146 LEU 2 CA 1 
ATOM 661  C CA . THR C 3 140 ? 7.475   6.137   0.338   1.00 20.00 ? 147 THR 2 CA 1 
ATOM 662  C CA . LYS C 3 141 ? 11.032  7.167   1.330   1.00 20.00 ? 148 LYS 2 CA 1 
ATOM 663  C CA . GLY C 3 142 ? 12.442  4.131   -0.506  1.00 20.00 ? 149 GLY 2 CA 1 
ATOM 664  C CA . GLU C 3 143 ? 14.558  2.225   2.013   1.00 20.00 ? 150 GLU 2 CA 1 
ATOM 665  C CA . ALA C 3 144 ? 13.764  4.636   4.852   1.00 20.00 ? 151 ALA 2 CA 1 
ATOM 666  C CA . ALA C 3 145 ? 10.870  3.953   7.186   1.00 20.00 ? 152 ALA 2 CA 1 
ATOM 667  C CA . HIS C 3 146 ? 7.781   6.047   6.685   1.00 20.00 ? 153 HIS 2 CA 1 
ATOM 668  C CA . LYS C 3 147 ? 6.262   6.622   10.146  1.00 20.00 ? 154 LYS 2 CA 1 
ATOM 669  C CA . PHE C 3 148 ? 2.689   6.144   11.305  1.00 20.00 ? 155 PHE 2 CA 1 
ATOM 670  C CA . GLU C 3 149 ? 1.192   9.095   13.230  1.00 20.00 ? 156 GLU 2 CA 1 
ATOM 671  C CA . PRO C 3 150 ? -0.554  9.320   16.589  1.00 20.00 ? 157 PRO 2 CA 1 
ATOM 672  C CA . THR C 3 151 ? -1.581  12.777  15.406  1.00 20.00 ? 158 THR 2 CA 1 
ATOM 673  C CA . LYS C 3 152 ? -4.701  13.050  13.151  1.00 20.00 ? 159 LYS 2 CA 1 
ATOM 674  C CA . THR C 3 153 ? -3.151  15.575  10.595  1.00 20.00 ? 160 THR 2 CA 1 
ATOM 675  C CA . THR C 3 154 ? -0.183  16.178  8.200   1.00 20.00 ? 161 THR 2 CA 1 
ATOM 676  C CA . GLY C 3 155 ? 1.591   18.450  5.645   1.00 20.00 ? 162 GLY 2 CA 1 
ATOM 677  C CA . GLU C 3 156 ? 0.294   19.010  2.005   1.00 20.00 ? 163 GLU 2 CA 1 
ATOM 678  C CA . HIS C 3 157 ? -0.505  15.626  0.323   1.00 20.00 ? 164 HIS 2 CA 1 
ATOM 679  C CA . THR C 3 158 ? 0.690   13.558  3.259   1.00 20.00 ? 165 THR 2 CA 1 
ATOM 680  C CA . VAL C 3 159 ? -1.021  10.214  3.944   1.00 20.00 ? 166 VAL 2 CA 1 
ATOM 681  C CA . GLN C 3 160 ? -3.487  9.989   6.896   1.00 20.00 ? 167 GLN 2 CA 1 
ATOM 682  C CA . SER C 3 161 ? -1.050  7.818   8.923   1.00 20.00 ? 168 SER 2 CA 1 
ATOM 683  C CA . ILE C 3 162 ? -3.220  7.690   12.123  1.00 20.00 ? 169 ILE 2 CA 1 
ATOM 684  C CA . VAL C 3 163 ? -2.220  4.278   13.474  1.00 20.00 ? 170 VAL 2 CA 1 
ATOM 685  C CA . CYS C 3 164 ? -5.562  2.832   14.658  1.00 20.00 ? 171 CYS 2 CA 1 
ATOM 686  C CA . ASN C 3 165 ? -6.879  3.098   11.062  1.00 20.00 ? 172 ASN 2 CA 1 
ATOM 687  C CA . ALA C 3 166 ? -3.615  1.796   9.497   1.00 20.00 ? 173 ALA 2 CA 1 
ATOM 688  C CA . GLY C 3 167 ? -3.385  4.646   6.928   1.00 20.00 ? 174 GLY 2 CA 1 
ATOM 689  C CA . MET C 3 168 ? -6.249  3.056   4.969   1.00 20.00 ? 175 MET 2 CA 1 
ATOM 690  C CA . GLY C 3 169 ? -9.712  3.515   6.606   1.00 20.00 ? 176 GLY 2 CA 1 
ATOM 691  C CA . VAL C 3 170 ? -9.885  0.142   8.409   1.00 20.00 ? 177 VAL 2 CA 1 
ATOM 692  C CA . GLY C 3 171 ? -9.443  -1.288  11.929  1.00 20.00 ? 178 GLY 2 CA 1 
ATOM 693  C CA . VAL C 3 172 ? -5.668  -1.858  12.580  1.00 20.00 ? 179 VAL 2 CA 1 
ATOM 694  C CA . GLY C 3 173 ? -6.641  -4.833  14.816  1.00 20.00 ? 180 GLY 2 CA 1 
ATOM 695  C CA . ASN C 3 174 ? -7.927  -6.597  11.702  1.00 20.00 ? 181 ASN 2 CA 1 
ATOM 696  C CA . LEU C 3 175 ? -4.600  -6.264  9.753   1.00 20.00 ? 182 LEU 2 CA 1 
ATOM 697  C CA . THR C 3 176 ? -3.924  -9.800  10.920  1.00 20.00 ? 183 THR 2 CA 1 
ATOM 698  C CA . ILE C 3 177 ? -5.861  -11.144 7.854   1.00 20.00 ? 184 ILE 2 CA 1 
ATOM 699  C CA . TYR C 3 178 ? -2.700  -10.362 5.818   1.00 20.00 ? 185 TYR 2 CA 1 
ATOM 700  C CA . PRO C 3 179 ? 0.519   -12.518 6.114   1.00 20.00 ? 186 PRO 2 CA 1 
ATOM 701  C CA . HIS C 3 180 ? 1.904   -11.588 9.512   1.00 20.00 ? 187 HIS 2 CA 1 
ATOM 702  C CA . GLN C 3 181 ? 3.931   -12.361 12.614  1.00 20.00 ? 188 GLN 2 CA 1 
ATOM 703  C CA . TRP C 3 182 ? 4.490   -10.608 15.967  1.00 20.00 ? 189 TRP 2 CA 1 
ATOM 704  C CA . ILE C 3 183 ? 7.745   -9.796  17.756  1.00 20.00 ? 190 ILE 2 CA 1 
ATOM 705  C CA . ASN C 3 184 ? 6.705   -9.969  21.350  1.00 20.00 ? 191 ASN 2 CA 1 
ATOM 706  C CA . LEU C 3 185 ? 9.936   -9.250  23.259  1.00 20.00 ? 192 LEU 2 CA 1 
ATOM 707  C CA . ARG C 3 186 ? 9.134   -11.950 25.824  1.00 20.00 ? 193 ARG 2 CA 1 
ATOM 708  C CA . THR C 3 187 ? 8.874   -14.618 23.137  1.00 20.00 ? 194 THR 2 CA 1 
ATOM 709  C CA . ASN C 3 188 ? 11.077  -13.866 20.137  1.00 20.00 ? 195 ASN 2 CA 1 
ATOM 710  C CA . ASN C 3 189 ? 13.806  -11.646 18.631  1.00 20.00 ? 196 ASN 2 CA 1 
ATOM 711  C CA . CYS C 3 190 ? 12.746  -11.835 15.016  1.00 20.00 ? 197 CYS 2 CA 1 
ATOM 712  C CA . ALA C 3 191 ? 9.994   -12.256 12.452  1.00 20.00 ? 198 ALA 2 CA 1 
ATOM 713  C CA . THR C 3 192 ? 10.144  -13.936 9.019   1.00 20.00 ? 199 THR 2 CA 1 
ATOM 714  C CA . ILE C 3 193 ? 7.523   -13.694 6.282   1.00 20.00 ? 200 ILE 2 CA 1 
ATOM 715  C CA . VAL C 3 194 ? 8.095   -15.324 2.860   1.00 20.00 ? 201 VAL 2 CA 1 
ATOM 716  C CA . MET C 3 195 ? 5.828   -13.323 0.534   1.00 20.00 ? 202 MET 2 CA 1 
ATOM 717  C CA . PRO C 3 196 ? 4.810   -14.722 -2.926  1.00 20.00 ? 203 PRO 2 CA 1 
ATOM 718  C CA . TYR C 3 197 ? 4.187   -12.454 -5.924  1.00 20.00 ? 204 TYR 2 CA 1 
ATOM 719  C CA . VAL C 3 198 ? 0.601   -11.399 -5.155  1.00 20.00 ? 205 VAL 2 CA 1 
ATOM 720  C CA . ASN C 3 199 ? -0.902  -9.378  -8.004  1.00 20.00 ? 206 ASN 2 CA 1 
ATOM 721  C CA . SER C 3 200 ? -3.701  -9.354  -10.642 1.00 20.00 ? 207 SER 2 CA 1 
ATOM 722  C CA . VAL C 3 201 ? -1.289  -9.477  -13.577 1.00 20.00 ? 208 VAL 2 CA 1 
ATOM 723  C CA . PRO C 3 202 ? 1.817   -11.694 -14.338 1.00 20.00 ? 209 PRO 2 CA 1 
ATOM 724  C CA . MET C 3 203 ? 4.497   -8.999  -14.236 1.00 20.00 ? 210 MET 2 CA 1 
ATOM 725  C CA . ASP C 3 204 ? 4.306   -5.273  -13.455 1.00 20.00 ? 211 ASP 2 CA 1 
ATOM 726  C CA . ASN C 3 205 ? 6.448   -2.119  -13.471 1.00 20.00 ? 212 ASN 2 CA 1 
ATOM 727  C CA . MET C 3 206 ? 8.786   -1.996  -10.465 1.00 20.00 ? 213 MET 2 CA 1 
ATOM 728  C CA . PHE C 3 207 ? 8.354   1.745   -9.821  1.00 20.00 ? 214 PHE 2 CA 1 
ATOM 729  C CA . ARG C 3 208 ? 4.688   2.566   -10.588 1.00 20.00 ? 215 ARG 2 CA 1 
ATOM 730  C CA . HIS C 3 209 ? 3.278   -0.229  -8.497  1.00 20.00 ? 216 HIS 2 CA 1 
ATOM 731  C CA . TYR C 3 210 ? 3.918   -0.738  -4.812  1.00 20.00 ? 217 TYR 2 CA 1 
ATOM 732  C CA . ASN C 3 211 ? 2.816   -4.397  -4.748  1.00 20.00 ? 218 ASN 2 CA 1 
ATOM 733  C CA . PHE C 3 212 ? 2.722   -4.560  -0.971  1.00 20.00 ? 219 PHE 2 CA 1 
ATOM 734  C CA . THR C 3 213 ? 3.553   -2.626  2.151   1.00 20.00 ? 220 THR 2 CA 1 
ATOM 735  C CA . LEU C 3 214 ? 5.471   -3.823  5.185   1.00 20.00 ? 221 LEU 2 CA 1 
ATOM 736  C CA . MET C 3 215 ? 3.813   -2.413  8.311   1.00 20.00 ? 222 MET 2 CA 1 
ATOM 737  C CA . VAL C 3 216 ? 5.454   -2.684  11.741  1.00 20.00 ? 223 VAL 2 CA 1 
ATOM 738  C CA . ILE C 3 217 ? 2.977   -1.497  14.375  1.00 20.00 ? 224 ILE 2 CA 1 
ATOM 739  C CA . PRO C 3 218 ? 3.558   -1.629  18.196  1.00 20.00 ? 225 PRO 2 CA 1 
ATOM 740  C CA . PHE C 3 219 ? 0.328   -2.987  19.764  1.00 20.00 ? 226 PHE 2 CA 1 
ATOM 741  C CA . ALA C 3 220 ? 1.895   -3.194  23.223  1.00 20.00 ? 227 ALA 2 CA 1 
ATOM 742  C CA . PRO C 3 221 ? 4.283   -0.216  23.845  1.00 20.00 ? 228 PRO 2 CA 1 
ATOM 743  C CA . LEU C 3 222 ? 8.000   -0.703  24.396  1.00 20.00 ? 229 LEU 2 CA 1 
ATOM 744  C CA . ASP C 3 223 ? 8.849   -0.631  28.088  1.00 20.00 ? 230 ASP 2 CA 1 
ATOM 745  C CA . TYR C 3 224 ? 11.571  -1.329  30.611  1.00 20.00 ? 231 TYR 2 CA 1 
ATOM 746  C CA . ALA C 3 225 ? 12.596  0.220   33.921  1.00 20.00 ? 232 ALA 2 CA 1 
ATOM 747  C CA . ALA C 3 226 ? 15.276  1.912   36.064  1.00 20.00 ? 233 ALA 2 CA 1 
ATOM 748  C CA . GLN C 3 227 ? 18.472  2.129   34.053  1.00 20.00 ? 234 GLN 2 CA 1 
ATOM 749  C CA . ALA C 3 228 ? 17.987  -0.911  31.776  1.00 20.00 ? 235 ALA 2 CA 1 
ATOM 750  C CA . SER C 3 229 ? 19.177  -0.028  28.186  1.00 20.00 ? 236 SER 2 CA 1 
ATOM 751  C CA . GLU C 3 230 ? 17.191  2.631   26.432  1.00 20.00 ? 237 GLU 2 CA 1 
ATOM 752  C CA . TYR C 3 231 ? 18.158  2.065   22.821  1.00 20.00 ? 238 TYR 2 CA 1 
ATOM 753  C CA . VAL C 3 232 ? 16.389  -0.836  21.146  1.00 20.00 ? 239 VAL 2 CA 1 
ATOM 754  C CA . PRO C 3 233 ? 16.249  -0.767  17.307  1.00 20.00 ? 240 PRO 2 CA 1 
ATOM 755  C CA . VAL C 3 234 ? 14.157  -2.685  14.787  1.00 20.00 ? 241 VAL 2 CA 1 
ATOM 756  C CA . THR C 3 235 ? 16.082  -3.772  11.665  1.00 20.00 ? 242 THR 2 CA 1 
ATOM 757  C CA . VAL C 3 236 ? 14.428  -4.935  8.452   1.00 20.00 ? 243 VAL 2 CA 1 
ATOM 758  C CA . THR C 3 237 ? 16.443  -7.116  6.119   1.00 20.00 ? 244 THR 2 CA 1 
ATOM 759  C CA . ILE C 3 238 ? 14.786  -8.423  2.955   1.00 20.00 ? 245 ILE 2 CA 1 
ATOM 760  C CA . ALA C 3 239 ? 15.775  -10.832 0.186   1.00 20.00 ? 246 ALA 2 CA 1 
ATOM 761  C CA . PRO C 3 240 ? 14.180  -10.980 -3.309  1.00 20.00 ? 247 PRO 2 CA 1 
ATOM 762  C CA . MET C 3 241 ? 13.264  -14.499 -4.457  1.00 20.00 ? 248 MET 2 CA 1 
ATOM 763  C CA . CYS C 3 242 ? 12.662  -15.861 -7.991  1.00 20.00 ? 249 CYS 2 CA 1 
ATOM 764  C CA . ALA C 3 243 ? 13.289  -12.485 -9.530  1.00 20.00 ? 250 ALA 2 CA 1 
ATOM 765  C CA . GLU C 3 244 ? 12.926  -12.069 -13.253 1.00 20.00 ? 251 GLU 2 CA 1 
ATOM 766  C CA . TYR C 3 245 ? 12.761  -9.107  -15.580 1.00 20.00 ? 252 TYR 2 CA 1 
ATOM 767  C CA . ASN C 3 246 ? 11.270  -8.342  -18.985 1.00 20.00 ? 253 ASN 2 CA 1 
ATOM 768  C CA . GLY C 3 247 ? 11.440  -5.404  -21.419 1.00 20.00 ? 254 GLY 2 CA 1 
ATOM 769  C CA . LEU C 3 248 ? 14.941  -3.920  -21.405 1.00 20.00 ? 255 LEU 2 CA 1 
ATOM 770  C CA . ARG C 3 249 ? 15.892  -0.469  -22.536 1.00 20.00 ? 256 ARG 2 CA 1 
ATOM 771  C CA . LEU C 3 250 ? 17.705  2.596   -21.064 1.00 20.00 ? 257 LEU 2 CA 1 
ATOM 772  C CA . ALA C 3 251 ? 18.037  3.815   -17.424 1.00 20.00 ? 258 ALA 2 CA 1 
ATOM 773  C CA . TYR C 3 252 ? 14.422  4.341   -16.290 1.00 20.00 ? 259 TYR 2 CA 1 
ATOM 774  C CA . GLN C 3 253 ? 12.220  6.904   -14.536 1.00 20.00 ? 260 GLN 2 CA 1 
ATOM 775  C CA . GLN C 3 254 ? 11.026  9.252   -17.326 1.00 20.00 ? 261 GLN 2 CA 1 
ATOM 776  C CA . GLY D 4 1   ? -48.147 -20.735 -31.191 1.00 20.00 ? 1   GLY 3 CA 1 
ATOM 777  C CA . PHE D 4 2   ? -47.729 -22.760 -27.965 1.00 20.00 ? 2   PHE 3 CA 1 
ATOM 778  C CA . PRO D 4 3   ? -50.526 -22.144 -25.424 1.00 20.00 ? 3   PRO 3 CA 1 
ATOM 779  C CA . VAL D 4 4   ? -48.931 -20.581 -22.340 1.00 20.00 ? 4   VAL 3 CA 1 
ATOM 780  C CA . LEU D 4 5   ? -50.366 -18.953 -19.165 1.00 20.00 ? 5   LEU 3 CA 1 
ATOM 781  C CA . ASN D 4 6   ? -48.625 -16.548 -16.778 1.00 20.00 ? 6   ASN 3 CA 1 
ATOM 782  C CA . THR D 4 7   ? -48.397 -17.081 -13.048 1.00 20.00 ? 7   THR 3 CA 1 
ATOM 783  C CA . PRO D 4 8   ? -48.128 -14.322 -10.452 1.00 20.00 ? 8   PRO 3 CA 1 
ATOM 784  C CA . GLY D 4 9   ? -44.559 -13.076 -10.386 1.00 20.00 ? 9   GLY 3 CA 1 
ATOM 785  C CA . SER D 4 10  ? -44.316 -12.158 -14.066 1.00 20.00 ? 10  SER 3 CA 1 
ATOM 786  C CA . ASN D 4 11  ? -42.287 -9.049  -14.985 1.00 20.00 ? 11  ASN 3 CA 1 
ATOM 787  C CA . GLN D 4 12  ? -41.165 -8.654  -11.364 1.00 20.00 ? 12  GLN 3 CA 1 
ATOM 788  C CA . PHE D 4 13  ? -37.570 -7.812  -10.436 1.00 20.00 ? 13  PHE 3 CA 1 
ATOM 789  C CA . MET D 4 14  ? -36.496 -9.716  -7.314  1.00 20.00 ? 14  MET 3 CA 1 
ATOM 790  C CA . THR D 4 15  ? -33.140 -8.418  -6.042  1.00 20.00 ? 15  THR 3 CA 1 
ATOM 791  C CA . SER D 4 16  ? -32.055 -11.954 -5.155  1.00 20.00 ? 16  SER 3 CA 1 
ATOM 792  C CA . ASP D 4 17  ? -33.322 -13.809 -8.255  1.00 20.00 ? 17  ASP 3 CA 1 
ATOM 793  C CA . ASP D 4 18  ? -31.102 -16.183 -10.219 1.00 20.00 ? 18  ASP 3 CA 1 
ATOM 794  C CA . PHE D 4 19  ? -31.902 -16.080 -13.961 1.00 20.00 ? 19  PHE 3 CA 1 
ATOM 795  C CA . GLN D 4 20  ? -30.165 -16.129 -17.364 1.00 20.00 ? 20  GLN 3 CA 1 
ATOM 796  C CA . SER D 4 21  ? -29.808 -12.835 -19.216 1.00 20.00 ? 21  SER 3 CA 1 
ATOM 797  C CA . PRO D 4 22  ? -28.567 -12.284 -22.775 1.00 20.00 ? 22  PRO 3 CA 1 
ATOM 798  C CA . SER D 4 23  ? -24.912 -11.214 -22.994 1.00 20.00 ? 23  SER 3 CA 1 
ATOM 799  C CA . ALA D 4 24  ? -24.478 -7.679  -24.285 1.00 20.00 ? 24  ALA 3 CA 1 
ATOM 800  C CA . MET D 4 25  ? -20.985 -8.603  -25.567 1.00 20.00 ? 25  MET 3 CA 1 
ATOM 801  C CA . PRO D 4 26  ? -21.148 -11.789 -27.740 1.00 20.00 ? 26  PRO 3 CA 1 
ATOM 802  C CA . GLN D 4 27  ? -18.146 -14.066 -28.388 1.00 20.00 ? 27  GLN 3 CA 1 
ATOM 803  C CA . PHE D 4 28  ? -16.127 -11.741 -26.155 1.00 20.00 ? 28  PHE 3 CA 1 
ATOM 804  C CA . ASP D 4 29  ? -12.770 -13.304 -25.212 1.00 20.00 ? 29  ASP 3 CA 1 
ATOM 805  C CA . VAL D 4 30  ? -12.124 -12.893 -21.483 1.00 20.00 ? 30  VAL 3 CA 1 
ATOM 806  C CA . THR D 4 31  ? -8.468  -12.245 -20.418 1.00 20.00 ? 31  THR 3 CA 1 
ATOM 807  C CA . PRO D 4 32  ? -7.201  -15.637 -19.205 1.00 20.00 ? 32  PRO 3 CA 1 
ATOM 808  C CA . HIS D 4 33  ? -7.103  -16.383 -15.487 1.00 20.00 ? 33  HIS 3 CA 1 
ATOM 809  C CA . MET D 4 34  ? -4.009  -16.196 -13.347 1.00 20.00 ? 34  MET 3 CA 1 
ATOM 810  C CA . ASP D 4 35  ? -3.305  -17.942 -10.070 1.00 20.00 ? 35  ASP 3 CA 1 
ATOM 811  C CA . ILE D 4 36  ? -3.238  -15.089 -7.540  1.00 20.00 ? 36  ILE 3 CA 1 
ATOM 812  C CA . PRO D 4 37  ? -2.329  -16.009 -3.909  1.00 20.00 ? 37  PRO 3 CA 1 
ATOM 813  C CA . GLY D 4 38  ? -4.841  -16.361 -1.103  1.00 20.00 ? 38  GLY 3 CA 1 
ATOM 814  C CA . GLU D 4 39  ? -8.195  -16.966 -2.748  1.00 20.00 ? 39  GLU 3 CA 1 
ATOM 815  C CA . VAL D 4 40  ? -11.270 -16.782 -0.527  1.00 20.00 ? 40  VAL 3 CA 1 
ATOM 816  C CA . HIS D 4 41  ? -13.961 -19.380 -1.182  1.00 20.00 ? 41  HIS 3 CA 1 
ATOM 817  C CA . ASN D 4 42  ? -16.264 -18.867 1.813   1.00 20.00 ? 42  ASN 3 CA 1 
ATOM 818  C CA . LEU D 4 43  ? -16.553 -15.914 4.224   1.00 20.00 ? 43  LEU 3 CA 1 
ATOM 819  C CA . MET D 4 44  ? -15.905 -18.263 7.128   1.00 20.00 ? 44  MET 3 CA 1 
ATOM 820  C CA . GLU D 4 45  ? -12.302 -18.688 6.007   1.00 20.00 ? 45  GLU 3 CA 1 
ATOM 821  C CA . ILE D 4 46  ? -11.952 -15.034 7.097   1.00 20.00 ? 46  ILE 3 CA 1 
ATOM 822  C CA . ALA D 4 47  ? -13.944 -15.391 10.334  1.00 20.00 ? 47  ALA 3 CA 1 
ATOM 823  C CA . GLU D 4 48  ? -11.642 -18.231 11.373  1.00 20.00 ? 48  GLU 3 CA 1 
ATOM 824  C CA . VAL D 4 49  ? -8.721  -15.797 11.463  1.00 20.00 ? 49  VAL 3 CA 1 
ATOM 825  C CA . ASP D 4 50  ? -7.682  -14.158 14.750  1.00 20.00 ? 50  ASP 3 CA 1 
ATOM 826  C CA . SER D 4 51  ? -8.118  -10.364 14.853  1.00 20.00 ? 51  SER 3 CA 1 
ATOM 827  C CA . VAL D 4 52  ? -7.181  -8.186  17.853  1.00 20.00 ? 52  VAL 3 CA 1 
ATOM 828  C CA . VAL D 4 53  ? -10.211 -7.356  20.055  1.00 20.00 ? 53  VAL 3 CA 1 
ATOM 829  C CA . PRO D 4 54  ? -10.576 -3.789  21.453  1.00 20.00 ? 54  PRO 3 CA 1 
ATOM 830  C CA . VAL D 4 55  ? -11.447 -4.848  25.034  1.00 20.00 ? 55  VAL 3 CA 1 
ATOM 831  C CA . ASN D 4 56  ? -10.554 -1.481  26.572  1.00 20.00 ? 56  ASN 3 CA 1 
ATOM 832  C CA . ASN D 4 57  ? -13.261 0.418   24.597  1.00 20.00 ? 57  ASN 3 CA 1 
ATOM 833  C CA . ILE D 4 58  ? -13.544 2.683   27.564  1.00 20.00 ? 58  ILE 3 CA 1 
ATOM 834  C CA . LYS D 4 59  ? -13.562 6.370   26.754  1.00 20.00 ? 59  LYS 3 CA 1 
ATOM 835  C CA . VAL D 4 60  ? -11.175 7.812   24.233  1.00 20.00 ? 60  VAL 3 CA 1 
ATOM 836  C CA . ASN D 4 61  ? -8.981  4.736   24.123  1.00 20.00 ? 61  ASN 3 CA 1 
ATOM 837  C CA . LEU D 4 62  ? -11.268 3.684   21.324  1.00 20.00 ? 62  LEU 3 CA 1 
ATOM 838  C CA . GLN D 4 63  ? -9.523  6.413   19.292  1.00 20.00 ? 63  GLN 3 CA 1 
ATOM 839  C CA . SER D 4 64  ? -6.188  4.725   19.933  1.00 20.00 ? 64  SER 3 CA 1 
ATOM 840  C CA . MET D 4 65  ? -4.145  1.521   20.127  1.00 20.00 ? 65  MET 3 CA 1 
ATOM 841  C CA . ASP D 4 66  ? -5.153  1.475   23.785  1.00 20.00 ? 66  ASP 3 CA 1 
ATOM 842  C CA . ALA D 4 67  ? -8.511  0.030   22.887  1.00 20.00 ? 67  ALA 3 CA 1 
ATOM 843  C CA . TYR D 4 68  ? -6.411  -3.081  22.168  1.00 20.00 ? 68  TYR 3 CA 1 
ATOM 844  C CA . HIS D 4 69  ? -4.519  -3.318  25.457  1.00 20.00 ? 69  HIS 3 CA 1 
ATOM 845  C CA . ILE D 4 70  ? -5.833  -5.146  28.507  1.00 20.00 ? 70  ILE 3 CA 1 
ATOM 846  C CA . GLU D 4 71  ? -4.050  -3.697  31.593  1.00 20.00 ? 71  GLU 3 CA 1 
ATOM 847  C CA . VAL D 4 72  ? -2.641  -6.245  33.987  1.00 20.00 ? 72  VAL 3 CA 1 
ATOM 848  C CA . ASN D 4 73  ? -0.873  -5.176  37.163  1.00 20.00 ? 73  ASN 3 CA 1 
ATOM 849  C CA . THR D 4 74  ? 0.801   -6.525  40.308  1.00 20.00 ? 74  THR 3 CA 1 
ATOM 850  C CA . GLY D 4 75  ? -1.765  -6.270  43.129  1.00 20.00 ? 75  GLY 3 CA 1 
ATOM 851  C CA . ASN D 4 76  ? -2.044  -6.740  46.871  1.00 20.00 ? 76  ASN 3 CA 1 
ATOM 852  C CA . HIS D 4 77  ? -4.595  -9.509  46.404  1.00 20.00 ? 77  HIS 3 CA 1 
ATOM 853  C CA . GLN D 4 78  ? -6.065  -11.921 43.866  1.00 20.00 ? 78  GLN 3 CA 1 
ATOM 854  C CA . GLY D 4 79  ? -9.645  -12.574 42.755  1.00 20.00 ? 79  GLY 3 CA 1 
ATOM 855  C CA . GLU D 4 80  ? -9.851  -9.128  41.209  1.00 20.00 ? 80  GLU 3 CA 1 
ATOM 856  C CA . LYS D 4 81  ? -11.555 -8.818  37.816  1.00 20.00 ? 81  LYS 3 CA 1 
ATOM 857  C CA . ILE D 4 82  ? -9.360  -8.075  34.804  1.00 20.00 ? 82  ILE 3 CA 1 
ATOM 858  C CA . PHE D 4 83  ? -12.185 -7.592  32.253  1.00 20.00 ? 83  PHE 3 CA 1 
ATOM 859  C CA . ALA D 4 84  ? -15.710 -8.566  31.312  1.00 20.00 ? 84  ALA 3 CA 1 
ATOM 860  C CA . PHE D 4 85  ? -17.803 -8.501  28.164  1.00 20.00 ? 85  PHE 3 CA 1 
ATOM 861  C CA . GLN D 4 86  ? -20.885 -10.477 27.075  1.00 20.00 ? 86  GLN 3 CA 1 
ATOM 862  C CA . MET D 4 87  ? -21.049 -13.162 24.435  1.00 20.00 ? 87  MET 3 CA 1 
ATOM 863  C CA . GLN D 4 88  ? -22.470 -11.068 21.559  1.00 20.00 ? 88  GLN 3 CA 1 
ATOM 864  C CA . PRO D 4 89  ? -19.981 -11.390 18.646  1.00 20.00 ? 89  PRO 3 CA 1 
ATOM 865  C CA . GLY D 4 90  ? -21.973 -9.186  16.295  1.00 20.00 ? 90  GLY 3 CA 1 
ATOM 866  C CA . LEU D 4 91  ? -23.533 -6.816  18.823  1.00 20.00 ? 91  LEU 3 CA 1 
ATOM 867  C CA . GLU D 4 92  ? -21.177 -5.940  21.724  1.00 20.00 ? 92  GLU 3 CA 1 
ATOM 868  C CA . SER D 4 93  ? -19.034 -2.888  21.022  1.00 20.00 ? 93  SER 3 CA 1 
ATOM 869  C CA . VAL D 4 94  ? -16.065 -5.161  21.757  1.00 20.00 ? 94  VAL 3 CA 1 
ATOM 870  C CA . PHE D 4 95  ? -16.757 -7.768  19.041  1.00 20.00 ? 95  PHE 3 CA 1 
ATOM 871  C CA . LYS D 4 96  ? -18.870 -5.724  16.635  1.00 20.00 ? 96  LYS 3 CA 1 
ATOM 872  C CA . ARG D 4 97  ? -15.864 -4.309  14.796  1.00 20.00 ? 97  ARG 3 CA 1 
ATOM 873  C CA . THR D 4 98  ? -13.689 -7.465  14.794  1.00 20.00 ? 98  THR 3 CA 1 
ATOM 874  C CA . LEU D 4 99  ? -13.067 -9.550  11.620  1.00 20.00 ? 99  LEU 3 CA 1 
ATOM 875  C CA . MET D 4 100 ? -15.707 -11.934 13.058  1.00 20.00 ? 100 MET 3 CA 1 
ATOM 876  C CA . GLY D 4 101 ? -18.095 -9.132  14.058  1.00 20.00 ? 101 GLY 3 CA 1 
ATOM 877  C CA . GLU D 4 102 ? -18.039 -7.366  10.664  1.00 20.00 ? 102 GLU 3 CA 1 
ATOM 878  C CA . ILE D 4 103 ? -18.917 -10.555 8.784   1.00 20.00 ? 103 ILE 3 CA 1 
ATOM 879  C CA . LEU D 4 104 ? -21.543 -11.400 11.387  1.00 20.00 ? 104 LEU 3 CA 1 
ATOM 880  C CA . ASN D 4 105 ? -23.178 -8.014  10.755  1.00 20.00 ? 105 ASN 3 CA 1 
ATOM 881  C CA . TYR D 4 106 ? -24.066 -9.012  7.205   1.00 20.00 ? 106 TYR 3 CA 1 
ATOM 882  C CA . TYR D 4 107 ? -26.011 -12.016 8.522   1.00 20.00 ? 107 TYR 3 CA 1 
ATOM 883  C CA . ALA D 4 108 ? -29.044 -12.347 10.826  1.00 20.00 ? 108 ALA 3 CA 1 
ATOM 884  C CA . HIS D 4 109 ? -28.361 -15.643 12.677  1.00 20.00 ? 109 HIS 3 CA 1 
ATOM 885  C CA . TRP D 4 110 ? -25.116 -17.237 13.890  1.00 20.00 ? 110 TRP 3 CA 1 
ATOM 886  C CA . SER D 4 111 ? -24.107 -20.471 15.584  1.00 20.00 ? 111 SER 3 CA 1 
ATOM 887  C CA . GLY D 4 112 ? -20.850 -21.923 16.781  1.00 20.00 ? 112 GLY 3 CA 1 
ATOM 888  C CA . SER D 4 113 ? -17.916 -21.783 19.136  1.00 20.00 ? 113 SER 3 CA 1 
ATOM 889  C CA . ILE D 4 114 ? -15.381 -18.972 19.462  1.00 20.00 ? 114 ILE 3 CA 1 
ATOM 890  C CA . LYS D 4 115 ? -11.694 -18.931 20.432  1.00 20.00 ? 115 LYS 3 CA 1 
ATOM 891  C CA . LEU D 4 116 ? -10.390 -16.101 22.608  1.00 20.00 ? 116 LEU 3 CA 1 
ATOM 892  C CA . THR D 4 117 ? -6.588  -16.354 22.413  1.00 20.00 ? 117 THR 3 CA 1 
ATOM 893  C CA . PHE D 4 118 ? -4.961  -14.202 25.148  1.00 20.00 ? 118 PHE 3 CA 1 
ATOM 894  C CA . THR D 4 119 ? -1.319  -13.204 24.674  1.00 20.00 ? 119 THR 3 CA 1 
ATOM 895  C CA . PHE D 4 120 ? 0.780   -11.948 27.613  1.00 20.00 ? 120 PHE 3 CA 1 
ATOM 896  C CA . CYS D 4 121 ? 2.881   -8.908  26.626  1.00 20.00 ? 121 CYS 3 CA 1 
ATOM 897  C CA . GLY D 4 122 ? 4.803   -8.311  29.828  1.00 20.00 ? 122 GLY 3 CA 1 
ATOM 898  C CA . SER D 4 123 ? 8.494   -8.721  30.588  1.00 20.00 ? 123 SER 3 CA 1 
ATOM 899  C CA . ALA D 4 124 ? 10.091  -12.120 30.289  1.00 20.00 ? 124 ALA 3 CA 1 
ATOM 900  C CA . MET D 4 125 ? 10.517  -11.989 34.075  1.00 20.00 ? 125 MET 3 CA 1 
ATOM 901  C CA . ALA D 4 126 ? 6.831   -11.535 35.012  1.00 20.00 ? 126 ALA 3 CA 1 
ATOM 902  C CA . THR D 4 127 ? 4.679   -14.481 36.122  1.00 20.00 ? 127 THR 3 CA 1 
ATOM 903  C CA . GLY D 4 128 ? 1.028   -14.950 36.991  1.00 20.00 ? 128 GLY 3 CA 1 
ATOM 904  C CA . LYS D 4 129 ? -2.063  -17.099 36.686  1.00 20.00 ? 129 LYS 3 CA 1 
ATOM 905  C CA . LEU D 4 130 ? -5.474  -15.944 35.452  1.00 20.00 ? 130 LEU 3 CA 1 
ATOM 906  C CA . LEU D 4 131 ? -8.920  -17.545 35.614  1.00 20.00 ? 131 LEU 3 CA 1 
ATOM 907  C CA . LEU D 4 132 ? -10.480 -17.149 32.149  1.00 20.00 ? 132 LEU 3 CA 1 
ATOM 908  C CA . ALA D 4 133 ? -14.188 -18.033 32.479  1.00 20.00 ? 133 ALA 3 CA 1 
ATOM 909  C CA . TYR D 4 134 ? -17.446 -18.182 30.481  1.00 20.00 ? 134 TYR 3 CA 1 
ATOM 910  C CA . SER D 4 135 ? -20.708 -18.303 32.457  1.00 20.00 ? 135 SER 3 CA 1 
ATOM 911  C CA . PRO D 4 136 ? -23.885 -19.073 30.478  1.00 20.00 ? 136 PRO 3 CA 1 
ATOM 912  C CA . PRO D 4 137 ? -26.930 -16.817 31.033  1.00 20.00 ? 137 PRO 3 CA 1 
ATOM 913  C CA . GLY D 4 138 ? -29.564 -17.515 33.648  1.00 20.00 ? 138 GLY 3 CA 1 
ATOM 914  C CA . ALA D 4 139 ? -28.182 -15.844 36.757  1.00 20.00 ? 139 ALA 3 CA 1 
ATOM 915  C CA . ASP D 4 140 ? -26.254 -12.594 36.337  1.00 20.00 ? 140 ASP 3 CA 1 
ATOM 916  C CA . VAL D 4 141 ? -22.581 -12.129 35.522  1.00 20.00 ? 141 VAL 3 CA 1 
ATOM 917  C CA . PRO D 4 142 ? -20.110 -13.548 38.066  1.00 20.00 ? 142 PRO 3 CA 1 
ATOM 918  C CA . ALA D 4 143 ? -19.120 -10.739 40.392  1.00 20.00 ? 143 ALA 3 CA 1 
ATOM 919  C CA . THR D 4 144 ? -16.463 -12.702 42.284  1.00 20.00 ? 144 THR 3 CA 1 
ATOM 920  C CA . ARG D 4 145 ? -13.883 -15.214 41.137  1.00 20.00 ? 145 ARG 3 CA 1 
ATOM 921  C CA . LYS D 4 146 ? -15.822 -17.647 43.323  1.00 20.00 ? 146 LYS 3 CA 1 
ATOM 922  C CA . GLN D 4 147 ? -18.875 -17.222 41.070  1.00 20.00 ? 147 GLN 3 CA 1 
ATOM 923  C CA . ALA D 4 148 ? -16.854 -17.326 37.847  1.00 20.00 ? 148 ALA 3 CA 1 
ATOM 924  C CA . MET D 4 149 ? -15.558 -20.569 39.380  1.00 20.00 ? 149 MET 3 CA 1 
ATOM 925  C CA . LEU D 4 150 ? -18.595 -22.673 38.739  1.00 20.00 ? 150 LEU 3 CA 1 
ATOM 926  C CA . GLY D 4 151 ? -18.638 -21.673 35.090  1.00 20.00 ? 151 GLY 3 CA 1 
ATOM 927  C CA . THR D 4 152 ? -16.656 -23.015 32.146  1.00 20.00 ? 152 THR 3 CA 1 
ATOM 928  C CA . HIS D 4 153 ? -13.157 -21.834 32.949  1.00 20.00 ? 153 HIS 3 CA 1 
ATOM 929  C CA . MET D 4 154 ? -9.492  -22.317 32.045  1.00 20.00 ? 154 MET 3 CA 1 
ATOM 930  C CA . ILE D 4 155 ? -6.727  -21.378 34.519  1.00 20.00 ? 155 ILE 3 CA 1 
ATOM 931  C CA . TRP D 4 156 ? -3.948  -19.726 32.504  1.00 20.00 ? 156 TRP 3 CA 1 
ATOM 932  C CA . ASP D 4 157 ? -0.377  -20.005 33.724  1.00 20.00 ? 157 ASP 3 CA 1 
ATOM 933  C CA . ILE D 4 158 ? 1.854   -17.400 32.090  1.00 20.00 ? 158 ILE 3 CA 1 
ATOM 934  C CA . GLY D 4 159 ? 5.093   -18.962 30.858  1.00 20.00 ? 159 GLY 3 CA 1 
ATOM 935  C CA . LEU D 4 160 ? 7.012   -19.717 27.614  1.00 20.00 ? 160 LEU 3 CA 1 
ATOM 936  C CA . GLN D 4 161 ? 3.715   -20.252 25.767  1.00 20.00 ? 161 GLN 3 CA 1 
ATOM 937  C CA . SER D 4 162 ? 2.783   -16.585 25.925  1.00 20.00 ? 162 SER 3 CA 1 
ATOM 938  C CA . SER D 4 163 ? -0.812  -17.179 24.818  1.00 20.00 ? 163 SER 3 CA 1 
ATOM 939  C CA . CYS D 4 164 ? -3.683  -19.258 26.206  1.00 20.00 ? 164 CYS 3 CA 1 
ATOM 940  C CA . VAL D 4 165 ? -6.924  -20.075 24.369  1.00 20.00 ? 165 VAL 3 CA 1 
ATOM 941  C CA . LEU D 4 166 ? -10.192 -19.868 26.300  1.00 20.00 ? 166 LEU 3 CA 1 
ATOM 942  C CA . CYS D 4 167 ? -12.583 -21.669 23.942  1.00 20.00 ? 167 CYS 3 CA 1 
ATOM 943  C CA . ILE D 4 168 ? -16.262 -20.756 24.393  1.00 20.00 ? 168 ILE 3 CA 1 
ATOM 944  C CA . PRO D 4 169 ? -18.629 -23.641 23.540  1.00 20.00 ? 169 PRO 3 CA 1 
ATOM 945  C CA . TRP D 4 170 ? -22.033 -23.358 21.963  1.00 20.00 ? 170 TRP 3 CA 1 
ATOM 946  C CA . ILE D 4 171 ? -24.386 -23.744 24.882  1.00 20.00 ? 171 ILE 3 CA 1 
ATOM 947  C CA . SER D 4 172 ? -27.754 -22.576 23.604  1.00 20.00 ? 172 SER 3 CA 1 
ATOM 948  C CA . GLN D 4 173 ? -31.374 -23.605 23.847  1.00 20.00 ? 173 GLN 3 CA 1 
ATOM 949  C CA . THR D 4 174 ? -31.697 -22.966 20.085  1.00 20.00 ? 174 THR 3 CA 1 
ATOM 950  C CA . HIS D 4 175 ? -29.678 -24.020 17.044  1.00 20.00 ? 175 HIS 3 CA 1 
ATOM 951  C CA . TYR D 4 176 ? -28.787 -20.466 16.093  1.00 20.00 ? 176 TYR 3 CA 1 
ATOM 952  C CA . ARG D 4 177 ? -28.811 -17.109 17.825  1.00 20.00 ? 177 ARG 3 CA 1 
ATOM 953  C CA . LEU D 4 178 ? -29.610 -13.640 16.576  1.00 20.00 ? 178 LEU 3 CA 1 
ATOM 954  C CA . VAL D 4 179 ? -26.615 -11.540 15.579  1.00 20.00 ? 179 VAL 3 CA 1 
ATOM 955  C CA . GLN D 4 180 ? -28.561 -8.533  16.881  1.00 20.00 ? 180 GLN 3 CA 1 
ATOM 956  C CA . GLN D 4 181 ? -29.501 -8.642  20.561  1.00 20.00 ? 181 GLN 3 CA 1 
ATOM 957  C CA . ASP D 4 182 ? -32.551 -10.484 21.934  1.00 20.00 ? 182 ASP 3 CA 1 
ATOM 958  C CA . GLU D 4 183 ? -32.794 -11.781 25.522  1.00 20.00 ? 183 GLU 3 CA 1 
ATOM 959  C CA . TYR D 4 184 ? -34.476 -14.942 24.296  1.00 20.00 ? 184 TYR 3 CA 1 
ATOM 960  C CA . THR D 4 185 ? -31.295 -15.478 22.334  1.00 20.00 ? 185 THR 3 CA 1 
ATOM 961  C CA . SER D 4 186 ? -29.070 -14.433 25.298  1.00 20.00 ? 186 SER 3 CA 1 
ATOM 962  C CA . ALA D 4 187 ? -25.426 -15.547 25.207  1.00 20.00 ? 187 ALA 3 CA 1 
ATOM 963  C CA . GLY D 4 188 ? -23.523 -15.341 28.488  1.00 20.00 ? 188 GLY 3 CA 1 
ATOM 964  C CA . ASN D 4 189 ? -20.582 -13.529 30.031  1.00 20.00 ? 189 ASN 3 CA 1 
ATOM 965  C CA . VAL D 4 190 ? -16.849 -13.697 29.611  1.00 20.00 ? 190 VAL 3 CA 1 
ATOM 966  C CA . THR D 4 191 ? -14.831 -12.555 32.650  1.00 20.00 ? 191 THR 3 CA 1 
ATOM 967  C CA . CYS D 4 192 ? -11.162 -12.759 33.727  1.00 20.00 ? 192 CYS 3 CA 1 
ATOM 968  C CA . TRP D 4 193 ? -9.831  -12.815 37.291  1.00 20.00 ? 193 TRP 3 CA 1 
ATOM 969  C CA . TYR D 4 194 ? -6.456  -12.941 38.983  1.00 20.00 ? 194 TYR 3 CA 1 
ATOM 970  C CA . GLN D 4 195 ? -5.805  -16.479 40.141  1.00 20.00 ? 195 GLN 3 CA 1 
ATOM 971  C CA . THR D 4 196 ? -2.450  -15.667 41.745  1.00 20.00 ? 196 THR 3 CA 1 
ATOM 972  C CA . GLY D 4 197 ? -1.363  -12.025 41.547  1.00 20.00 ? 197 GLY 3 CA 1 
ATOM 973  C CA . ILE D 4 198 ? 1.381   -10.898 38.978  1.00 20.00 ? 198 ILE 3 CA 1 
ATOM 974  C CA . VAL D 4 199 ? 4.844   -11.463 40.520  1.00 20.00 ? 199 VAL 3 CA 1 
ATOM 975  C CA . VAL D 4 200 ? 7.803   -9.523  39.085  1.00 20.00 ? 200 VAL 3 CA 1 
ATOM 976  C CA . PRO D 4 201 ? 11.489  -9.306  40.192  1.00 20.00 ? 201 PRO 3 CA 1 
ATOM 977  C CA . PRO D 4 202 ? 13.188  -6.079  41.123  1.00 20.00 ? 202 PRO 3 CA 1 
ATOM 978  C CA . GLY D 4 203 ? 13.989  -3.833  38.109  1.00 20.00 ? 203 GLY 3 CA 1 
ATOM 979  C CA . THR D 4 204 ? 11.301  -5.352  35.850  1.00 20.00 ? 204 THR 3 CA 1 
ATOM 980  C CA . PRO D 4 205 ? 8.024   -3.530  35.159  1.00 20.00 ? 205 PRO 3 CA 1 
ATOM 981  C CA . ASN D 4 206 ? 5.043   -4.566  37.357  1.00 20.00 ? 206 ASN 3 CA 1 
ATOM 982  C CA . LYS D 4 207 ? 2.281   -3.398  35.032  1.00 20.00 ? 207 LYS 3 CA 1 
ATOM 983  C CA . CYS D 4 208 ? 1.930   -5.303  31.758  1.00 20.00 ? 208 CYS 3 CA 1 
ATOM 984  C CA . VAL D 4 209 ? -0.583  -5.766  28.980  1.00 20.00 ? 209 VAL 3 CA 1 
ATOM 985  C CA . VAL D 4 210 ? -2.509  -8.630  27.510  1.00 20.00 ? 210 VAL 3 CA 1 
ATOM 986  C CA . LEU D 4 211 ? -4.088  -8.776  24.045  1.00 20.00 ? 211 LEU 3 CA 1 
ATOM 987  C CA . CYS D 4 212 ? -7.182  -10.706 23.062  1.00 20.00 ? 212 CYS 3 CA 1 
ATOM 988  C CA . PHE D 4 213 ? -7.837  -12.292 19.640  1.00 20.00 ? 213 PHE 3 CA 1 
ATOM 989  C CA . ALA D 4 214 ? -11.203 -13.492 18.262  1.00 20.00 ? 214 ALA 3 CA 1 
ATOM 990  C CA . SER D 4 215 ? -11.662 -16.280 15.706  1.00 20.00 ? 215 SER 3 CA 1 
ATOM 991  C CA . ALA D 4 216 ? -14.426 -18.761 14.915  1.00 20.00 ? 216 ALA 3 CA 1 
ATOM 992  C CA . CYS D 4 217 ? -14.250 -22.514 15.459  1.00 20.00 ? 217 CYS 3 CA 1 
ATOM 993  C CA . ASN D 4 218 ? -14.874 -25.267 12.892  1.00 20.00 ? 218 ASN 3 CA 1 
ATOM 994  C CA . ASP D 4 219 ? -18.543 -25.384 13.875  1.00 20.00 ? 219 ASP 3 CA 1 
ATOM 995  C CA . PHE D 4 220 ? -19.259 -21.708 13.372  1.00 20.00 ? 220 PHE 3 CA 1 
ATOM 996  C CA . SER D 4 221 ? -21.789 -20.674 10.700  1.00 20.00 ? 221 SER 3 CA 1 
ATOM 997  C CA . VAL D 4 222 ? -23.848 -17.548 9.903   1.00 20.00 ? 222 VAL 3 CA 1 
ATOM 998  C CA . ARG D 4 223 ? -27.313 -17.401 8.309   1.00 20.00 ? 223 ARG 3 CA 1 
ATOM 999  C CA . MET D 4 224 ? -29.920 -15.089 6.673   1.00 20.00 ? 224 MET 3 CA 1 
ATOM 1000 C CA . LEU D 4 225 ? -28.136 -12.365 4.714   1.00 20.00 ? 225 LEU 3 CA 1 
ATOM 1001 C CA . ARG D 4 226 ? -28.938 -8.660  5.369   1.00 20.00 ? 226 ARG 3 CA 1 
ATOM 1002 C CA . ASP D 4 227 ? -27.126 -5.282  5.141   1.00 20.00 ? 227 ASP 3 CA 1 
ATOM 1003 C CA . THR D 4 228 ? -24.578 -4.084  7.749   1.00 20.00 ? 228 THR 3 CA 1 
ATOM 1004 C CA . PRO D 4 229 ? -25.704 -1.116  9.781   1.00 20.00 ? 229 PRO 3 CA 1 
ATOM 1005 C CA . PHE D 4 230 ? -22.026 0.018   9.696   1.00 20.00 ? 230 PHE 3 CA 1 
ATOM 1006 C CA . ILE D 4 231 ? -21.955 1.781   6.316   1.00 20.00 ? 231 ILE 3 CA 1 
ATOM 1007 C CA . GLY D 4 232 ? -24.124 4.838   5.665   1.00 20.00 ? 232 GLY 3 CA 1 
ATOM 1008 C CA . GLN D 4 233 ? -24.509 7.291   2.797   1.00 20.00 ? 233 GLN 3 CA 1 
ATOM 1009 C CA . THR D 4 234 ? -26.202 10.681  2.259   1.00 20.00 ? 234 THR 3 CA 1 
ATOM 1010 C CA . ALA D 4 235 ? -25.347 11.264  -1.468  1.00 20.00 ? 235 ALA 3 CA 1 
ATOM 1011 C CA . LEU D 4 236 ? -23.504 9.368   -4.195  1.00 20.00 ? 236 LEU 3 CA 1 
ATOM 1012 C CA . LEU D 4 237 ? -19.799 9.873   -3.534  1.00 20.00 ? 237 LEU 3 CA 1 
ATOM 1013 C CA . GLN D 4 238 ? -17.904 11.840  -6.154  1.00 20.00 ? 238 GLN 3 CA 1 
# 
